data_6VCT
# 
_entry.id   6VCT 
# 
_audit_conform.dict_name       mmcif_pdbx.dic 
_audit_conform.dict_version    5.380 
_audit_conform.dict_location   http://mmcif.pdb.org/dictionaries/ascii/mmcif_pdbx.dic 
# 
loop_
_database_2.database_id 
_database_2.database_code 
_database_2.pdbx_database_accession 
_database_2.pdbx_DOI 
PDB   6VCT         pdb_00006vct 10.2210/pdb6vct/pdb 
WWPDB D_1000245424 ?            ?                   
# 
loop_
_pdbx_database_related.db_name 
_pdbx_database_related.details 
_pdbx_database_related.db_id 
_pdbx_database_related.content_type 
BMRB 'Apo NMR assignment'                        27734 unspecified 
BMRB 'Protein bound to FK506 - 879 is an analog' 27737 unspecified 
# 
_pdbx_database_status.status_code                     REL 
_pdbx_database_status.status_code_sf                  REL 
_pdbx_database_status.status_code_mr                  ? 
_pdbx_database_status.entry_id                        6VCT 
_pdbx_database_status.recvd_initial_deposition_date   2019-12-23 
_pdbx_database_status.SG_entry                        N 
_pdbx_database_status.deposit_site                    RCSB 
_pdbx_database_status.process_site                    RCSB 
_pdbx_database_status.status_code_cs                  ? 
_pdbx_database_status.status_code_nmr_data            ? 
_pdbx_database_status.methods_development_category    ? 
_pdbx_database_status.pdb_format_compatible           Y 
# 
loop_
_audit_author.name 
_audit_author.pdbx_ordinal 
_audit_author.identifier_ORCID 
'Gobeil, S.' 1 0000-0002-0057-2477 
'Spicer, L.' 2 0000-0001-5655-0093 
# 
loop_
_citation.abstract 
_citation.abstract_id_CAS 
_citation.book_id_ISBN 
_citation.book_publisher 
_citation.book_publisher_city 
_citation.book_title 
_citation.coordinate_linkage 
_citation.country 
_citation.database_id_Medline 
_citation.details 
_citation.id 
_citation.journal_abbrev 
_citation.journal_id_ASTM 
_citation.journal_id_CSD 
_citation.journal_id_ISSN 
_citation.journal_full 
_citation.journal_issue 
_citation.journal_volume 
_citation.language 
_citation.page_first 
_citation.page_last 
_citation.title 
_citation.year 
_citation.database_id_CSD 
_citation.pdbx_database_id_DOI 
_citation.pdbx_database_id_PubMed 
_citation.unpublished_flag 
? ? ? ? ? ? ? US ? ? primary Mbio    ? ? 2150-7511 ? ? 12 ? e0300021 e0300021 
;Leveraging Fungal and Human Calcineurin-Inhibitor Structures, Biophysical Data, and Dynamics To Design Selective and Nonimmunosuppressive FK506 Analogs.
;
2021 ? 10.1128/mBio.03000-21     34809463 ? 
? ? ? ? ? ? ? US ? ? 1       Biorxiv ? ? 2692-8205 ? ? ?  ? ?        ?        
;Designing Selective and Non-Immunosuppressive Antifungal FK506 Analogs: Structures, Biophysics and Dynamics of Fungal and Human Calcineurin-Inhibitor Complexes
;
2020 ? 10.1101/2020.04.14.039800 ?        ? 
# 
loop_
_citation_author.citation_id 
_citation_author.name 
_citation_author.ordinal 
_citation_author.identifier_ORCID 
primary 'Gobeil, S.M.'    1  ? 
primary 'Bobay, B.G.'     2  ? 
primary 'Juvvadi, P.R.'   3  ? 
primary 'Cole, D.C.'      4  ? 
primary 'Heitman, J.'     5  ? 
primary 'Steinbach, W.J.' 6  ? 
primary 'Venters, R.A.'   7  ? 
primary 'Spicer, L.D.'    8  ? 
1       'Gobeil, S.M.'    9  ? 
1       'Bobay, B.G.'     10 ? 
1       'Juvvadi, P.R.'   11 ? 
1       'Cole, D.C.'      12 ? 
1       'Heitman, J.'     13 ? 
1       'Steinbach, W.J.' 14 ? 
1       'Venters, R.A.'   15 ? 
1       'Spicer, L.D.'    16 ? 
# 
_cell.angle_alpha                  90.000 
_cell.angle_alpha_esd              ? 
_cell.angle_beta                   90.000 
_cell.angle_beta_esd               ? 
_cell.angle_gamma                  90.000 
_cell.angle_gamma_esd              ? 
_cell.entry_id                     6VCT 
_cell.details                      ? 
_cell.formula_units_Z              ? 
_cell.length_a                     58.533 
_cell.length_a_esd                 ? 
_cell.length_b                     75.544 
_cell.length_b_esd                 ? 
_cell.length_c                     46.543 
_cell.length_c_esd                 ? 
_cell.volume                       205804.626 
_cell.volume_esd                   ? 
_cell.Z_PDB                        8 
_cell.reciprocal_angle_alpha       ? 
_cell.reciprocal_angle_beta        ? 
_cell.reciprocal_angle_gamma       ? 
_cell.reciprocal_angle_alpha_esd   ? 
_cell.reciprocal_angle_beta_esd    ? 
_cell.reciprocal_angle_gamma_esd   ? 
_cell.reciprocal_length_a          ? 
_cell.reciprocal_length_b          ? 
_cell.reciprocal_length_c          ? 
_cell.reciprocal_length_a_esd      ? 
_cell.reciprocal_length_b_esd      ? 
_cell.reciprocal_length_c_esd      ? 
_cell.pdbx_unique_axis             ? 
# 
_symmetry.entry_id                         6VCT 
_symmetry.cell_setting                     ? 
_symmetry.Int_Tables_number                20 
_symmetry.space_group_name_Hall            'C 2c 2' 
_symmetry.space_group_name_H-M             'C 2 2 21' 
_symmetry.pdbx_full_space_group_name_H-M   ? 
# 
loop_
_entity.id 
_entity.type 
_entity.src_method 
_entity.pdbx_description 
_entity.formula_weight 
_entity.pdbx_number_of_molecules 
_entity.pdbx_ec 
_entity.pdbx_mutation 
_entity.pdbx_fragment 
_entity.details 
1 polymer     man 'Peptidylprolyl isomerase' 12095.665 1   5.2.1.8 ? ? ? 
2 non-polymer syn 
;N'-[(3S,4R,5S,8R,9E,12S,14S,15R,16S,18R,19R,26aS)-5,19-dihydroxy-3-{(1E)-1-[(1R,3R,4R)-4-hydroxy-3-methoxycyclohexyl]prop-1-en-2-yl}-14,16-dimethoxy-4,10,12,18-tetramethyl-1,20,21-trioxo-8-(prop-2-en-1-yl)-1,3,4,5,6,8,11,12,13,14,15,16,17,18,19,20,21,23,24,25,26,26a-docosahydro-7H-15,19-epoxypyrido[2,1-c][1,4]oxazacyclotricosin-7-ylidene]acetohydrazide
;
860.085   1   ?       ? ? ? 
3 water       nat water 18.015    120 ?       ? ? ? 
# 
_entity_poly.entity_id                      1 
_entity_poly.type                           'polypeptide(L)' 
_entity_poly.nstd_linkage                   no 
_entity_poly.nstd_monomer                   no 
_entity_poly.pdbx_seq_one_letter_code       
;GSHMGVTVERIAPGDGKNFPKKGDKVTIHYVGTLENGDKFDSSRDRGSPFQCTIGVGQVIKGWDEGVTQLSVGEKARLIC
THDYAYGERGYPGLIPPKATLNFEVELIKIN
;
_entity_poly.pdbx_seq_one_letter_code_can   
;GSHMGVTVERIAPGDGKNFPKKGDKVTIHYVGTLENGDKFDSSRDRGSPFQCTIGVGQVIKGWDEGVTQLSVGEKARLIC
THDYAYGERGYPGLIPPKATLNFEVELIKIN
;
_entity_poly.pdbx_strand_id                 A 
_entity_poly.pdbx_target_identifier         ? 
# 
loop_
_entity_poly_seq.entity_id 
_entity_poly_seq.num 
_entity_poly_seq.mon_id 
_entity_poly_seq.hetero 
1 1   GLY n 
1 2   SER n 
1 3   HIS n 
1 4   MET n 
1 5   GLY n 
1 6   VAL n 
1 7   THR n 
1 8   VAL n 
1 9   GLU n 
1 10  ARG n 
1 11  ILE n 
1 12  ALA n 
1 13  PRO n 
1 14  GLY n 
1 15  ASP n 
1 16  GLY n 
1 17  LYS n 
1 18  ASN n 
1 19  PHE n 
1 20  PRO n 
1 21  LYS n 
1 22  LYS n 
1 23  GLY n 
1 24  ASP n 
1 25  LYS n 
1 26  VAL n 
1 27  THR n 
1 28  ILE n 
1 29  HIS n 
1 30  TYR n 
1 31  VAL n 
1 32  GLY n 
1 33  THR n 
1 34  LEU n 
1 35  GLU n 
1 36  ASN n 
1 37  GLY n 
1 38  ASP n 
1 39  LYS n 
1 40  PHE n 
1 41  ASP n 
1 42  SER n 
1 43  SER n 
1 44  ARG n 
1 45  ASP n 
1 46  ARG n 
1 47  GLY n 
1 48  SER n 
1 49  PRO n 
1 50  PHE n 
1 51  GLN n 
1 52  CYS n 
1 53  THR n 
1 54  ILE n 
1 55  GLY n 
1 56  VAL n 
1 57  GLY n 
1 58  GLN n 
1 59  VAL n 
1 60  ILE n 
1 61  LYS n 
1 62  GLY n 
1 63  TRP n 
1 64  ASP n 
1 65  GLU n 
1 66  GLY n 
1 67  VAL n 
1 68  THR n 
1 69  GLN n 
1 70  LEU n 
1 71  SER n 
1 72  VAL n 
1 73  GLY n 
1 74  GLU n 
1 75  LYS n 
1 76  ALA n 
1 77  ARG n 
1 78  LEU n 
1 79  ILE n 
1 80  CYS n 
1 81  THR n 
1 82  HIS n 
1 83  ASP n 
1 84  TYR n 
1 85  ALA n 
1 86  TYR n 
1 87  GLY n 
1 88  GLU n 
1 89  ARG n 
1 90  GLY n 
1 91  TYR n 
1 92  PRO n 
1 93  GLY n 
1 94  LEU n 
1 95  ILE n 
1 96  PRO n 
1 97  PRO n 
1 98  LYS n 
1 99  ALA n 
1 100 THR n 
1 101 LEU n 
1 102 ASN n 
1 103 PHE n 
1 104 GLU n 
1 105 VAL n 
1 106 GLU n 
1 107 LEU n 
1 108 ILE n 
1 109 LYS n 
1 110 ILE n 
1 111 ASN n 
# 
_entity_src_gen.entity_id                          1 
_entity_src_gen.pdbx_src_id                        1 
_entity_src_gen.pdbx_alt_source_flag               sample 
_entity_src_gen.pdbx_seq_type                      'Biological sequence' 
_entity_src_gen.pdbx_beg_seq_num                   1 
_entity_src_gen.pdbx_end_seq_num                   111 
_entity_src_gen.gene_src_common_name               ? 
_entity_src_gen.gene_src_genus                     ? 
_entity_src_gen.pdbx_gene_src_gene                 fkbA 
_entity_src_gen.gene_src_species                   ? 
_entity_src_gen.gene_src_strain                    ? 
_entity_src_gen.gene_src_tissue                    ? 
_entity_src_gen.gene_src_tissue_fraction           ? 
_entity_src_gen.gene_src_details                   ? 
_entity_src_gen.pdbx_gene_src_fragment             ? 
_entity_src_gen.pdbx_gene_src_scientific_name      'Mucor circinelloides' 
_entity_src_gen.pdbx_gene_src_ncbi_taxonomy_id     36080 
_entity_src_gen.pdbx_gene_src_variant              ? 
_entity_src_gen.pdbx_gene_src_cell_line            ? 
_entity_src_gen.pdbx_gene_src_atcc                 ? 
_entity_src_gen.pdbx_gene_src_organ                ? 
_entity_src_gen.pdbx_gene_src_organelle            ? 
_entity_src_gen.pdbx_gene_src_cell                 ? 
_entity_src_gen.pdbx_gene_src_cellular_location    ? 
_entity_src_gen.host_org_common_name               ? 
_entity_src_gen.pdbx_host_org_scientific_name      'Escherichia coli BL21(DE3)' 
_entity_src_gen.pdbx_host_org_ncbi_taxonomy_id     469008 
_entity_src_gen.host_org_genus                     ? 
_entity_src_gen.pdbx_host_org_gene                 ? 
_entity_src_gen.pdbx_host_org_organ                ? 
_entity_src_gen.host_org_species                   ? 
_entity_src_gen.pdbx_host_org_tissue               ? 
_entity_src_gen.pdbx_host_org_tissue_fraction      ? 
_entity_src_gen.pdbx_host_org_strain               ? 
_entity_src_gen.pdbx_host_org_variant              ? 
_entity_src_gen.pdbx_host_org_cell_line            ? 
_entity_src_gen.pdbx_host_org_atcc                 ? 
_entity_src_gen.pdbx_host_org_culture_collection   ? 
_entity_src_gen.pdbx_host_org_cell                 ? 
_entity_src_gen.pdbx_host_org_organelle            ? 
_entity_src_gen.pdbx_host_org_cellular_location    ? 
_entity_src_gen.pdbx_host_org_vector_type          ? 
_entity_src_gen.pdbx_host_org_vector               ? 
_entity_src_gen.host_org_details                   ? 
_entity_src_gen.expression_system_id               ? 
_entity_src_gen.plasmid_name                       ? 
_entity_src_gen.plasmid_details                    ? 
_entity_src_gen.pdbx_description                   ? 
# 
_struct_ref.id                         1 
_struct_ref.db_name                    UNP 
_struct_ref.db_code                    U3N5X4_MUCCI 
_struct_ref.pdbx_db_accession          U3N5X4 
_struct_ref.pdbx_db_isoform            ? 
_struct_ref.entity_id                  1 
_struct_ref.pdbx_seq_one_letter_code   
;MGVTVERIAPGDGKNFPKKGDKVTIHYVGTLENGDKFDSSRDRGSPFQCTIGVGQVIKGWDEGVTQLSVGEKARLICTHD
YAYGERGYPGLIPPKATLNFEVELIKIN
;
_struct_ref.pdbx_align_begin           1 
# 
_struct_ref_seq.align_id                      1 
_struct_ref_seq.ref_id                        1 
_struct_ref_seq.pdbx_PDB_id_code              6VCT 
_struct_ref_seq.pdbx_strand_id                A 
_struct_ref_seq.seq_align_beg                 4 
_struct_ref_seq.pdbx_seq_align_beg_ins_code   ? 
_struct_ref_seq.seq_align_end                 111 
_struct_ref_seq.pdbx_seq_align_end_ins_code   ? 
_struct_ref_seq.pdbx_db_accession             U3N5X4 
_struct_ref_seq.db_align_beg                  1 
_struct_ref_seq.pdbx_db_align_beg_ins_code    ? 
_struct_ref_seq.db_align_end                  108 
_struct_ref_seq.pdbx_db_align_end_ins_code    ? 
_struct_ref_seq.pdbx_auth_seq_align_beg       1 
_struct_ref_seq.pdbx_auth_seq_align_end       108 
# 
loop_
_struct_ref_seq_dif.align_id 
_struct_ref_seq_dif.pdbx_pdb_id_code 
_struct_ref_seq_dif.mon_id 
_struct_ref_seq_dif.pdbx_pdb_strand_id 
_struct_ref_seq_dif.seq_num 
_struct_ref_seq_dif.pdbx_pdb_ins_code 
_struct_ref_seq_dif.pdbx_seq_db_name 
_struct_ref_seq_dif.pdbx_seq_db_accession_code 
_struct_ref_seq_dif.db_mon_id 
_struct_ref_seq_dif.pdbx_seq_db_seq_num 
_struct_ref_seq_dif.details 
_struct_ref_seq_dif.pdbx_auth_seq_num 
_struct_ref_seq_dif.pdbx_ordinal 
1 6VCT GLY A 1 ? UNP U3N5X4 ? ? 'expression tag' -2 1 
1 6VCT SER A 2 ? UNP U3N5X4 ? ? 'expression tag' -1 2 
1 6VCT HIS A 3 ? UNP U3N5X4 ? ? 'expression tag' 0  3 
# 
loop_
_chem_comp.id 
_chem_comp.type 
_chem_comp.mon_nstd_flag 
_chem_comp.name 
_chem_comp.pdbx_synonyms 
_chem_comp.formula 
_chem_comp.formula_weight 
ALA 'L-peptide linking' y ALANINE ?      'C3 H7 N O2'     89.093  
ARG 'L-peptide linking' y ARGININE ?      'C6 H15 N4 O2 1' 175.209 
ASN 'L-peptide linking' y ASPARAGINE ?      'C4 H8 N2 O3'    132.118 
ASP 'L-peptide linking' y 'ASPARTIC ACID' ?      'C4 H7 N O4'     133.103 
CYS 'L-peptide linking' y CYSTEINE ?      'C3 H7 N O2 S'   121.158 
GLN 'L-peptide linking' y GLUTAMINE ?      'C5 H10 N2 O3'   146.144 
GLU 'L-peptide linking' y 'GLUTAMIC ACID' ?      'C5 H9 N O4'     147.129 
GLY 'peptide linking'   y GLYCINE ?      'C2 H5 N O2'     75.067  
HIS 'L-peptide linking' y HISTIDINE ?      'C6 H10 N3 O2 1' 156.162 
HOH non-polymer         . WATER ?      'H2 O'           18.015  
ILE 'L-peptide linking' y ISOLEUCINE ?      'C6 H13 N O2'    131.173 
LEU 'L-peptide linking' y LEUCINE ?      'C6 H13 N O2'    131.173 
LYS 'L-peptide linking' y LYSINE ?      'C6 H15 N2 O2 1' 147.195 
MET 'L-peptide linking' y METHIONINE ?      'C5 H11 N O2 S'  149.211 
PHE 'L-peptide linking' y PHENYLALANINE ?      'C9 H11 N O2'    165.189 
PRO 'L-peptide linking' y PROLINE ?      'C5 H9 N O2'     115.130 
R27 non-polymer         . 
;N'-[(3S,4R,5S,8R,9E,12S,14S,15R,16S,18R,19R,26aS)-5,19-dihydroxy-3-{(1E)-1-[(1R,3R,4R)-4-hydroxy-3-methoxycyclohexyl]prop-1-en-2-yl}-14,16-dimethoxy-4,10,12,18-tetramethyl-1,20,21-trioxo-8-(prop-2-en-1-yl)-1,3,4,5,6,8,11,12,13,14,15,16,17,18,19,20,21,23,24,25,26,26a-docosahydro-7H-15,19-epoxypyrido[2,1-c][1,4]oxazacyclotricosin-7-ylidene]acetohydrazide
;
APX879 'C46 H73 N3 O12' 860.085 
SER 'L-peptide linking' y SERINE ?      'C3 H7 N O3'     105.093 
THR 'L-peptide linking' y THREONINE ?      'C4 H9 N O3'     119.119 
TRP 'L-peptide linking' y TRYPTOPHAN ?      'C11 H12 N2 O2'  204.225 
TYR 'L-peptide linking' y TYROSINE ?      'C9 H11 N O3'    181.189 
VAL 'L-peptide linking' y VALINE ?      'C5 H11 N O2'    117.146 
# 
_exptl.absorpt_coefficient_mu     ? 
_exptl.absorpt_correction_T_max   ? 
_exptl.absorpt_correction_T_min   ? 
_exptl.absorpt_correction_type    ? 
_exptl.absorpt_process_details    ? 
_exptl.entry_id                   6VCT 
_exptl.crystals_number            1 
_exptl.details                    ? 
_exptl.method                     'X-RAY DIFFRACTION' 
_exptl.method_details             ? 
# 
_exptl_crystal.colour                      ? 
_exptl_crystal.density_diffrn              ? 
_exptl_crystal.density_Matthews            2.18 
_exptl_crystal.density_method              ? 
_exptl_crystal.density_percent_sol         43.52 
_exptl_crystal.description                 ? 
_exptl_crystal.F_000                       ? 
_exptl_crystal.id                          1 
_exptl_crystal.preparation                 ? 
_exptl_crystal.size_max                    ? 
_exptl_crystal.size_mid                    ? 
_exptl_crystal.size_min                    ? 
_exptl_crystal.size_rad                    ? 
_exptl_crystal.colour_lustre               ? 
_exptl_crystal.colour_modifier             ? 
_exptl_crystal.colour_primary              ? 
_exptl_crystal.density_meas                ? 
_exptl_crystal.density_meas_esd            ? 
_exptl_crystal.density_meas_gt             ? 
_exptl_crystal.density_meas_lt             ? 
_exptl_crystal.density_meas_temp           ? 
_exptl_crystal.density_meas_temp_esd       ? 
_exptl_crystal.density_meas_temp_gt        ? 
_exptl_crystal.density_meas_temp_lt        ? 
_exptl_crystal.pdbx_crystal_image_url      ? 
_exptl_crystal.pdbx_crystal_image_format   ? 
_exptl_crystal.pdbx_mosaicity              ? 
_exptl_crystal.pdbx_mosaicity_esd          ? 
# 
_exptl_crystal_grow.apparatus       ? 
_exptl_crystal_grow.atmosphere      ? 
_exptl_crystal_grow.crystal_id      1 
_exptl_crystal_grow.details         ? 
_exptl_crystal_grow.method          'VAPOR DIFFUSION, HANGING DROP' 
_exptl_crystal_grow.method_ref      ? 
_exptl_crystal_grow.pH              ? 
_exptl_crystal_grow.pressure        ? 
_exptl_crystal_grow.pressure_esd    ? 
_exptl_crystal_grow.seeding         ? 
_exptl_crystal_grow.seeding_ref     ? 
_exptl_crystal_grow.temp            293 
_exptl_crystal_grow.temp_details    ? 
_exptl_crystal_grow.temp_esd        ? 
_exptl_crystal_grow.time            ? 
_exptl_crystal_grow.pdbx_details    '1600mM Sodium Citrate Tribasic' 
_exptl_crystal_grow.pdbx_pH_range   ? 
# 
_diffrn.ambient_environment              ? 
_diffrn.ambient_temp                     93 
_diffrn.ambient_temp_details             ? 
_diffrn.ambient_temp_esd                 ? 
_diffrn.crystal_id                       1 
_diffrn.crystal_support                  ? 
_diffrn.crystal_treatment                ? 
_diffrn.details                          ? 
_diffrn.id                               1 
_diffrn.ambient_pressure                 ? 
_diffrn.ambient_pressure_esd             ? 
_diffrn.ambient_pressure_gt              ? 
_diffrn.ambient_pressure_lt              ? 
_diffrn.ambient_temp_gt                  ? 
_diffrn.ambient_temp_lt                  ? 
_diffrn.pdbx_serial_crystal_experiment   N 
# 
_diffrn_detector.details                      ? 
_diffrn_detector.detector                     CCD 
_diffrn_detector.diffrn_id                    1 
_diffrn_detector.type                         'RAYONIX MX300-HS' 
_diffrn_detector.area_resol_mean              ? 
_diffrn_detector.dtime                        ? 
_diffrn_detector.pdbx_frames_total            ? 
_diffrn_detector.pdbx_collection_time_total   ? 
_diffrn_detector.pdbx_collection_date         2019-04-21 
_diffrn_detector.pdbx_frequency               ? 
# 
_diffrn_radiation.collimation                      ? 
_diffrn_radiation.diffrn_id                        1 
_diffrn_radiation.filter_edge                      ? 
_diffrn_radiation.inhomogeneity                    ? 
_diffrn_radiation.monochromator                    ? 
_diffrn_radiation.polarisn_norm                    ? 
_diffrn_radiation.polarisn_ratio                   ? 
_diffrn_radiation.probe                            ? 
_diffrn_radiation.type                             ? 
_diffrn_radiation.xray_symbol                      ? 
_diffrn_radiation.wavelength_id                    1 
_diffrn_radiation.pdbx_monochromatic_or_laue_m_l   M 
_diffrn_radiation.pdbx_wavelength_list             ? 
_diffrn_radiation.pdbx_wavelength                  ? 
_diffrn_radiation.pdbx_diffrn_protocol             'SINGLE WAVELENGTH' 
_diffrn_radiation.pdbx_analyzer                    ? 
_diffrn_radiation.pdbx_scattering_type             x-ray 
# 
_diffrn_radiation_wavelength.id           1 
_diffrn_radiation_wavelength.wavelength   1.0 
_diffrn_radiation_wavelength.wt           1.0 
# 
_diffrn_source.current                     ? 
_diffrn_source.details                     ? 
_diffrn_source.diffrn_id                   1 
_diffrn_source.power                       ? 
_diffrn_source.size                        ? 
_diffrn_source.source                      SYNCHROTRON 
_diffrn_source.target                      ? 
_diffrn_source.type                        'APS BEAMLINE 22-BM' 
_diffrn_source.voltage                     ? 
_diffrn_source.take-off_angle              ? 
_diffrn_source.pdbx_wavelength_list        1.0 
_diffrn_source.pdbx_wavelength             ? 
_diffrn_source.pdbx_synchrotron_beamline   22-BM 
_diffrn_source.pdbx_synchrotron_site       APS 
# 
_reflns.B_iso_Wilson_estimate            17.55 
_reflns.entry_id                         6VCT 
_reflns.data_reduction_details           ? 
_reflns.data_reduction_method            ? 
_reflns.d_resolution_high                1.94 
_reflns.d_resolution_low                 50 
_reflns.details                          ? 
_reflns.limit_h_max                      ? 
_reflns.limit_h_min                      ? 
_reflns.limit_k_max                      ? 
_reflns.limit_k_min                      ? 
_reflns.limit_l_max                      ? 
_reflns.limit_l_min                      ? 
_reflns.number_all                       ? 
_reflns.number_obs                       7938 
_reflns.observed_criterion               ? 
_reflns.observed_criterion_F_max         ? 
_reflns.observed_criterion_F_min         ? 
_reflns.observed_criterion_I_max         ? 
_reflns.observed_criterion_I_min         ? 
_reflns.observed_criterion_sigma_F       ? 
_reflns.observed_criterion_sigma_I       ? 
_reflns.percent_possible_obs             100 
_reflns.R_free_details                   ? 
_reflns.Rmerge_F_all                     ? 
_reflns.Rmerge_F_obs                     ? 
_reflns.Friedel_coverage                 ? 
_reflns.number_gt                        ? 
_reflns.threshold_expression             ? 
_reflns.pdbx_redundancy                  14.5 
_reflns.pdbx_Rmerge_I_obs                ? 
_reflns.pdbx_Rmerge_I_all                ? 
_reflns.pdbx_Rsym_value                  0.078 
_reflns.pdbx_netI_over_av_sigmaI         56.9 
_reflns.pdbx_netI_over_sigmaI            56.9 
_reflns.pdbx_res_netI_over_av_sigmaI_2   ? 
_reflns.pdbx_res_netI_over_sigmaI_2      ? 
_reflns.pdbx_chi_squared                 ? 
_reflns.pdbx_scaling_rejects             ? 
_reflns.pdbx_d_res_high_opt              ? 
_reflns.pdbx_d_res_low_opt               ? 
_reflns.pdbx_d_res_opt_method            ? 
_reflns.phase_calculation_details        ? 
_reflns.pdbx_Rrim_I_all                  0.08 
_reflns.pdbx_Rpim_I_all                  0.021 
_reflns.pdbx_d_opt                       ? 
_reflns.pdbx_number_measured_all         ? 
_reflns.pdbx_diffrn_id                   1 
_reflns.pdbx_ordinal                     1 
_reflns.pdbx_CC_half                     0.996 
_reflns.pdbx_CC_star                     ? 
_reflns.pdbx_R_split                     ? 
# 
_reflns_shell.d_res_high                  1.94 
_reflns_shell.d_res_low                   1.97 
_reflns_shell.meanI_over_sigI_all         ? 
_reflns_shell.meanI_over_sigI_obs         19.1 
_reflns_shell.number_measured_all         ? 
_reflns_shell.number_measured_obs         ? 
_reflns_shell.number_possible             ? 
_reflns_shell.number_unique_all           ? 
_reflns_shell.number_unique_obs           385 
_reflns_shell.percent_possible_all        100 
_reflns_shell.percent_possible_obs        ? 
_reflns_shell.Rmerge_F_all                ? 
_reflns_shell.Rmerge_F_obs                ? 
_reflns_shell.Rmerge_I_all                ? 
_reflns_shell.Rmerge_I_obs                ? 
_reflns_shell.meanI_over_sigI_gt          ? 
_reflns_shell.meanI_over_uI_all           ? 
_reflns_shell.meanI_over_uI_gt            ? 
_reflns_shell.number_measured_gt          ? 
_reflns_shell.number_unique_gt            ? 
_reflns_shell.percent_possible_gt         ? 
_reflns_shell.Rmerge_F_gt                 ? 
_reflns_shell.Rmerge_I_gt                 ? 
_reflns_shell.pdbx_redundancy             14.6 
_reflns_shell.pdbx_Rsym_value             0.170 
_reflns_shell.pdbx_chi_squared            ? 
_reflns_shell.pdbx_netI_over_sigmaI_all   ? 
_reflns_shell.pdbx_netI_over_sigmaI_obs   ? 
_reflns_shell.pdbx_Rrim_I_all             0.176 
_reflns_shell.pdbx_Rpim_I_all             0.045 
_reflns_shell.pdbx_rejects                ? 
_reflns_shell.pdbx_ordinal                1 
_reflns_shell.pdbx_diffrn_id              1 
_reflns_shell.pdbx_CC_half                0.994 
_reflns_shell.pdbx_CC_star                ? 
_reflns_shell.pdbx_R_split                ? 
# 
_refine.aniso_B[1][1]                            ? 
_refine.aniso_B[1][2]                            ? 
_refine.aniso_B[1][3]                            ? 
_refine.aniso_B[2][2]                            ? 
_refine.aniso_B[2][3]                            ? 
_refine.aniso_B[3][3]                            ? 
_refine.B_iso_max                                ? 
_refine.B_iso_mean                               17.97 
_refine.B_iso_min                                ? 
_refine.correlation_coeff_Fo_to_Fc               ? 
_refine.correlation_coeff_Fo_to_Fc_free          ? 
_refine.details                                  ? 
_refine.diff_density_max                         ? 
_refine.diff_density_max_esd                     ? 
_refine.diff_density_min                         ? 
_refine.diff_density_min_esd                     ? 
_refine.diff_density_rms                         ? 
_refine.diff_density_rms_esd                     ? 
_refine.entry_id                                 6VCT 
_refine.pdbx_refine_id                           'X-RAY DIFFRACTION' 
_refine.ls_abs_structure_details                 ? 
_refine.ls_abs_structure_Flack                   ? 
_refine.ls_abs_structure_Flack_esd               ? 
_refine.ls_abs_structure_Rogers                  ? 
_refine.ls_abs_structure_Rogers_esd              ? 
_refine.ls_d_res_high                            1.94 
_refine.ls_d_res_low                             32.81 
_refine.ls_extinction_coef                       ? 
_refine.ls_extinction_coef_esd                   ? 
_refine.ls_extinction_expression                 ? 
_refine.ls_extinction_method                     ? 
_refine.ls_goodness_of_fit_all                   ? 
_refine.ls_goodness_of_fit_all_esd               ? 
_refine.ls_goodness_of_fit_obs                   ? 
_refine.ls_goodness_of_fit_obs_esd               ? 
_refine.ls_hydrogen_treatment                    ? 
_refine.ls_matrix_type                           ? 
_refine.ls_number_constraints                    ? 
_refine.ls_number_parameters                     ? 
_refine.ls_number_reflns_all                     ? 
_refine.ls_number_reflns_obs                     7923 
_refine.ls_number_reflns_R_free                  792 
_refine.ls_number_reflns_R_work                  7131 
_refine.ls_number_restraints                     ? 
_refine.ls_percent_reflns_obs                    99.71 
_refine.ls_percent_reflns_R_free                 10.00 
_refine.ls_R_factor_all                          ? 
_refine.ls_R_factor_obs                          0.1587 
_refine.ls_R_factor_R_free                       0.2060 
_refine.ls_R_factor_R_free_error                 ? 
_refine.ls_R_factor_R_free_error_details         ? 
_refine.ls_R_factor_R_work                       0.1537 
_refine.ls_R_Fsqd_factor_obs                     ? 
_refine.ls_R_I_factor_obs                        ? 
_refine.ls_redundancy_reflns_all                 ? 
_refine.ls_redundancy_reflns_obs                 ? 
_refine.ls_restrained_S_all                      ? 
_refine.ls_restrained_S_obs                      ? 
_refine.ls_shift_over_esd_max                    ? 
_refine.ls_shift_over_esd_mean                   ? 
_refine.ls_structure_factor_coef                 ? 
_refine.ls_weighting_details                     ? 
_refine.ls_weighting_scheme                      ? 
_refine.ls_wR_factor_all                         ? 
_refine.ls_wR_factor_obs                         ? 
_refine.ls_wR_factor_R_free                      ? 
_refine.ls_wR_factor_R_work                      ? 
_refine.occupancy_max                            ? 
_refine.occupancy_min                            ? 
_refine.solvent_model_details                    'FLAT BULK SOLVENT MODEL' 
_refine.solvent_model_param_bsol                 ? 
_refine.solvent_model_param_ksol                 ? 
_refine.pdbx_R_complete                          ? 
_refine.ls_R_factor_gt                           ? 
_refine.ls_goodness_of_fit_gt                    ? 
_refine.ls_goodness_of_fit_ref                   ? 
_refine.ls_shift_over_su_max                     ? 
_refine.ls_shift_over_su_max_lt                  ? 
_refine.ls_shift_over_su_mean                    ? 
_refine.ls_shift_over_su_mean_lt                 ? 
_refine.pdbx_ls_sigma_I                          ? 
_refine.pdbx_ls_sigma_F                          1.36 
_refine.pdbx_ls_sigma_Fsqd                       ? 
_refine.pdbx_data_cutoff_high_absF               ? 
_refine.pdbx_data_cutoff_high_rms_absF           ? 
_refine.pdbx_data_cutoff_low_absF                ? 
_refine.pdbx_isotropic_thermal_model             ? 
_refine.pdbx_ls_cross_valid_method               'FREE R-VALUE' 
_refine.pdbx_method_to_determine_struct          'MOLECULAR REPLACEMENT' 
_refine.pdbx_starting_model                      5HUA 
_refine.pdbx_stereochemistry_target_values       'GeoStd + Monomer Library + CDL v1.2' 
_refine.pdbx_R_Free_selection_details            ? 
_refine.pdbx_stereochem_target_val_spec_case     ? 
_refine.pdbx_overall_ESU_R                       ? 
_refine.pdbx_overall_ESU_R_Free                  ? 
_refine.pdbx_solvent_vdw_probe_radii             1.1100 
_refine.pdbx_solvent_ion_probe_radii             ? 
_refine.pdbx_solvent_shrinkage_radii             0.9000 
_refine.pdbx_real_space_R                        ? 
_refine.pdbx_density_correlation                 ? 
_refine.pdbx_pd_number_of_powder_patterns        ? 
_refine.pdbx_pd_number_of_points                 ? 
_refine.pdbx_pd_meas_number_of_points            ? 
_refine.pdbx_pd_proc_ls_prof_R_factor            ? 
_refine.pdbx_pd_proc_ls_prof_wR_factor           ? 
_refine.pdbx_pd_Marquardt_correlation_coeff      ? 
_refine.pdbx_pd_Fsqrd_R_factor                   ? 
_refine.pdbx_pd_ls_matrix_band_width             ? 
_refine.pdbx_overall_phase_error                 19.0015 
_refine.pdbx_overall_SU_R_free_Cruickshank_DPI   ? 
_refine.pdbx_overall_SU_R_free_Blow_DPI          ? 
_refine.pdbx_overall_SU_R_Blow_DPI               ? 
_refine.pdbx_TLS_residual_ADP_flag               ? 
_refine.pdbx_diffrn_id                           1 
_refine.overall_SU_B                             ? 
_refine.overall_SU_ML                            0.1546 
_refine.overall_SU_R_Cruickshank_DPI             ? 
_refine.overall_SU_R_free                        ? 
_refine.overall_FOM_free_R_set                   ? 
_refine.overall_FOM_work_R_set                   ? 
_refine.pdbx_average_fsc_overall                 ? 
_refine.pdbx_average_fsc_work                    ? 
_refine.pdbx_average_fsc_free                    ? 
# 
_refine_hist.pdbx_refine_id                   'X-RAY DIFFRACTION' 
_refine_hist.cycle_id                         LAST 
_refine_hist.details                          ? 
_refine_hist.d_res_high                       1.94 
_refine_hist.d_res_low                        32.81 
_refine_hist.number_atoms_solvent             120 
_refine_hist.number_atoms_total               1003 
_refine_hist.number_reflns_all                ? 
_refine_hist.number_reflns_obs                ? 
_refine_hist.number_reflns_R_free             ? 
_refine_hist.number_reflns_R_work             ? 
_refine_hist.R_factor_all                     ? 
_refine_hist.R_factor_obs                     ? 
_refine_hist.R_factor_R_free                  ? 
_refine_hist.R_factor_R_work                  ? 
_refine_hist.pdbx_number_residues_total       ? 
_refine_hist.pdbx_B_iso_mean_ligand           ? 
_refine_hist.pdbx_B_iso_mean_solvent          ? 
_refine_hist.pdbx_number_atoms_protein        822 
_refine_hist.pdbx_number_atoms_nucleic_acid   0 
_refine_hist.pdbx_number_atoms_ligand         61 
_refine_hist.pdbx_number_atoms_lipid          ? 
_refine_hist.pdbx_number_atoms_carb           ? 
_refine_hist.pdbx_pseudo_atom_details         ? 
# 
loop_
_refine_ls_restr.pdbx_refine_id 
_refine_ls_restr.criterion 
_refine_ls_restr.dev_ideal 
_refine_ls_restr.dev_ideal_target 
_refine_ls_restr.number 
_refine_ls_restr.rejects 
_refine_ls_restr.type 
_refine_ls_restr.weight 
_refine_ls_restr.pdbx_restraint_function 
'X-RAY DIFFRACTION' ? 0.0059  ? 903  ? f_bond_d           ? ? 
'X-RAY DIFFRACTION' ? 1.0678  ? 1225 ? f_angle_d          ? ? 
'X-RAY DIFFRACTION' ? 0.0567  ? 136  ? f_chiral_restr     ? ? 
'X-RAY DIFFRACTION' ? 0.0048  ? 157  ? f_plane_restr      ? ? 
'X-RAY DIFFRACTION' ? 25.6571 ? 151  ? f_dihedral_angle_d ? ? 
# 
loop_
_refine_ls_shell.pdbx_refine_id 
_refine_ls_shell.d_res_high 
_refine_ls_shell.d_res_low 
_refine_ls_shell.number_reflns_all 
_refine_ls_shell.number_reflns_obs 
_refine_ls_shell.number_reflns_R_free 
_refine_ls_shell.number_reflns_R_work 
_refine_ls_shell.percent_reflns_obs 
_refine_ls_shell.percent_reflns_R_free 
_refine_ls_shell.R_factor_all 
_refine_ls_shell.R_factor_obs 
_refine_ls_shell.R_factor_R_free 
_refine_ls_shell.R_factor_R_free_error 
_refine_ls_shell.R_factor_R_work 
_refine_ls_shell.redundancy_reflns_all 
_refine_ls_shell.redundancy_reflns_obs 
_refine_ls_shell.wR_factor_all 
_refine_ls_shell.wR_factor_obs 
_refine_ls_shell.wR_factor_R_free 
_refine_ls_shell.wR_factor_R_work 
_refine_ls_shell.pdbx_R_complete 
_refine_ls_shell.pdbx_total_number_of_bins_used 
_refine_ls_shell.pdbx_phase_error 
_refine_ls_shell.pdbx_fsc_work 
_refine_ls_shell.pdbx_fsc_free 
'X-RAY DIFFRACTION' 1.94 2.06  . . 127 1144 98.60  . . . 0.2050 . 0.1460 . . . . . . . . . . . 
'X-RAY DIFFRACTION' 2.06 2.22  . . 132 1183 100.00 . . . 0.1875 . 0.1430 . . . . . . . . . . . 
'X-RAY DIFFRACTION' 2.22 2.44  . . 129 1163 99.92  . . . 0.2271 . 0.1407 . . . . . . . . . . . 
'X-RAY DIFFRACTION' 2.44 2.80  . . 133 1192 99.92  . . . 0.2233 . 0.1571 . . . . . . . . . . . 
'X-RAY DIFFRACTION' 2.80 3.52  . . 131 1189 100.00 . . . 0.2114 . 0.1562 . . . . . . . . . . . 
'X-RAY DIFFRACTION' 3.52 32.81 . . 140 1260 99.86  . . . 0.1949 . 0.1607 . . . . . . . . . . . 
# 
_struct.entry_id                     6VCT 
_struct.title                        'Mucor circinelloides FKBP12 protein bound with APX879 in C2221 space group' 
_struct.pdbx_model_details           ? 
_struct.pdbx_formula_weight          ? 
_struct.pdbx_formula_weight_method   ? 
_struct.pdbx_model_type_details      ? 
_struct.pdbx_CASP_flag               N 
# 
_struct_keywords.entry_id        6VCT 
_struct_keywords.text            'FK506-binding protein 1A, FKBP12, FK506, ISOMERASE' 
_struct_keywords.pdbx_keywords   ISOMERASE 
# 
loop_
_struct_asym.id 
_struct_asym.pdbx_blank_PDB_chainid_flag 
_struct_asym.pdbx_modified 
_struct_asym.entity_id 
_struct_asym.details 
A N N 1 ? 
B N N 2 ? 
C N N 3 ? 
# 
loop_
_struct_conf.conf_type_id 
_struct_conf.id 
_struct_conf.pdbx_PDB_helix_id 
_struct_conf.beg_label_comp_id 
_struct_conf.beg_label_asym_id 
_struct_conf.beg_label_seq_id 
_struct_conf.pdbx_beg_PDB_ins_code 
_struct_conf.end_label_comp_id 
_struct_conf.end_label_asym_id 
_struct_conf.end_label_seq_id 
_struct_conf.pdbx_end_PDB_ins_code 
_struct_conf.beg_auth_comp_id 
_struct_conf.beg_auth_asym_id 
_struct_conf.beg_auth_seq_id 
_struct_conf.end_auth_comp_id 
_struct_conf.end_auth_asym_id 
_struct_conf.end_auth_seq_id 
_struct_conf.pdbx_PDB_helix_class 
_struct_conf.details 
_struct_conf.pdbx_PDB_helix_length 
HELX_P HELX_P1 AA1 ARG A 44 ? GLY A 47 ? ARG A 41 GLY A 44 5 ? 4 
HELX_P HELX_P2 AA2 ILE A 60 ? VAL A 67 ? ILE A 57 VAL A 64 1 ? 8 
HELX_P HELX_P3 AA3 THR A 68 ? LEU A 70 ? THR A 65 LEU A 67 5 ? 3 
HELX_P HELX_P4 AA4 HIS A 82 ? ALA A 85 ? HIS A 79 ALA A 82 5 ? 4 
# 
_struct_conf_type.id          HELX_P 
_struct_conf_type.criteria    ? 
_struct_conf_type.reference   ? 
# 
loop_
_struct_sheet.id 
_struct_sheet.type 
_struct_sheet.number_strands 
_struct_sheet.details 
AA1 ? 5 ? 
AA2 ? 5 ? 
# 
loop_
_struct_sheet_order.sheet_id 
_struct_sheet_order.range_id_1 
_struct_sheet_order.range_id_2 
_struct_sheet_order.offset 
_struct_sheet_order.sense 
AA1 1 2 ? anti-parallel 
AA1 2 3 ? anti-parallel 
AA1 3 4 ? anti-parallel 
AA1 4 5 ? anti-parallel 
AA2 1 2 ? anti-parallel 
AA2 2 3 ? anti-parallel 
AA2 3 4 ? anti-parallel 
AA2 4 5 ? anti-parallel 
# 
loop_
_struct_sheet_range.sheet_id 
_struct_sheet_range.id 
_struct_sheet_range.beg_label_comp_id 
_struct_sheet_range.beg_label_asym_id 
_struct_sheet_range.beg_label_seq_id 
_struct_sheet_range.pdbx_beg_PDB_ins_code 
_struct_sheet_range.end_label_comp_id 
_struct_sheet_range.end_label_asym_id 
_struct_sheet_range.end_label_seq_id 
_struct_sheet_range.pdbx_end_PDB_ins_code 
_struct_sheet_range.beg_auth_comp_id 
_struct_sheet_range.beg_auth_asym_id 
_struct_sheet_range.beg_auth_seq_id 
_struct_sheet_range.end_auth_comp_id 
_struct_sheet_range.end_auth_asym_id 
_struct_sheet_range.end_auth_seq_id 
AA1 1 VAL A 6   ? ALA A 12  ? VAL A 3  ALA A 9   
AA1 2 LYS A 75  ? CYS A 80  ? LYS A 72 CYS A 77  
AA1 3 LEU A 101 ? ILE A 110 ? LEU A 98 ILE A 107 
AA1 4 LYS A 25  ? THR A 33  ? LYS A 22 THR A 30  
AA1 5 LYS A 39  ? SER A 42  ? LYS A 36 SER A 39  
AA2 1 VAL A 6   ? ALA A 12  ? VAL A 3  ALA A 9   
AA2 2 LYS A 75  ? CYS A 80  ? LYS A 72 CYS A 77  
AA2 3 LEU A 101 ? ILE A 110 ? LEU A 98 ILE A 107 
AA2 4 LYS A 25  ? THR A 33  ? LYS A 22 THR A 30  
AA2 5 PHE A 50  ? THR A 53  ? PHE A 47 THR A 50  
# 
loop_
_pdbx_struct_sheet_hbond.sheet_id 
_pdbx_struct_sheet_hbond.range_id_1 
_pdbx_struct_sheet_hbond.range_id_2 
_pdbx_struct_sheet_hbond.range_1_label_atom_id 
_pdbx_struct_sheet_hbond.range_1_label_comp_id 
_pdbx_struct_sheet_hbond.range_1_label_asym_id 
_pdbx_struct_sheet_hbond.range_1_label_seq_id 
_pdbx_struct_sheet_hbond.range_1_PDB_ins_code 
_pdbx_struct_sheet_hbond.range_1_auth_atom_id 
_pdbx_struct_sheet_hbond.range_1_auth_comp_id 
_pdbx_struct_sheet_hbond.range_1_auth_asym_id 
_pdbx_struct_sheet_hbond.range_1_auth_seq_id 
_pdbx_struct_sheet_hbond.range_2_label_atom_id 
_pdbx_struct_sheet_hbond.range_2_label_comp_id 
_pdbx_struct_sheet_hbond.range_2_label_asym_id 
_pdbx_struct_sheet_hbond.range_2_label_seq_id 
_pdbx_struct_sheet_hbond.range_2_PDB_ins_code 
_pdbx_struct_sheet_hbond.range_2_auth_atom_id 
_pdbx_struct_sheet_hbond.range_2_auth_comp_id 
_pdbx_struct_sheet_hbond.range_2_auth_asym_id 
_pdbx_struct_sheet_hbond.range_2_auth_seq_id 
AA1 1 2 N THR A 7   ? N THR A 4   O ILE A 79  ? O ILE A 76  
AA1 2 3 N LEU A 78  ? N LEU A 75  O PHE A 103 ? O PHE A 100 
AA1 3 4 O ILE A 108 ? O ILE A 105 N THR A 27  ? N THR A 24  
AA1 4 5 N GLY A 32  ? N GLY A 29  O ASP A 41  ? O ASP A 38  
AA2 1 2 N THR A 7   ? N THR A 4   O ILE A 79  ? O ILE A 76  
AA2 2 3 N LEU A 78  ? N LEU A 75  O PHE A 103 ? O PHE A 100 
AA2 3 4 O ILE A 108 ? O ILE A 105 N THR A 27  ? N THR A 24  
AA2 4 5 N ILE A 28  ? N ILE A 25  O PHE A 50  ? O PHE A 47  
# 
_struct_site.id                   AC1 
_struct_site.pdbx_evidence_code   Software 
_struct_site.pdbx_auth_asym_id    A 
_struct_site.pdbx_auth_comp_id    R27 
_struct_site.pdbx_auth_seq_id     201 
_struct_site.pdbx_auth_ins_code   ? 
_struct_site.pdbx_num_residues    25 
_struct_site.details              'binding site for residue R27 A 201' 
# 
loop_
_struct_site_gen.id 
_struct_site_gen.site_id 
_struct_site_gen.pdbx_num_res 
_struct_site_gen.label_comp_id 
_struct_site_gen.label_asym_id 
_struct_site_gen.label_seq_id 
_struct_site_gen.pdbx_auth_ins_code 
_struct_site_gen.auth_comp_id 
_struct_site_gen.auth_asym_id 
_struct_site_gen.auth_seq_id 
_struct_site_gen.label_atom_id 
_struct_site_gen.label_alt_id 
_struct_site_gen.symmetry 
_struct_site_gen.details 
1  AC1 25 GLU A 9   ? GLU A 6   . ? 6_554 ? 
2  AC1 25 TYR A 30  ? TYR A 27  . ? 1_555 ? 
3  AC1 25 THR A 33  ? THR A 30  . ? 6_554 ? 
4  AC1 25 LEU A 34  ? LEU A 31  . ? 6_554 ? 
5  AC1 25 GLU A 35  ? GLU A 32  . ? 6_554 ? 
6  AC1 25 ASN A 36  ? ASN A 33  . ? 6_554 ? 
7  AC1 25 GLY A 37  ? GLY A 34  . ? 6_554 ? 
8  AC1 25 PHE A 40  ? PHE A 37  . ? 1_555 ? 
9  AC1 25 ASP A 41  ? ASP A 38  . ? 1_555 ? 
10 AC1 25 PHE A 50  ? PHE A 47  . ? 1_555 ? 
11 AC1 25 GLN A 58  ? GLN A 55  . ? 1_555 ? 
12 AC1 25 VAL A 59  ? VAL A 56  . ? 1_555 ? 
13 AC1 25 ILE A 60  ? ILE A 57  . ? 1_555 ? 
14 AC1 25 TRP A 63  ? TRP A 60  . ? 1_555 ? 
15 AC1 25 ARG A 77  ? ARG A 74  . ? 6_554 ? 
16 AC1 25 ALA A 85  ? ALA A 82  . ? 1_555 ? 
17 AC1 25 TYR A 86  ? TYR A 83  . ? 1_555 ? 
18 AC1 25 GLU A 88  ? GLU A 85  . ? 3_654 ? 
19 AC1 25 ARG A 89  ? ARG A 86  . ? 1_555 ? 
20 AC1 25 ARG A 89  ? ARG A 86  . ? 3_654 ? 
21 AC1 25 TYR A 91  ? TYR A 88  . ? 1_555 ? 
22 AC1 25 PHE A 103 ? PHE A 100 . ? 1_555 ? 
23 AC1 25 HOH C .   ? HOH A 339 . ? 1_555 ? 
24 AC1 25 HOH C .   ? HOH A 345 . ? 6_554 ? 
25 AC1 25 HOH C .   ? HOH A 350 . ? 1_555 ? 
# 
_atom_sites.entry_id                    6VCT 
_atom_sites.Cartn_transf_matrix[1][1]   ? 
_atom_sites.Cartn_transf_matrix[1][2]   ? 
_atom_sites.Cartn_transf_matrix[1][3]   ? 
_atom_sites.Cartn_transf_matrix[2][1]   ? 
_atom_sites.Cartn_transf_matrix[2][2]   ? 
_atom_sites.Cartn_transf_matrix[2][3]   ? 
_atom_sites.Cartn_transf_matrix[3][1]   ? 
_atom_sites.Cartn_transf_matrix[3][2]   ? 
_atom_sites.Cartn_transf_matrix[3][3]   ? 
_atom_sites.Cartn_transf_vector[1]      ? 
_atom_sites.Cartn_transf_vector[2]      ? 
_atom_sites.Cartn_transf_vector[3]      ? 
_atom_sites.fract_transf_matrix[1][1]   -0.00227575 
_atom_sites.fract_transf_matrix[1][2]   0.00552000 
_atom_sites.fract_transf_matrix[1][3]   0.01600668 
_atom_sites.fract_transf_matrix[2][1]   0.00675907 
_atom_sites.fract_transf_matrix[2][2]   -0.01042894 
_atom_sites.fract_transf_matrix[2][3]   0.00455745 
_atom_sites.fract_transf_matrix[3][1]   0.01825075 
_atom_sites.fract_transf_matrix[3][2]   0.01126475 
_atom_sites.fract_transf_matrix[3][3]   -0.00128991 
_atom_sites.fract_transf_vector[1]      0.227686 
_atom_sites.fract_transf_vector[2]      0.158334 
_atom_sites.fract_transf_vector[3]      -0.161652 
_atom_sites.solution_primary            ? 
_atom_sites.solution_secondary          ? 
_atom_sites.solution_hydrogens          ? 
_atom_sites.special_details             ? 
# 
loop_
_atom_type.symbol 
_atom_type.scat_dispersion_real 
_atom_type.scat_dispersion_imag 
_atom_type.scat_Cromer_Mann_a1 
_atom_type.scat_Cromer_Mann_a2 
_atom_type.scat_Cromer_Mann_b1 
_atom_type.scat_Cromer_Mann_b2 
_atom_type.scat_Cromer_Mann_c 
_atom_type.scat_source 
_atom_type.scat_dispersion_source 
C ? ? 3.54356 2.42580 25.62398 1.50364  0.0 
;2-Gaussian fit: Grosse-Kunstleve RW, Sauter NK, Adams PD: Newsletter of the IUCr Commission on Crystallographic Computing 2004, 3, 22-31.
;
? 
H ? ? ?       ?       ?        ?        ?   ? ? 
N ? ? 4.01032 2.96436 19.97189 1.75589  0.0 
;2-Gaussian fit: Grosse-Kunstleve RW, Sauter NK, Adams PD: Newsletter of the IUCr Commission on Crystallographic Computing 2004, 3, 22-31.
;
? 
O ? ? 4.49882 3.47563 15.80542 1.70748  0.0 
;2-Gaussian fit: Grosse-Kunstleve RW, Sauter NK, Adams PD: Newsletter of the IUCr Commission on Crystallographic Computing 2004, 3, 22-31.
;
? 
S ? ? 9.55732 6.39887 1.23737  29.19336 0.0 
;2-Gaussian fit: Grosse-Kunstleve RW, Sauter NK, Adams PD: Newsletter of the IUCr Commission on Crystallographic Computing 2004, 3, 22-31.
;
? 
# 
loop_
_atom_site.group_PDB 
_atom_site.id 
_atom_site.type_symbol 
_atom_site.label_atom_id 
_atom_site.label_alt_id 
_atom_site.label_comp_id 
_atom_site.label_asym_id 
_atom_site.label_entity_id 
_atom_site.label_seq_id 
_atom_site.pdbx_PDB_ins_code 
_atom_site.Cartn_x 
_atom_site.Cartn_y 
_atom_site.Cartn_z 
_atom_site.occupancy 
_atom_site.B_iso_or_equiv 
_atom_site.pdbx_formal_charge 
_atom_site.auth_seq_id 
_atom_site.auth_comp_id 
_atom_site.auth_asym_id 
_atom_site.auth_atom_id 
_atom_site.pdbx_PDB_model_num 
ATOM   1    C CA  . GLY A 1 5   ? 4.96906   9.69111   6.58846   1.000 31.23189 ? 2   GLY A CA  1 
ATOM   2    C C   . GLY A 1 5   ? 4.88977   8.52966   5.60804   1.000 29.20437 ? 2   GLY A C   1 
ATOM   3    O O   . GLY A 1 5   ? 5.16296   7.37189   5.96038   1.000 20.66459 ? 2   GLY A O   1 
ATOM   4    N N   . VAL A 1 6   ? 4.50928   8.83733   4.37050   1.000 20.14501 ? 3   VAL A N   1 
ATOM   5    C CA  . VAL A 1 6   ? 4.53543   7.87330   3.27928   1.000 19.30434 ? 3   VAL A CA  1 
ATOM   6    C C   . VAL A 1 6   ? 5.35164   8.47393   2.14197   1.000 21.07627 ? 3   VAL A C   1 
ATOM   7    O O   . VAL A 1 6   ? 5.14206   9.62907   1.75578   1.000 20.98212 ? 3   VAL A O   1 
ATOM   8    C CB  . VAL A 1 6   ? 3.11370   7.47683   2.81209   1.000 23.13266 ? 3   VAL A CB  1 
ATOM   9    C CG1 . VAL A 1 6   ? 2.27765   8.70708   2.48802   1.000 28.09646 ? 3   VAL A CG1 1 
ATOM   10   C CG2 . VAL A 1 6   ? 3.18704   6.54300   1.60188   1.000 23.12387 ? 3   VAL A CG2 1 
ATOM   11   N N   . THR A 1 7   ? 6.32163   7.71406   1.65242   1.000 18.69381 ? 4   THR A N   1 
ATOM   12   C CA  . THR A 1 7   ? 7.13345   8.10080   0.50852   1.000 19.12404 ? 4   THR A CA  1 
ATOM   13   C C   . THR A 1 7   ? 6.73331   7.23463   -0.67019  1.000 14.76607 ? 4   THR A C   1 
ATOM   14   O O   . THR A 1 7   ? 6.68370   6.00755   -0.54644  1.000 14.89050 ? 4   THR A O   1 
ATOM   15   C CB  . THR A 1 7   ? 8.62287   7.92257   0.79803   1.000 17.10483 ? 4   THR A CB  1 
ATOM   16   O OG1 . THR A 1 7   ? 8.96026   8.64514   1.98633   1.000 19.12464 ? 4   THR A OG1 1 
ATOM   17   C CG2 . THR A 1 7   ? 9.46179   8.42761   -0.37084  1.000 20.43440 ? 4   THR A CG2 1 
ATOM   18   N N   . VAL A 1 8   ? 6.43654   7.86563   -1.79754  1.000 13.93066 ? 5   VAL A N   1 
ATOM   19   C CA  . VAL A 1 8   ? 6.04196   7.15103   -3.00410  1.000 15.22381 ? 5   VAL A CA  1 
ATOM   20   C C   . VAL A 1 8   ? 7.26121   7.06729   -3.91301  1.000 15.72880 ? 5   VAL A C   1 
ATOM   21   O O   . VAL A 1 8   ? 7.76944   8.09066   -4.39125  1.000 15.67733 ? 5   VAL A O   1 
ATOM   22   C CB  . VAL A 1 8   ? 4.86166   7.83163   -3.70801  1.000 19.26834 ? 5   VAL A CB  1 
ATOM   23   C CG1 . VAL A 1 8   ? 4.49088   7.07030   -4.99583  1.000 13.90523 ? 5   VAL A CG1 1 
ATOM   24   C CG2 . VAL A 1 8   ? 3.66939   7.90913   -2.76752  1.000 17.86501 ? 5   VAL A CG2 1 
ATOM   25   N N   . GLU A 1 9   ? 7.75437   5.85114   -4.13171  1.000 13.38436 ? 6   GLU A N   1 
ATOM   26   C CA  . GLU A 1 9   ? 8.82119   5.61447   -5.09434  1.000 13.02563 ? 6   GLU A CA  1 
ATOM   27   C C   . GLU A 1 9   ? 8.20663   5.10060   -6.38879  1.000 12.90241 ? 6   GLU A C   1 
ATOM   28   O O   . GLU A 1 9   ? 7.54752   4.05711   -6.39498  1.000 12.01662 ? 6   GLU A O   1 
ATOM   29   C CB  . GLU A 1 9   ? 9.85292   4.62143   -4.56519  1.000 13.99826 ? 6   GLU A CB  1 
ATOM   30   C CG  . GLU A 1 9   ? 10.97306  4.37792   -5.56346  1.000 16.72795 ? 6   GLU A CG  1 
ATOM   31   C CD  . GLU A 1 9   ? 11.86394  3.21482   -5.18699  1.000 21.35723 ? 6   GLU A CD  1 
ATOM   32   O OE1 . GLU A 1 9   ? 11.58698  2.56252   -4.15003  1.000 15.44569 ? 6   GLU A OE1 1 
ATOM   33   O OE2 . GLU A 1 9   ? 12.84250  2.96619   -5.93236  1.000 19.78211 ? 6   GLU A OE2 1 
ATOM   34   N N   . ARG A 1 10  ? 8.44435   5.81764   -7.48065  1.000 13.91517 ? 7   ARG A N   1 
ATOM   35   C CA  . ARG A 1 10  ? 7.81582   5.49320   -8.75201  1.000 15.27386 ? 7   ARG A CA  1 
ATOM   36   C C   . ARG A 1 10  ? 8.57951   4.37841   -9.44780  1.000 12.22022 ? 7   ARG A C   1 
ATOM   37   O O   . ARG A 1 10  ? 9.81191   4.36948   -9.46881  1.000 15.47343 ? 7   ARG A O   1 
ATOM   38   C CB  . ARG A 1 10  ? 7.75089   6.73090   -9.65410  1.000 15.98874 ? 7   ARG A CB  1 
ATOM   39   C CG  . ARG A 1 10  ? 7.22522   7.97822   -8.97661  1.000 16.20483 ? 7   ARG A CG  1 
ATOM   40   C CD  . ARG A 1 10  ? 5.70178   7.94109   -8.77923  1.000 15.47071 ? 7   ARG A CD  1 
ATOM   41   N NE  . ARG A 1 10  ? 5.27049   9.05253   -7.92843  1.000 14.15620 ? 7   ARG A NE  1 
ATOM   42   C CZ  . ARG A 1 10  ? 3.99945   9.37030   -7.69387  1.000 18.59135 ? 7   ARG A CZ  1 
ATOM   43   N NH1 . ARG A 1 10  ? 3.01713   8.66288   -8.24529  1.000 13.16369 ? 7   ARG A NH1 1 
ATOM   44   N NH2 . ARG A 1 10  ? 3.70710   10.39722  -6.90184  1.000 18.24675 ? 7   ARG A NH2 1 
ATOM   45   N N   . ILE A 1 11  ? 7.83625   3.42735   -10.00821 1.000 14.60618 ? 8   ILE A N   1 
ATOM   46   C CA  . ILE A 1 11  ? 8.42211   2.28944   -10.70427 1.000 13.47627 ? 8   ILE A CA  1 
ATOM   47   C C   . ILE A 1 11  ? 7.90067   2.27265   -12.13734 1.000 17.51543 ? 8   ILE A C   1 
ATOM   48   O O   . ILE A 1 11  ? 8.67555   2.39556   -13.09248 1.000 16.11757 ? 8   ILE A O   1 
ATOM   49   C CB  . ILE A 1 11  ? 8.10832   0.96394   -9.98102  1.000 10.09943 ? 8   ILE A CB  1 
ATOM   50   C CG1 . ILE A 1 11  ? 8.64837   0.99191   -8.54620  1.000 12.96258 ? 8   ILE A CG1 1 
ATOM   51   C CG2 . ILE A 1 11  ? 8.69358   -0.21863  -10.74909 1.000 18.43476 ? 8   ILE A CG2 1 
ATOM   52   C CD1 . ILE A 1 11  ? 8.08105   -0.11046  -7.67432  1.000 14.62724 ? 8   ILE A CD1 1 
ATOM   53   N N   . ALA A 1 12  ? 6.58390   2.12466   -12.29501 1.000 13.09982 ? 9   ALA A N   1 
ATOM   54   C CA  . ALA A 1 12  ? 5.94592   2.11429   -13.60601 1.000 17.34102 ? 9   ALA A CA  1 
ATOM   55   C C   . ALA A 1 12  ? 4.75124   3.06026   -13.57049 1.000 15.62034 ? 9   ALA A C   1 
ATOM   56   O O   . ALA A 1 12  ? 3.94853   3.00230   -12.62998 1.000 14.58204 ? 9   ALA A O   1 
ATOM   57   C CB  . ALA A 1 12  ? 5.50251   0.69756   -13.99247 1.000 18.14918 ? 9   ALA A CB  1 
ATOM   58   N N   . PRO A 1 13  ? 4.59287   3.93677   -14.55715 1.000 21.61659 ? 10  PRO A N   1 
ATOM   59   C CA  . PRO A 1 13  ? 3.54688   4.95898   -14.46987 1.000 18.18954 ? 10  PRO A CA  1 
ATOM   60   C C   . PRO A 1 13  ? 2.16396   4.39161   -14.73578 1.000 17.99326 ? 10  PRO A C   1 
ATOM   61   O O   . PRO A 1 13  ? 1.99934   3.37382   -15.41122 1.000 16.18575 ? 10  PRO A O   1 
ATOM   62   C CB  . PRO A 1 13  ? 3.94857   5.96430   -15.55499 1.000 22.13964 ? 10  PRO A CB  1 
ATOM   63   C CG  . PRO A 1 13  ? 4.65985   5.13397   -16.56476 1.000 27.12570 ? 10  PRO A CG  1 
ATOM   64   C CD  . PRO A 1 13  ? 5.37700   4.04942   -15.80037 1.000 26.26966 ? 10  PRO A CD  1 
ATOM   65   N N   . GLY A 1 14  ? 1.17167   5.05336   -14.14810 1.000 17.29202 ? 11  GLY A N   1 
ATOM   66   C CA  . GLY A 1 14  ? -0.22535  4.80085   -14.43193 1.000 14.27273 ? 11  GLY A CA  1 
ATOM   67   C C   . GLY A 1 14  ? -0.68201  5.64467   -15.60239 1.000 18.65493 ? 11  GLY A C   1 
ATOM   68   O O   . GLY A 1 14  ? 0.12810   6.19320   -16.35251 1.000 17.48299 ? 11  GLY A O   1 
ATOM   69   N N   . ASP A 1 15  ? -2.00446  5.75481   -15.76050 1.000 14.35489 ? 12  ASP A N   1 
ATOM   70   C CA  . ASP A 1 15  ? -2.53196  6.53441   -16.87789 1.000 16.60455 ? 12  ASP A CA  1 
ATOM   71   C C   . ASP A 1 15  ? -2.45331  8.04130   -16.64653 1.000 21.16865 ? 12  ASP A C   1 
ATOM   72   O O   . ASP A 1 15  ? -2.77582  8.80896   -17.56063 1.000 18.68783 ? 12  ASP A O   1 
ATOM   73   C CB  . ASP A 1 15  ? -3.98174  6.11690   -17.21334 1.000 17.92277 ? 12  ASP A CB  1 
ATOM   74   C CG  . ASP A 1 15  ? -4.97302  6.33802   -16.06685 1.000 18.04057 ? 12  ASP A CG  1 
ATOM   75   O OD1 . ASP A 1 15  ? -4.71861  7.14930   -15.14680 1.000 16.05754 ? 12  ASP A OD1 1 
ATOM   76   O OD2 . ASP A 1 15  ? -6.04932  5.68969   -16.10320 1.000 17.76295 ? 12  ASP A OD2 1 
ATOM   77   N N   . GLY A 1 16  ? -2.02646  8.48295   -15.46339 1.000 16.49821 ? 13  GLY A N   1 
ATOM   78   C CA  . GLY A 1 16  ? -1.94265  9.89917   -15.18327 1.000 16.39892 ? 13  GLY A CA  1 
ATOM   79   C C   . GLY A 1 16  ? -3.25815  10.64570  -15.13168 1.000 19.97366 ? 13  GLY A C   1 
ATOM   80   O O   . GLY A 1 16  ? -3.24919  11.87822  -15.02122 1.000 22.80025 ? 13  GLY A O   1 
ATOM   81   N N   . LYS A 1 17  ? -4.38953  9.95581   -15.18982 1.000 15.94654 ? 14  LYS A N   1 
ATOM   82   C CA  . LYS A 1 17  ? -5.68561  10.63328  -15.16041 1.000 19.75080 ? 14  LYS A CA  1 
ATOM   83   C C   . LYS A 1 17  ? -6.58306  10.19765  -14.01431 1.000 19.97145 ? 14  LYS A C   1 
ATOM   84   O O   . LYS A 1 17  ? -7.30401  11.02418  -13.45313 1.000 20.04259 ? 14  LYS A O   1 
ATOM   85   C CB  . LYS A 1 17  ? -6.45335  10.40101  -16.47605 1.000 25.88953 ? 14  LYS A CB  1 
ATOM   86   C CG  . LYS A 1 17  ? -5.64110  10.56389  -17.74655 1.000 24.40725 ? 14  LYS A CG  1 
ATOM   87   C CD  . LYS A 1 17  ? -6.48611  10.14656  -18.95158 1.000 35.29654 ? 14  LYS A CD  1 
ATOM   88   C CE  . LYS A 1 17  ? -5.63698  9.52739   -20.06015 1.000 43.59634 ? 14  LYS A CE  1 
ATOM   89   N NZ  . LYS A 1 17  ? -6.20193  8.23480   -20.55763 1.000 45.93694 ? 14  LYS A NZ  1 
ATOM   90   N N   . ASN A 1 18  ? -6.58090  8.92185   -13.66955 1.000 16.36564 ? 15  ASN A N   1 
ATOM   91   C CA  . ASN A 1 18  ? -7.56768  8.34154   -12.76548 1.000 16.52525 ? 15  ASN A CA  1 
ATOM   92   C C   . ASN A 1 18  ? -6.89105  8.02909   -11.43538 1.000 16.71667 ? 15  ASN A C   1 
ATOM   93   O O   . ASN A 1 18  ? -6.23066  6.99928   -11.29572 1.000 14.59432 ? 15  ASN A O   1 
ATOM   94   C CB  . ASN A 1 18  ? -8.18329  7.09711   -13.38876 1.000 15.46070 ? 15  ASN A CB  1 
ATOM   95   C CG  . ASN A 1 18  ? -9.08064  7.42574   -14.57446 1.000 24.58316 ? 15  ASN A CG  1 
ATOM   96   O OD1 . ASN A 1 18  ? -10.17679 7.96337   -14.41099 1.000 22.38212 ? 15  ASN A OD1 1 
ATOM   97   N ND2 . ASN A 1 18  ? -8.61291  7.11206   -15.77320 1.000 25.54787 ? 15  ASN A ND2 1 
ATOM   98   N N   . PHE A 1 19  ? -7.05855  8.92664   -10.45911 1.000 14.47996 ? 16  PHE A N   1 
ATOM   99   C CA  . PHE A 1 19  ? -6.49031  8.80384   -9.12664  1.000 17.06109 ? 16  PHE A CA  1 
ATOM   100  C C   . PHE A 1 19  ? -7.60193  8.51075   -8.12360  1.000 15.57396 ? 16  PHE A C   1 
ATOM   101  O O   . PHE A 1 19  ? -8.66822  9.13178   -8.19779  1.000 16.74582 ? 16  PHE A O   1 
ATOM   102  C CB  . PHE A 1 19  ? -5.76048  10.09474  -8.71188  1.000 14.11885 ? 16  PHE A CB  1 
ATOM   103  C CG  . PHE A 1 19  ? -4.52311  10.39767  -9.52562  1.000 15.84943 ? 16  PHE A CG  1 
ATOM   104  C CD1 . PHE A 1 19  ? -4.62162  10.85576  -10.83226 1.000 17.98905 ? 16  PHE A CD1 1 
ATOM   105  C CD2 . PHE A 1 19  ? -3.26055  10.22582  -8.98461  1.000 16.07733 ? 16  PHE A CD2 1 
ATOM   106  C CE1 . PHE A 1 19  ? -3.47796  11.13193  -11.58024 1.000 16.52493 ? 16  PHE A CE1 1 
ATOM   107  C CE2 . PHE A 1 19  ? -2.12351  10.50018  -9.72371  1.000 15.55757 ? 16  PHE A CE2 1 
ATOM   108  C CZ  . PHE A 1 19  ? -2.23341  10.95006  -11.02348 1.000 15.27023 ? 16  PHE A CZ  1 
ATOM   109  N N   . PRO A 1 20  ? -7.40077  7.57752   -7.18965  1.000 15.35814 ? 17  PRO A N   1 
ATOM   110  C CA  . PRO A 1 20  ? -8.44818  7.29708   -6.20004  1.000 17.16700 ? 17  PRO A CA  1 
ATOM   111  C C   . PRO A 1 20  ? -8.70204  8.50196   -5.30979  1.000 17.09706 ? 17  PRO A C   1 
ATOM   112  O O   . PRO A 1 20  ? -7.79493  9.27766   -5.00151  1.000 15.16351 ? 17  PRO A O   1 
ATOM   113  C CB  . PRO A 1 20  ? -7.87970  6.12247   -5.39143  1.000 15.39311 ? 17  PRO A CB  1 
ATOM   114  C CG  . PRO A 1 20  ? -6.81481  5.53059   -6.25539  1.000 15.74909 ? 17  PRO A CG  1 
ATOM   115  C CD  . PRO A 1 20  ? -6.24921  6.67300   -7.04221  1.000 14.91221 ? 17  PRO A CD  1 
ATOM   116  N N   . LYS A 1 21  ? -9.96041  8.65878   -4.91639  1.000 16.89494 ? 18  LYS A N   1 
ATOM   117  C CA  . LYS A 1 21  ? -10.37537 9.67000   -3.95749  1.000 21.63825 ? 18  LYS A CA  1 
ATOM   118  C C   . LYS A 1 21  ? -10.90888 8.98831   -2.70485  1.000 18.77111 ? 18  LYS A C   1 
ATOM   119  O O   . LYS A 1 21  ? -11.27186 7.80900   -2.72273  1.000 19.00706 ? 18  LYS A O   1 
ATOM   120  C CB  . LYS A 1 21  ? -11.46404 10.58942  -4.52889  1.000 25.43507 ? 18  LYS A CB  1 
ATOM   121  C CG  . LYS A 1 21  ? -11.20645 11.11884  -5.92862  1.000 25.92396 ? 18  LYS A CG  1 
ATOM   122  C CD  . LYS A 1 21  ? -12.48770 11.72398  -6.50437  1.000 28.21295 ? 18  LYS A CD  1 
ATOM   123  C CE  . LYS A 1 21  ? -12.30341 12.18611  -7.95003  1.000 33.42894 ? 18  LYS A CE  1 
ATOM   124  N NZ  . LYS A 1 21  ? -12.43855 11.06071  -8.92184  1.000 35.38052 ? 18  LYS A NZ  1 
ATOM   125  N N   . LYS A 1 22  ? -10.95340 9.74805   -1.61261  1.000 19.25242 ? 19  LYS A N   1 
ATOM   126  C CA  . LYS A 1 22  ? -11.52590 9.24878   -0.36662  1.000 20.04998 ? 19  LYS A CA  1 
ATOM   127  C C   . LYS A 1 22  ? -12.90759 8.65853   -0.60727  1.000 19.98074 ? 19  LYS A C   1 
ATOM   128  O O   . LYS A 1 22  ? -13.76632 9.28625   -1.23097  1.000 20.28296 ? 19  LYS A O   1 
ATOM   129  C CB  . LYS A 1 22  ? -11.60963 10.37973  0.66118   1.000 24.66493 ? 19  LYS A CB  1 
ATOM   130  C CG  . LYS A 1 22  ? -12.14673 9.94820   2.01730   1.000 26.84951 ? 19  LYS A CG  1 
ATOM   131  C CD  . LYS A 1 22  ? -12.24402 11.13024  2.97526   1.000 28.65379 ? 19  LYS A CD  1 
ATOM   132  C CE  . LYS A 1 22  ? -12.92878 10.74432  4.27843   1.000 37.69368 ? 19  LYS A CE  1 
ATOM   133  N NZ  . LYS A 1 22  ? -11.93978 10.32674  5.31862   1.000 40.12135 ? 19  LYS A NZ  1 
ATOM   134  N N   . GLY A 1 23  ? -13.11274 7.43538   -0.11890  1.000 20.58184 ? 20  GLY A N   1 
ATOM   135  C CA  . GLY A 1 23  ? -14.36870 6.74242   -0.29167  1.000 17.54097 ? 20  GLY A CA  1 
ATOM   136  C C   . GLY A 1 23  ? -14.43434 5.82350   -1.49244  1.000 19.80448 ? 20  GLY A C   1 
ATOM   137  O O   . GLY A 1 23  ? -15.37726 5.02525   -1.58544  1.000 16.68876 ? 20  GLY A O   1 
ATOM   138  N N   . ASP A 1 24  ? -13.46893 5.90418   -2.40968  1.000 15.83800 ? 21  ASP A N   1 
ATOM   139  C CA  . ASP A 1 24  ? -13.43473 5.00047   -3.55493  1.000 16.26389 ? 21  ASP A CA  1 
ATOM   140  C C   . ASP A 1 24  ? -13.04497 3.59381   -3.11428  1.000 18.41760 ? 21  ASP A C   1 
ATOM   141  O O   . ASP A 1 24  ? -12.29377 3.40471   -2.15559  1.000 17.50329 ? 21  ASP A O   1 
ATOM   142  C CB  . ASP A 1 24  ? -12.41540 5.47712   -4.60170  1.000 17.77815 ? 21  ASP A CB  1 
ATOM   143  C CG  . ASP A 1 24  ? -12.91179 6.64165   -5.43511  1.000 20.48377 ? 21  ASP A CG  1 
ATOM   144  O OD1 . ASP A 1 24  ? -14.13434 6.89999   -5.45264  1.000 20.78043 ? 21  ASP A OD1 1 
ATOM   145  O OD2 . ASP A 1 24  ? -12.06614 7.30470   -6.07588  1.000 19.73799 ? 21  ASP A OD2 1 
ATOM   146  N N   . LYS A 1 25  ? -13.52780 2.59640   -3.84542  1.000 17.63404 ? 22  LYS A N   1 
ATOM   147  C CA  . LYS A 1 25  ? -12.96849 1.26307   -3.71280  1.000 17.42542 ? 22  LYS A CA  1 
ATOM   148  C C   . LYS A 1 25  ? -11.80311 1.13065   -4.68535  1.000 18.60721 ? 22  LYS A C   1 
ATOM   149  O O   . LYS A 1 25  ? -11.81856 1.71328   -5.77139  1.000 19.21429 ? 22  LYS A O   1 
ATOM   150  C CB  . LYS A 1 25  ? -14.02678 0.18999   -3.96735  1.000 18.94919 ? 22  LYS A CB  1 
ATOM   151  C CG  . LYS A 1 25  ? -15.00544 0.03687   -2.79422  1.000 29.79524 ? 22  LYS A CG  1 
ATOM   152  C CD  . LYS A 1 25  ? -15.83816 -1.24646  -2.87944  1.000 37.21528 ? 22  LYS A CD  1 
ATOM   153  C CE  . LYS A 1 25  ? -16.01226 -1.89758  -1.50003  1.000 40.92546 ? 22  LYS A CE  1 
ATOM   154  N NZ  . LYS A 1 25  ? -14.78805 -2.65407  -1.05292  1.000 39.42673 ? 22  LYS A NZ  1 
ATOM   155  N N   . VAL A 1 26  ? -10.76854 0.40377   -4.27330  1.000 16.87527 ? 23  VAL A N   1 
ATOM   156  C CA  . VAL A 1 26  ? -9.61176  0.18728   -5.13032  1.000 14.57590 ? 23  VAL A CA  1 
ATOM   157  C C   . VAL A 1 26  ? -9.27528  -1.29405  -5.15505  1.000 17.35944 ? 23  VAL A C   1 
ATOM   158  O O   . VAL A 1 26  ? -9.52659  -2.03172  -4.19800  1.000 14.10105 ? 23  VAL A O   1 
ATOM   159  C CB  . VAL A 1 26  ? -8.37555  1.01355   -4.69955  1.000 17.57686 ? 23  VAL A CB  1 
ATOM   160  C CG1 . VAL A 1 26  ? -8.64417  2.50797   -4.85875  1.000 16.65128 ? 23  VAL A CG1 1 
ATOM   161  C CG2 . VAL A 1 26  ? -7.97020  0.67201   -3.26615  1.000 17.31746 ? 23  VAL A CG2 1 
ATOM   162  N N   . THR A 1 27  ? -8.72208  -1.72430  -6.27949  1.000 13.90153 ? 24  THR A N   1 
ATOM   163  C CA  . THR A 1 27  ? -8.21839  -3.07494  -6.47275  1.000 15.85248 ? 24  THR A CA  1 
ATOM   164  C C   . THR A 1 27  ? -6.72027  -2.94430  -6.69321  1.000 13.35551 ? 24  THR A C   1 
ATOM   165  O O   . THR A 1 27  ? -6.29076  -2.26094  -7.62769  1.000 14.77454 ? 24  THR A O   1 
ATOM   166  C CB  . THR A 1 27  ? -8.89525  -3.74940  -7.67158  1.000 16.29032 ? 24  THR A CB  1 
ATOM   167  O OG1 . THR A 1 27  ? -10.31806 -3.72527  -7.49526  1.000 16.40936 ? 24  THR A OG1 1 
ATOM   168  C CG2 . THR A 1 27  ? -8.43275  -5.17907  -7.82108  1.000 15.97992 ? 24  THR A CG2 1 
ATOM   169  N N   . ILE A 1 28  ? -5.92947  -3.57197  -5.82588  1.000 13.20745 ? 25  ILE A N   1 
ATOM   170  C CA  . ILE A 1 28  ? -4.48448  -3.35837  -5.79709  1.000 12.61595 ? 25  ILE A CA  1 
ATOM   171  C C   . ILE A 1 28  ? -3.79374  -4.68460  -5.53297  1.000 13.97107 ? 25  ILE A C   1 
ATOM   172  O O   . ILE A 1 28  ? -4.18200  -5.41869  -4.61630  1.000 15.17116 ? 25  ILE A O   1 
ATOM   173  C CB  . ILE A 1 28  ? -4.07956  -2.34576  -4.70709  1.000 17.40813 ? 25  ILE A CB  1 
ATOM   174  C CG1 . ILE A 1 28  ? -4.61815  -0.95443  -5.01388  1.000 20.81733 ? 25  ILE A CG1 1 
ATOM   175  C CG2 . ILE A 1 28  ? -2.55451  -2.29196  -4.55653  1.000 13.39605 ? 25  ILE A CG2 1 
ATOM   176  C CD1 . ILE A 1 28  ? -4.37977  0.03813   -3.88402  1.000 18.43671 ? 25  ILE A CD1 1 
ATOM   177  N N   . HIS A 1 29  ? -2.77846  -4.99346  -6.33149  1.000 10.39657 ? 26  HIS A N   1 
ATOM   178  C CA  . HIS A 1 29  ? -1.82634  -6.04615  -6.00611  1.000 12.99943 ? 26  HIS A CA  1 
ATOM   179  C C   . HIS A 1 29  ? -0.68352  -5.45073  -5.19173  1.000 13.10852 ? 26  HIS A C   1 
ATOM   180  O O   . HIS A 1 29  ? -0.18072  -4.36791  -5.51302  1.000 14.36703 ? 26  HIS A O   1 
ATOM   181  C CB  . HIS A 1 29  ? -1.27038  -6.68279  -7.28159  1.000 13.65630 ? 26  HIS A CB  1 
ATOM   182  C CG  . HIS A 1 29  ? -1.90511  -7.99075  -7.64910  1.000 13.15979 ? 26  HIS A CG  1 
ATOM   183  N ND1 . HIS A 1 29  ? -2.20269  -8.97229  -6.72285  1.000 13.02677 ? 26  HIS A ND1 1 
ATOM   184  C CD2 . HIS A 1 29  ? -2.25777  -8.49488  -8.85603  1.000 16.47042 ? 26  HIS A CD2 1 
ATOM   185  C CE1 . HIS A 1 29  ? -2.72371  -10.01627 -7.34446  1.000 15.03224 ? 26  HIS A CE1 1 
ATOM   186  N NE2 . HIS A 1 29  ? -2.76400  -9.75345  -8.63943  1.000 16.06347 ? 26  HIS A NE2 1 
ATOM   187  N N   . TYR A 1 30  ? -0.25532  -6.16019  -4.14697  1.000 11.95123 ? 27  TYR A N   1 
ATOM   188  C CA  . TYR A 1 30  ? 0.84300   -5.66061  -3.32843  1.000 13.28518 ? 27  TYR A CA  1 
ATOM   189  C C   . TYR A 1 30  ? 1.77916   -6.79189  -2.93408  1.000 12.50545 ? 27  TYR A C   1 
ATOM   190  O O   . TYR A 1 30  ? 1.37636   -7.94778  -2.81386  1.000 13.86488 ? 27  TYR A O   1 
ATOM   191  C CB  . TYR A 1 30  ? 0.34200   -4.95645  -2.05313  1.000 12.22578 ? 27  TYR A CB  1 
ATOM   192  C CG  . TYR A 1 30  ? -0.24818  -5.89723  -1.01789  1.000 12.72546 ? 27  TYR A CG  1 
ATOM   193  C CD1 . TYR A 1 30  ? -1.59736  -6.22973  -1.04687  1.000 12.18328 ? 27  TYR A CD1 1 
ATOM   194  C CD2 . TYR A 1 30  ? 0.54412   -6.45588  -0.00905  1.000 12.83802 ? 27  TYR A CD2 1 
ATOM   195  C CE1 . TYR A 1 30  ? -2.14743  -7.09403  -0.09817  1.000 15.47004 ? 27  TYR A CE1 1 
ATOM   196  C CE2 . TYR A 1 30  ? 0.00191   -7.32833  0.93822   1.000 11.39557 ? 27  TYR A CE2 1 
ATOM   197  C CZ  . TYR A 1 30  ? -1.34249  -7.63284  0.89131   1.000 14.77465 ? 27  TYR A CZ  1 
ATOM   198  O OH  . TYR A 1 30  ? -1.89868  -8.49175  1.82289   1.000 15.19595 ? 27  TYR A OH  1 
ATOM   199  N N   . VAL A 1 31  ? 3.03971   -6.43248  -2.74571  1.000 12.27069 ? 28  VAL A N   1 
ATOM   200  C CA  . VAL A 1 31  ? 4.02112   -7.23835  -2.03520  1.000 11.02894 ? 28  VAL A CA  1 
ATOM   201  C C   . VAL A 1 31  ? 4.49977   -6.38011  -0.87247  1.000 12.47075 ? 28  VAL A C   1 
ATOM   202  O O   . VAL A 1 31  ? 4.95451   -5.25145  -1.08399  1.000 11.36252 ? 28  VAL A O   1 
ATOM   203  C CB  . VAL A 1 31  ? 5.20078   -7.64367  -2.93274  1.000 13.05471 ? 28  VAL A CB  1 
ATOM   204  C CG1 . VAL A 1 31  ? 6.12868   -8.59148  -2.18641  1.000 13.54269 ? 28  VAL A CG1 1 
ATOM   205  C CG2 . VAL A 1 31  ? 4.71399   -8.27097  -4.24633  1.000 11.40117 ? 28  VAL A CG2 1 
ATOM   206  N N   . GLY A 1 32  ? 4.37142   -6.89244  0.34894   1.000 12.32555 ? 29  GLY A N   1 
ATOM   207  C CA  . GLY A 1 32  ? 4.79936   -6.16936  1.53426   1.000 14.01555 ? 29  GLY A CA  1 
ATOM   208  C C   . GLY A 1 32  ? 6.11191   -6.74057  2.03680   1.000 14.03664 ? 29  GLY A C   1 
ATOM   209  O O   . GLY A 1 32  ? 6.25331   -7.95661  2.18244   1.000 12.98974 ? 29  GLY A O   1 
ATOM   210  N N   . THR A 1 33  ? 7.08167   -5.85355  2.26800   1.000 13.53401 ? 30  THR A N   1 
ATOM   211  C CA  . THR A 1 33  ? 8.39198   -6.28078  2.74545   1.000 13.98555 ? 30  THR A CA  1 
ATOM   212  C C   . THR A 1 33  ? 8.89795   -5.36808  3.85515   1.000 13.35766 ? 30  THR A C   1 
ATOM   213  O O   . THR A 1 33  ? 8.44624   -4.23061  4.03027   1.000 12.50757 ? 30  THR A O   1 
ATOM   214  C CB  . THR A 1 33  ? 9.46099   -6.30197  1.63651   1.000 15.30072 ? 30  THR A CB  1 
ATOM   215  O OG1 . THR A 1 33  ? 9.94918   -4.97167  1.43047   1.000 13.16014 ? 30  THR A OG1 1 
ATOM   216  C CG2 . THR A 1 33  ? 8.91059   -6.85133  0.33215   1.000 16.13702 ? 30  THR A CG2 1 
ATOM   217  N N   . LEU A 1 34  ? 9.86819   -5.88933  4.59682   1.000 13.39522 ? 31  LEU A N   1 
ATOM   218  C CA  . LEU A 1 34  ? 10.65365  -5.08042  5.51085   1.000 15.74528 ? 31  LEU A CA  1 
ATOM   219  C C   . LEU A 1 34  ? 11.67205  -4.26707  4.71514   1.000 14.52838 ? 31  LEU A C   1 
ATOM   220  O O   . LEU A 1 34  ? 11.76709  -4.37285  3.48920   1.000 14.71792 ? 31  LEU A O   1 
ATOM   221  C CB  . LEU A 1 34  ? 11.32448  -5.97240  6.55603   1.000 14.99276 ? 31  LEU A CB  1 
ATOM   222  C CG  . LEU A 1 34  ? 10.32761  -6.90358  7.25797   1.000 14.75016 ? 31  LEU A CG  1 
ATOM   223  C CD1 . LEU A 1 34  ? 11.03143  -7.80579  8.26624   1.000 16.63577 ? 31  LEU A CD1 1 
ATOM   224  C CD2 . LEU A 1 34  ? 9.24712   -6.07535  7.93135   1.000 16.82621 ? 31  LEU A CD2 1 
ATOM   225  N N   . GLU A 1 35  ? 12.46853  -3.45925  5.42653   1.000 15.09137 ? 32  GLU A N   1 
ATOM   226  C CA  . GLU A 1 35  ? 13.35584  -2.50132  4.76357   1.000 15.31587 ? 32  GLU A CA  1 
ATOM   227  C C   . GLU A 1 35  ? 14.41073  -3.17236  3.89185   1.000 13.92898 ? 32  GLU A C   1 
ATOM   228  O O   . GLU A 1 35  ? 14.87195  -2.57525  2.91096   1.000 16.04772 ? 32  GLU A O   1 
ATOM   229  C CB  . GLU A 1 35  ? 14.05251  -1.61953  5.80403   1.000 12.66407 ? 32  GLU A CB  1 
ATOM   230  C CG  . GLU A 1 35  ? 13.17445  -0.54807  6.40103   1.000 15.44417 ? 32  GLU A CG  1 
ATOM   231  C CD  . GLU A 1 35  ? 13.87802  0.20704   7.52058   1.000 18.40946 ? 32  GLU A CD  1 
ATOM   232  O OE1 . GLU A 1 35  ? 14.50587  1.25414   7.24443   1.000 21.87575 ? 32  GLU A OE1 1 
ATOM   233  O OE2 . GLU A 1 35  ? 13.80578  -0.25193  8.67682   1.000 21.98155 ? 32  GLU A OE2 1 
ATOM   234  N N   . ASN A 1 36  ? 14.84242  -4.37824  4.24416   1.000 15.23423 ? 33  ASN A N   1 
ATOM   235  C CA  . ASN A 1 36  ? 15.85930  -5.07298  3.46502   1.000 16.14429 ? 33  ASN A CA  1 
ATOM   236  C C   . ASN A 1 36  ? 15.26515  -5.88246  2.32700   1.000 17.44576 ? 33  ASN A C   1 
ATOM   237  O O   . ASN A 1 36  ? 15.99932  -6.61110  1.65262   1.000 18.78348 ? 33  ASN A O   1 
ATOM   238  C CB  . ASN A 1 36  ? 16.69786  -5.98716  4.36761   1.000 16.12129 ? 33  ASN A CB  1 
ATOM   239  C CG  . ASN A 1 36  ? 15.95277  -7.23481  4.78682   1.000 17.24961 ? 33  ASN A CG  1 
ATOM   240  O OD1 . ASN A 1 36  ? 14.72636  -7.24340  4.83834   1.000 15.58755 ? 33  ASN A OD1 1 
ATOM   241  N ND2 . ASN A 1 36  ? 16.69228  -8.30008  5.09196   1.000 18.23112 ? 33  ASN A ND2 1 
ATOM   242  N N   . GLY A 1 37  ? 13.95589  -5.78825  2.11104   1.000 15.31443 ? 34  GLY A N   1 
ATOM   243  C CA  . GLY A 1 37  ? 13.30664  -6.54174  1.06171   1.000 18.25888 ? 34  GLY A CA  1 
ATOM   244  C C   . GLY A 1 37  ? 12.72697  -7.88090  1.47440   1.000 21.05876 ? 34  GLY A C   1 
ATOM   245  O O   . GLY A 1 37  ? 12.12163  -8.55526  0.62854   1.000 21.09102 ? 34  GLY A O   1 
ATOM   246  N N   . ASP A 1 38  ? 12.87780  -8.28678  2.73865   1.000 17.00661 ? 35  ASP A N   1 
ATOM   247  C CA  . ASP A 1 38  ? 12.28862  -9.54013  3.20608   1.000 15.45925 ? 35  ASP A CA  1 
ATOM   248  C C   . ASP A 1 38  ? 10.76860  -9.43358  3.19093   1.000 18.62937 ? 35  ASP A C   1 
ATOM   249  O O   . ASP A 1 38  ? 10.19345  -8.57789  3.87210   1.000 14.21558 ? 35  ASP A O   1 
ATOM   250  C CB  . ASP A 1 38  ? 12.76991  -9.87567  4.61817   1.000 19.59261 ? 35  ASP A CB  1 
ATOM   251  C CG  . ASP A 1 38  ? 14.22880  -10.34985 4.66079   1.000 23.38536 ? 35  ASP A CG  1 
ATOM   252  O OD1 . ASP A 1 38  ? 14.79862  -10.70406 3.60246   1.000 19.92217 ? 35  ASP A OD1 1 
ATOM   253  O OD2 . ASP A 1 38  ? 14.80311  -10.35594 5.77114   1.000 21.00824 ? 35  ASP A OD2 1 
ATOM   254  N N   . LYS A 1 39  ? 10.11865  -10.32454 2.44064   1.000 16.40439 ? 36  LYS A N   1 
ATOM   255  C CA  . LYS A 1 39  ? 8.67032   -10.27224 2.27618   1.000 14.72180 ? 36  LYS A CA  1 
ATOM   256  C C   . LYS A 1 39  ? 7.95463   -10.73733 3.54481   1.000 16.47829 ? 36  LYS A C   1 
ATOM   257  O O   . LYS A 1 39  ? 8.30861   -11.76725 4.13034   1.000 15.75326 ? 36  LYS A O   1 
ATOM   258  C CB  . LYS A 1 39  ? 8.27161   -11.13531 1.07205   1.000 17.18707 ? 36  LYS A CB  1 
ATOM   259  C CG  . LYS A 1 39  ? 6.81080   -11.52257 1.00369   1.000 17.96128 ? 36  LYS A CG  1 
ATOM   260  C CD  . LYS A 1 39  ? 6.46233   -12.09570 -0.36918  1.000 19.57049 ? 36  LYS A CD  1 
ATOM   261  C CE  . LYS A 1 39  ? 7.12192   -13.43506 -0.61702  1.000 26.31463 ? 36  LYS A CE  1 
ATOM   262  N NZ  . LYS A 1 39  ? 6.86112   -13.92665 -2.01111  1.000 26.08219 ? 36  LYS A NZ  1 
ATOM   263  N N   . PHE A 1 40  ? 6.94584   -9.97202  3.98265   1.000 12.27702 ? 37  PHE A N   1 
ATOM   264  C CA  . PHE A 1 40  ? 6.05946   -10.45283 5.03408   1.000 13.99148 ? 37  PHE A CA  1 
ATOM   265  C C   . PHE A 1 40  ? 4.66893   -10.84738 4.54437   1.000 14.85465 ? 37  PHE A C   1 
ATOM   266  O O   . PHE A 1 40  ? 3.97597   -11.57895 5.25558   1.000 14.13758 ? 37  PHE A O   1 
ATOM   267  C CB  . PHE A 1 40  ? 5.92968   -9.42261  6.17814   1.000 14.15042 ? 37  PHE A CB  1 
ATOM   268  C CG  . PHE A 1 40  ? 5.33551   -8.09361  5.77546   1.000 12.95792 ? 37  PHE A CG  1 
ATOM   269  C CD1 . PHE A 1 40  ? 3.96682   -7.94509  5.60949   1.000 12.63423 ? 37  PHE A CD1 1 
ATOM   270  C CD2 . PHE A 1 40  ? 6.14791   -6.97980  5.61442   1.000 13.46724 ? 37  PHE A CD2 1 
ATOM   271  C CE1 . PHE A 1 40  ? 3.42424   -6.71889  5.25197   1.000 13.48290 ? 37  PHE A CE1 1 
ATOM   272  C CE2 . PHE A 1 40  ? 5.61217   -5.74962  5.26331   1.000 14.10475 ? 37  PHE A CE2 1 
ATOM   273  C CZ  . PHE A 1 40  ? 4.25015   -5.62162  5.07084   1.000 12.30338 ? 37  PHE A CZ  1 
ATOM   274  N N   . ASP A 1 41  ? 4.25126   -10.40771 3.35815   1.000 12.02392 ? 38  ASP A N   1 
ATOM   275  C CA  . ASP A 1 41  ? 2.97661   -10.83823 2.78287   1.000 13.08202 ? 38  ASP A CA  1 
ATOM   276  C C   . ASP A 1 41  ? 2.93886   -10.40167 1.32749   1.000 14.20279 ? 38  ASP A C   1 
ATOM   277  O O   . ASP A 1 41  ? 3.72215   -9.54380  0.90329   1.000 11.99436 ? 38  ASP A O   1 
ATOM   278  C CB  . ASP A 1 41  ? 1.77501   -10.26308 3.54394   1.000 12.10059 ? 38  ASP A CB  1 
ATOM   279  C CG  . ASP A 1 41  ? 0.45530   -10.94776 3.17204   1.000 15.29932 ? 38  ASP A CG  1 
ATOM   280  O OD1 . ASP A 1 41  ? 0.47689   -12.14728 2.81582   1.000 14.71769 ? 38  ASP A OD1 1 
ATOM   281  O OD2 . ASP A 1 41  ? -0.59129  -10.27259 3.23072   1.000 15.04322 ? 38  ASP A OD2 1 
ATOM   282  N N   . SER A 1 42  ? 2.01797   -11.00663 0.56964   1.000 11.95533 ? 39  SER A N   1 
ATOM   283  C CA  . SER A 1 42  ? 1.86521   -10.69009 -0.84555  1.000 13.47959 ? 39  SER A CA  1 
ATOM   284  C C   . SER A 1 42  ? 0.50570   -11.14121 -1.35366  1.000 13.13376 ? 39  SER A C   1 
ATOM   285  O O   . SER A 1 42  ? 0.17661   -12.32884 -1.23591  1.000 13.46888 ? 39  SER A O   1 
ATOM   286  C CB  . SER A 1 42  ? 2.95394   -11.37144 -1.66827  1.000 11.01516 ? 39  SER A CB  1 
ATOM   287  O OG  . SER A 1 42  ? 2.64572   -11.26598 -3.04489  1.000 13.04077 ? 39  SER A OG  1 
ATOM   288  N N   . SER A 1 43  ? -0.25111  -10.21969 -1.97663  1.000 10.42742 ? 40  SER A N   1 
ATOM   289  C CA  . SER A 1 43  ? -1.45092  -10.67010 -2.68938  1.000 12.99415 ? 40  SER A CA  1 
ATOM   290  C C   . SER A 1 43  ? -1.10406  -11.37046 -4.00189  1.000 14.14144 ? 40  SER A C   1 
ATOM   291  O O   . SER A 1 43  ? -1.88950  -12.19321 -4.48953  1.000 12.06988 ? 40  SER A O   1 
ATOM   292  C CB  . SER A 1 43  ? -2.38646  -9.50034  -2.96371  1.000 11.90567 ? 40  SER A CB  1 
ATOM   293  O OG  . SER A 1 43  ? -1.78713  -8.58267  -3.87021  1.000 12.36986 ? 40  SER A OG  1 
ATOM   294  N N   . ARG A 1 44  ? 0.06454   -11.08008 -4.58026  1.000 12.77466 ? 41  ARG A N   1 
ATOM   295  C CA  . ARG A 1 44  ? 0.44812   -11.77099 -5.80926  1.000 14.32692 ? 41  ARG A CA  1 
ATOM   296  C C   . ARG A 1 44  ? 0.61908   -13.26047 -5.56219  1.000 11.68044 ? 41  ARG A C   1 
ATOM   297  O O   . ARG A 1 44  ? 0.26351   -14.08533 -6.41448  1.000 15.88608 ? 41  ARG A O   1 
ATOM   298  C CB  . ARG A 1 44  ? 1.73877   -11.17884 -6.37157  1.000 11.22606 ? 41  ARG A CB  1 
ATOM   299  C CG  . ARG A 1 44  ? 1.60262   -9.73493  -6.75928  1.000 13.80281 ? 41  ARG A CG  1 
ATOM   300  C CD  . ARG A 1 44  ? 2.82477   -9.25958  -7.53585  1.000 14.45178 ? 41  ARG A CD  1 
ATOM   301  N NE  . ARG A 1 44  ? 2.73033   -7.83358  -7.82570  1.000 13.33711 ? 41  ARG A NE  1 
ATOM   302  C CZ  . ARG A 1 44  ? 2.01183   -7.31916  -8.81667  1.000 15.15472 ? 41  ARG A CZ  1 
ATOM   303  N NH1 . ARG A 1 44  ? 1.33157   -8.10959  -9.63038  1.000 11.63546 ? 41  ARG A NH1 1 
ATOM   304  N NH2 . ARG A 1 44  ? 1.97818   -6.01063  -9.00364  1.000 15.73123 ? 41  ARG A NH2 1 
ATOM   305  N N   . ASP A 1 45  ? 1.16428   -13.62069 -4.39716  1.000 11.94439 ? 42  ASP A N   1 
ATOM   306  C CA  . ASP A 1 45  ? 1.32949   -15.02306 -4.03118  1.000 13.30543 ? 42  ASP A CA  1 
ATOM   307  C C   . ASP A 1 45  ? -0.00907  -15.73113 -3.85853  1.000 17.61888 ? 42  ASP A C   1 
ATOM   308  O O   . ASP A 1 45  ? -0.04486  -16.96679 -3.86789  1.000 16.11852 ? 42  ASP A O   1 
ATOM   309  C CB  . ASP A 1 45  ? 2.14233   -15.14587 -2.73422  1.000 15.68475 ? 42  ASP A CB  1 
ATOM   310  C CG  . ASP A 1 45  ? 3.62316   -14.83697 -2.93825  1.000 18.30393 ? 42  ASP A CG  1 
ATOM   311  O OD1 . ASP A 1 45  ? 4.06297   -14.81447 -4.09824  1.000 17.77664 ? 42  ASP A OD1 1 
ATOM   312  O OD2 . ASP A 1 45  ? 4.34039   -14.61090 -1.94134  1.000 18.46835 ? 42  ASP A OD2 1 
ATOM   313  N N   . ARG A 1 46  ? -1.10331  -14.98616 -3.69789  1.000 11.76801 ? 43  ARG A N   1 
ATOM   314  C CA  . ARG A 1 46  ? -2.42446  -15.58727 -3.53838  1.000 14.56659 ? 43  ARG A CA  1 
ATOM   315  C C   . ARG A 1 46  ? -3.20817  -15.64059 -4.84381  1.000 15.14665 ? 43  ARG A C   1 
ATOM   316  O O   . ARG A 1 46  ? -4.32842  -16.16769 -4.85846  1.000 16.25517 ? 43  ARG A O   1 
ATOM   317  C CB  . ARG A 1 46  ? -3.22864  -14.82742 -2.47855  1.000 12.14225 ? 43  ARG A CB  1 
ATOM   318  C CG  . ARG A 1 46  ? -2.48841  -14.65832 -1.15341  1.000 15.87186 ? 43  ARG A CG  1 
ATOM   319  C CD  . ARG A 1 46  ? -3.41854  -14.17921 -0.05910  1.000 15.01843 ? 43  ARG A CD  1 
ATOM   320  N NE  . ARG A 1 46  ? -3.74664  -12.75311 -0.14792  1.000 13.30164 ? 43  ARG A NE  1 
ATOM   321  C CZ  . ARG A 1 46  ? -3.11910  -11.79008 0.52676   1.000 15.87699 ? 43  ARG A CZ  1 
ATOM   322  N NH1 . ARG A 1 46  ? -2.08780  -12.08101 1.32156   1.000 13.61016 ? 43  ARG A NH1 1 
ATOM   323  N NH2 . ARG A 1 46  ? -3.51887  -10.52807 0.40574   1.000 15.06648 ? 43  ARG A NH2 1 
ATOM   324  N N   . GLY A 1 47  ? -2.64192  -15.11564 -5.93060  1.000 14.86142 ? 44  GLY A N   1 
ATOM   325  C CA  . GLY A 1 47  ? -3.26674  -15.15095 -7.24103  1.000 16.23667 ? 44  GLY A CA  1 
ATOM   326  C C   . GLY A 1 47  ? -4.45269  -14.23178 -7.39146  1.000 18.94359 ? 44  GLY A C   1 
ATOM   327  O O   . GLY A 1 47  ? -5.25722  -14.40934 -8.31149  1.000 17.26712 ? 44  GLY A O   1 
ATOM   328  N N   . SER A 1 48  ? -4.56846  -13.23098 -6.52872  1.000 14.00665 ? 45  SER A N   1 
ATOM   329  C CA  . SER A 1 48  ? -5.75709  -12.39926 -6.46976  1.000 13.31299 ? 45  SER A CA  1 
ATOM   330  C C   . SER A 1 48  ? -5.45184  -11.06882 -5.79769  1.000 13.26345 ? 45  SER A C   1 
ATOM   331  O O   . SER A 1 48  ? -4.90922  -11.05819 -4.68783  1.000 12.86552 ? 45  SER A O   1 
ATOM   332  C CB  . SER A 1 48  ? -6.85029  -13.13489 -5.69019  1.000 15.38649 ? 45  SER A CB  1 
ATOM   333  O OG  . SER A 1 48  ? -7.96073  -12.29739 -5.48428  1.000 23.56368 ? 45  SER A OG  1 
ATOM   334  N N   . PRO A 1 49  ? -5.80328  -9.94046  -6.41533  1.000 16.88149 ? 46  PRO A N   1 
ATOM   335  C CA  . PRO A 1 49  ? -5.46594  -8.63973  -5.82904  1.000 14.49547 ? 46  PRO A CA  1 
ATOM   336  C C   . PRO A 1 49  ? -6.37118  -8.30744  -4.65417  1.000 16.87112 ? 46  PRO A C   1 
ATOM   337  O O   . PRO A 1 49  ? -7.46958  -8.84257  -4.50206  1.000 14.42702 ? 46  PRO A O   1 
ATOM   338  C CB  . PRO A 1 49  ? -5.68690  -7.65999  -6.98273  1.000 15.07210 ? 46  PRO A CB  1 
ATOM   339  C CG  . PRO A 1 49  ? -6.75134  -8.32970  -7.82479  1.000 16.53219 ? 46  PRO A CG  1 
ATOM   340  C CD  . PRO A 1 49  ? -6.44200  -9.80534  -7.74149  1.000 14.83024 ? 46  PRO A CD  1 
ATOM   341  N N   . PHE A 1 50  ? -5.88390  -7.39841  -3.81898  1.000 13.45311 ? 47  PHE A N   1 
ATOM   342  C CA  . PHE A 1 50  ? -6.59399  -6.95633  -2.62447  1.000 12.18301 ? 47  PHE A CA  1 
ATOM   343  C C   . PHE A 1 50  ? -7.55736  -5.82814  -2.98784  1.000 15.90108 ? 47  PHE A C   1 
ATOM   344  O O   . PHE A 1 50  ? -7.25137  -4.98757  -3.83489  1.000 16.90723 ? 47  PHE A O   1 
ATOM   345  C CB  . PHE A 1 50  ? -5.56562  -6.49578  -1.58487  1.000 13.66411 ? 47  PHE A CB  1 
ATOM   346  C CG  . PHE A 1 50  ? -6.14902  -5.88867  -0.34278  1.000 11.86233 ? 47  PHE A CG  1 
ATOM   347  C CD1 . PHE A 1 50  ? -6.65615  -6.69037  0.66897   1.000 14.70220 ? 47  PHE A CD1 1 
ATOM   348  C CD2 . PHE A 1 50  ? -6.14544  -4.51681  -0.16435  1.000 12.29054 ? 47  PHE A CD2 1 
ATOM   349  C CE1 . PHE A 1 50  ? -7.17322  -6.12638  1.82475   1.000 16.74420 ? 47  PHE A CE1 1 
ATOM   350  C CE2 . PHE A 1 50  ? -6.65945  -3.94478  0.99176   1.000 12.79915 ? 47  PHE A CE2 1 
ATOM   351  C CZ  . PHE A 1 50  ? -7.17160  -4.74515  1.98364   1.000 15.90133 ? 47  PHE A CZ  1 
ATOM   352  N N   . GLN A 1 51  ? -8.72605  -5.82255  -2.35943  1.000 13.81737 ? 48  GLN A N   1 
ATOM   353  C CA  . GLN A 1 51  ? -9.73561  -4.78955  -2.56665  1.000 13.83201 ? 48  GLN A CA  1 
ATOM   354  C C   . GLN A 1 51  ? -10.11460 -4.15901  -1.23206  1.000 16.60897 ? 48  GLN A C   1 
ATOM   355  O O   . GLN A 1 51  ? -10.23854 -4.85551  -0.22128  1.000 18.28589 ? 48  GLN A O   1 
ATOM   356  C CB  . GLN A 1 51  ? -10.99043 -5.37232  -3.23596  1.000 19.39667 ? 48  GLN A CB  1 
ATOM   357  C CG  . GLN A 1 51  ? -10.80500 -5.70441  -4.71517  1.000 20.64847 ? 48  GLN A CG  1 
ATOM   358  C CD  . GLN A 1 51  ? -12.06916 -6.23058  -5.36303  1.000 29.90762 ? 48  GLN A CD  1 
ATOM   359  O OE1 . GLN A 1 51  ? -12.50503 -5.72509  -6.39711  1.000 36.32867 ? 48  GLN A OE1 1 
ATOM   360  N NE2 . GLN A 1 51  ? -12.66326 -7.24723  -4.76039  1.000 32.07816 ? 48  GLN A NE2 1 
ATOM   361  N N   . CYS A 1 52  ? -10.30295 -2.84221  -1.22529  1.000 15.46723 ? 49  CYS A N   1 
ATOM   362  C CA  . CYS A 1 52  ? -10.71955 -2.14636  -0.01122  1.000 15.12276 ? 49  CYS A CA  1 
ATOM   363  C C   . CYS A 1 52  ? -11.33811 -0.80971  -0.39236  1.000 16.12067 ? 49  CYS A C   1 
ATOM   364  O O   . CYS A 1 52  ? -11.30781 -0.39208  -1.55025  1.000 14.78901 ? 49  CYS A O   1 
ATOM   365  C CB  . CYS A 1 52  ? -9.54986  -1.92883  0.95458   1.000 15.82025 ? 49  CYS A CB  1 
ATOM   366  S SG  . CYS A 1 52  ? -8.32323  -0.70850  0.37517   1.000 15.66330 ? 49  CYS A SG  1 
ATOM   367  N N   . THR A 1 53  ? -11.91811 -0.14900  0.60127   1.000 16.99570 ? 50  THR A N   1 
ATOM   368  C CA  . THR A 1 53  ? -12.31224 1.24157   0.45592   1.000 15.62469 ? 50  THR A CA  1 
ATOM   369  C C   . THR A 1 53  ? -11.16184 2.08408   0.97824   1.000 16.05471 ? 50  THR A C   1 
ATOM   370  O O   . THR A 1 53  ? -10.63263 1.80865   2.05796   1.000 16.38119 ? 50  THR A O   1 
ATOM   371  C CB  . THR A 1 53  ? -13.59877 1.55164   1.22577   1.000 19.41180 ? 50  THR A CB  1 
ATOM   372  O OG1 . THR A 1 53  ? -14.68528 0.79049   0.68593   1.000 17.60621 ? 50  THR A OG1 1 
ATOM   373  C CG2 . THR A 1 53  ? -13.94083 3.02557   1.10287   1.000 19.45967 ? 50  THR A CG2 1 
ATOM   374  N N   . ILE A 1 54  ? -10.77466 3.09294   0.21517   1.000 13.69443 ? 51  ILE A N   1 
ATOM   375  C CA  . ILE A 1 54  ? -9.58839  3.88436   0.51615   1.000 13.61921 ? 51  ILE A CA  1 
ATOM   376  C C   . ILE A 1 54  ? -9.98238  5.20690   1.16477   1.000 19.85305 ? 51  ILE A C   1 
ATOM   377  O O   . ILE A 1 54  ? -11.06647 5.75717   0.92409   1.000 16.60564 ? 51  ILE A O   1 
ATOM   378  C CB  . ILE A 1 54  ? -8.75683  4.10314   -0.76624  1.000 17.16354 ? 51  ILE A CB  1 
ATOM   379  C CG1 . ILE A 1 54  ? -7.27675  4.32429   -0.42148  1.000 15.35086 ? 51  ILE A CG1 1 
ATOM   380  C CG2 . ILE A 1 54  ? -9.33476  5.23021   -1.62501  1.000 15.18352 ? 51  ILE A CG2 1 
ATOM   381  C CD1 . ILE A 1 54  ? -6.57031  3.05918   0.09075   1.000 12.43933 ? 51  ILE A CD1 1 
ATOM   382  N N   . GLY A 1 55  ? -9.08755  5.71681   2.01354   1.000 21.39457 ? 52  GLY A N   1 
ATOM   383  C CA  . GLY A 1 55  ? -9.23646  7.03151   2.59825   1.000 18.34127 ? 52  GLY A CA  1 
ATOM   384  C C   . GLY A 1 55  ? -10.20692 7.13096   3.75455   1.000 23.85346 ? 52  GLY A C   1 
ATOM   385  O O   . GLY A 1 55  ? -10.52217 8.24814   4.17356   1.000 26.94708 ? 52  GLY A O   1 
ATOM   386  N N   . VAL A 1 56  ? -10.69548 6.01131   4.28777   1.000 22.11823 ? 53  VAL A N   1 
ATOM   387  C CA  . VAL A 1 56  ? -11.71709 6.04403   5.32676   1.000 22.41991 ? 53  VAL A CA  1 
ATOM   388  C C   . VAL A 1 56  ? -11.28490 5.31703   6.59491   1.000 21.89368 ? 53  VAL A C   1 
ATOM   389  O O   . VAL A 1 56  ? -12.11826 5.04315   7.45845   1.000 20.63739 ? 53  VAL A O   1 
ATOM   390  C CB  . VAL A 1 56  ? -13.05551 5.48112   4.81179   1.000 22.51169 ? 53  VAL A CB  1 
ATOM   391  C CG1 . VAL A 1 56  ? -13.55974 6.30580   3.62960   1.000 22.27550 ? 53  VAL A CG1 1 
ATOM   392  C CG2 . VAL A 1 56  ? -12.89572 4.01561   4.43203   1.000 20.78881 ? 53  VAL A CG2 1 
ATOM   393  N N   . GLY A 1 57  ? -9.99940  5.00369   6.73464   1.000 20.59818 ? 54  GLY A N   1 
ATOM   394  C CA  . GLY A 1 57  ? -9.53482  4.32105   7.92589   1.000 21.32001 ? 54  GLY A CA  1 
ATOM   395  C C   . GLY A 1 57  ? -9.72732  2.82401   7.92968   1.000 21.69978 ? 54  GLY A C   1 
ATOM   396  O O   . GLY A 1 57  ? -9.58312  2.20172   8.98719   1.000 20.77072 ? 54  GLY A O   1 
ATOM   397  N N   . GLN A 1 58  ? -10.04555 2.22259   6.78048   1.000 18.71871 ? 55  GLN A N   1 
ATOM   398  C CA  . GLN A 1 58  ? -10.21088 0.77456   6.67909   1.000 21.00071 ? 55  GLN A CA  1 
ATOM   399  C C   . GLN A 1 58  ? -8.88130  0.04047   6.54637   1.000 19.33694 ? 55  GLN A C   1 
ATOM   400  O O   . GLN A 1 58  ? -8.80016  -1.15138  6.87331   1.000 19.81399 ? 55  GLN A O   1 
ATOM   401  C CB  . GLN A 1 58  ? -11.10225 0.45093   5.47564   1.000 22.34793 ? 55  GLN A CB  1 
ATOM   402  C CG  . GLN A 1 58  ? -11.58455 -0.97806  5.38886   1.000 26.85670 ? 55  GLN A CG  1 
ATOM   403  C CD  . GLN A 1 58  ? -12.55557 -1.17388  4.24250   1.000 24.27376 ? 55  GLN A CD  1 
ATOM   404  O OE1 . GLN A 1 58  ? -12.15443 -1.48114  3.11351   1.000 19.58878 ? 55  GLN A OE1 1 
ATOM   405  N NE2 . GLN A 1 58  ? -13.83738 -0.97023  4.51825   1.000 22.68021 ? 55  GLN A NE2 1 
ATOM   406  N N   . VAL A 1 59  ? -7.84525  0.71915   6.06169   1.000 16.19650 ? 56  VAL A N   1 
ATOM   407  C CA  . VAL A 1 59  ? -6.51123  0.16048   5.93824   1.000 16.03195 ? 56  VAL A CA  1 
ATOM   408  C C   . VAL A 1 59  ? -5.53298  1.09298   6.64963   1.000 16.68224 ? 56  VAL A C   1 
ATOM   409  O O   . VAL A 1 59  ? -5.90767  2.16380   7.12644   1.000 14.44330 ? 56  VAL A O   1 
ATOM   410  C CB  . VAL A 1 59  ? -6.11536  -0.06729  4.46398   1.000 14.10293 ? 56  VAL A CB  1 
ATOM   411  C CG1 . VAL A 1 59  ? -6.95040  -1.21663  3.89486   1.000 16.92756 ? 56  VAL A CG1 1 
ATOM   412  C CG2 . VAL A 1 59  ? -6.33344  1.19809   3.63795   1.000 11.32291 ? 56  VAL A CG2 1 
ATOM   413  N N   . ILE A 1 60  ? -4.26554  0.67195   6.72055   1.000 13.88019 ? 57  ILE A N   1 
ATOM   414  C CA  . ILE A 1 60  ? -3.27433  1.48707   7.40354   1.000 14.47403 ? 57  ILE A CA  1 
ATOM   415  C C   . ILE A 1 60  ? -3.19426  2.85934   6.74145   1.000 15.00603 ? 57  ILE A C   1 
ATOM   416  O O   . ILE A 1 60  ? -3.53892  3.04179   5.56536   1.000 15.13429 ? 57  ILE A O   1 
ATOM   417  C CB  . ILE A 1 60  ? -1.89557  0.80969   7.43394   1.000 16.37441 ? 57  ILE A CB  1 
ATOM   418  C CG1 . ILE A 1 60  ? -1.45181  0.41310   6.02704   1.000 13.85016 ? 57  ILE A CG1 1 
ATOM   419  C CG2 . ILE A 1 60  ? -1.91131  -0.39074  8.38877   1.000 15.79304 ? 57  ILE A CG2 1 
ATOM   420  C CD1 . ILE A 1 60  ? 0.05655   0.16934   5.90286   1.000 16.02701 ? 57  ILE A CD1 1 
ATOM   421  N N   . LYS A 1 61  ? -2.73571  3.83984   7.51863   1.000 12.42884 ? 58  LYS A N   1 
ATOM   422  C CA  . LYS A 1 61  ? -2.80208  5.21958   7.05397   1.000 13.36472 ? 58  LYS A CA  1 
ATOM   423  C C   . LYS A 1 61  ? -1.87554  5.46492   5.87063   1.000 14.29851 ? 58  LYS A C   1 
ATOM   424  O O   . LYS A 1 61  ? -2.16541  6.32832   5.03281   1.000 13.90173 ? 58  LYS A O   1 
ATOM   425  C CB  . LYS A 1 61  ? -2.47910  6.17772   8.19675   1.000 17.39131 ? 58  LYS A CB  1 
ATOM   426  C CG  . LYS A 1 61  ? -2.74304  7.63746   7.83395   1.000 26.15781 ? 58  LYS A CG  1 
ATOM   427  C CD  . LYS A 1 61  ? -2.06581  8.59908   8.79092   1.000 28.69950 ? 58  LYS A CD  1 
ATOM   428  C CE  . LYS A 1 61  ? -3.05679  9.58697   9.38145   1.000 36.14508 ? 58  LYS A CE  1 
ATOM   429  N NZ  . LYS A 1 61  ? -2.38555  10.50045  10.34665  1.000 40.88695 ? 58  LYS A NZ  1 
ATOM   430  N N   . GLY A 1 62  ? -0.76595  4.71995   5.77756   1.000 15.10093 ? 59  GLY A N   1 
ATOM   431  C CA  . GLY A 1 62  ? 0.12005   4.86479   4.63004   1.000 13.43015 ? 59  GLY A CA  1 
ATOM   432  C C   . GLY A 1 62  ? -0.54279  4.49147   3.31911   1.000 14.97389 ? 59  GLY A C   1 
ATOM   433  O O   . GLY A 1 62  ? -0.19319  5.03846   2.26621   1.000 15.04389 ? 59  GLY A O   1 
ATOM   434  N N   . TRP A 1 63  ? -1.49500  3.54615   3.35922   1.000 14.21037 ? 60  TRP A N   1 
ATOM   435  C CA  . TRP A 1 63  ? -2.31776  3.25386   2.18656   1.000 13.94067 ? 60  TRP A CA  1 
ATOM   436  C C   . TRP A 1 63  ? -3.33065  4.36822   1.93994   1.000 12.92921 ? 60  TRP A C   1 
ATOM   437  O O   . TRP A 1 63  ? -3.51482  4.81245   0.80175   1.000 14.95091 ? 60  TRP A O   1 
ATOM   438  C CB  . TRP A 1 63  ? -3.03560  1.90707   2.35720   1.000 11.91871 ? 60  TRP A CB  1 
ATOM   439  C CG  . TRP A 1 63  ? -2.20910  0.72057   1.92690   1.000 12.78999 ? 60  TRP A CG  1 
ATOM   440  C CD1 . TRP A 1 63  ? -0.94129  0.40757   2.33625   1.000 14.94691 ? 60  TRP A CD1 1 
ATOM   441  C CD2 . TRP A 1 63  ? -2.59247  -0.29394  0.99606   1.000 11.35439 ? 60  TRP A CD2 1 
ATOM   442  N NE1 . TRP A 1 63  ? -0.51318  -0.74141  1.71012   1.000 13.73243 ? 60  TRP A NE1 1 
ATOM   443  C CE2 . TRP A 1 63  ? -1.50789  -1.19311  0.88441   1.000 12.02792 ? 60  TRP A CE2 1 
ATOM   444  C CE3 . TRP A 1 63  ? -3.75020  -0.53303  0.24477   1.000 11.71797 ? 60  TRP A CE3 1 
ATOM   445  C CZ2 . TRP A 1 63  ? -1.54975  -2.32400  0.05648   1.000 12.62075 ? 60  TRP A CZ2 1 
ATOM   446  C CZ3 . TRP A 1 63  ? -3.78730  -1.65610  -0.58785  1.000 12.70951 ? 60  TRP A CZ3 1 
ATOM   447  C CH2 . TRP A 1 63  ? -2.69187  -2.53099  -0.67853  1.000 11.48486 ? 60  TRP A CH2 1 
ATOM   448  N N   . ASP A 1 64  ? -4.00837  4.82516   2.99840   1.000 13.47970 ? 61  ASP A N   1 
ATOM   449  C CA  . ASP A 1 64  ? -5.03031  5.85571   2.83185   1.000 14.63081 ? 61  ASP A CA  1 
ATOM   450  C C   . ASP A 1 64  ? -4.44159  7.11935   2.22320   1.000 21.30029 ? 61  ASP A C   1 
ATOM   451  O O   . ASP A 1 64  ? -5.09777  7.79421   1.42173   1.000 18.45645 ? 61  ASP A O   1 
ATOM   452  C CB  . ASP A 1 64  ? -5.68133  6.18206   4.17697   1.000 17.99668 ? 61  ASP A CB  1 
ATOM   453  C CG  . ASP A 1 64  ? -6.86792  5.28284   4.49541   1.000 19.44618 ? 61  ASP A CG  1 
ATOM   454  O OD1 . ASP A 1 64  ? -7.20744  4.40482   3.66570   1.000 15.13088 ? 61  ASP A OD1 1 
ATOM   455  O OD2 . ASP A 1 64  ? -7.47689  5.47156   5.57350   1.000 18.17416 ? 61  ASP A OD2 1 
ATOM   456  N N   . GLU A 1 65  ? -3.20826  7.46118   2.60179   1.000 14.81368 ? 62  GLU A N   1 
ATOM   457  C CA  . GLU A 1 65  ? -2.56319  8.67229   2.10666   1.000 20.49897 ? 62  GLU A CA  1 
ATOM   458  C C   . GLU A 1 65  ? -1.72821  8.43462   0.86000   1.000 16.57318 ? 62  GLU A C   1 
ATOM   459  O O   . GLU A 1 65  ? -1.52432  9.36738   0.07967   1.000 21.86924 ? 62  GLU A O   1 
ATOM   460  C CB  . GLU A 1 65  ? -1.66712  9.28172   3.18824   1.000 17.44774 ? 62  GLU A CB  1 
ATOM   461  C CG  . GLU A 1 65  ? -2.41725  9.77490   4.39638   1.000 19.68002 ? 62  GLU A CG  1 
ATOM   462  C CD  . GLU A 1 65  ? -1.73843  10.96220  5.05560   1.000 39.01705 ? 62  GLU A CD  1 
ATOM   463  O OE1 . GLU A 1 65  ? -0.60529  11.32671  4.64875   1.000 41.74244 ? 62  GLU A OE1 1 
ATOM   464  O OE2 . GLU A 1 65  ? -2.34239  11.53037  5.98803   1.000 46.27500 ? 62  GLU A OE2 1 
ATOM   465  N N   . GLY A 1 66  ? -1.24565  7.21415   0.64839   1.000 16.53887 ? 63  GLY A N   1 
ATOM   466  C CA  . GLY A 1 66  ? -0.36867  6.94066   -0.46809  1.000 14.24706 ? 63  GLY A CA  1 
ATOM   467  C C   . GLY A 1 66  ? -1.08525  6.48018   -1.71838  1.000 16.89242 ? 63  GLY A C   1 
ATOM   468  O O   . GLY A 1 66  ? -0.73898  6.90220   -2.82147  1.000 14.61881 ? 63  GLY A O   1 
ATOM   469  N N   . VAL A 1 67  ? -2.09819  5.62612   -1.56325  1.000 12.96004 ? 64  VAL A N   1 
ATOM   470  C CA  . VAL A 1 67  ? -2.80001  5.08541   -2.72864  1.000 13.64386 ? 64  VAL A CA  1 
ATOM   471  C C   . VAL A 1 67  ? -3.47482  6.19262   -3.52684  1.000 15.56726 ? 64  VAL A C   1 
ATOM   472  O O   . VAL A 1 67  ? -3.57324  6.11140   -4.75981  1.000 13.80566 ? 64  VAL A O   1 
ATOM   473  C CB  . VAL A 1 67  ? -3.79357  4.00557   -2.26177  1.000 12.43519 ? 64  VAL A CB  1 
ATOM   474  C CG1 . VAL A 1 67  ? -4.76867  3.60657   -3.38231  1.000 15.50361 ? 64  VAL A CG1 1 
ATOM   475  C CG2 . VAL A 1 67  ? -3.01748  2.79396   -1.76283  1.000 11.99924 ? 64  VAL A CG2 1 
ATOM   476  N N   . THR A 1 68  ? -3.91651  7.26124   -2.85457  1.000 14.55362 ? 65  THR A N   1 
ATOM   477  C CA  . THR A 1 68  ? -4.53892  8.37759   -3.55806  1.000 15.74440 ? 65  THR A CA  1 
ATOM   478  C C   . THR A 1 68  ? -3.54259  9.17797   -4.38620  1.000 17.44150 ? 65  THR A C   1 
ATOM   479  O O   . THR A 1 68  ? -3.95957  10.07309  -5.13180  1.000 17.10973 ? 65  THR A O   1 
ATOM   480  C CB  . THR A 1 68  ? -5.24182  9.31320   -2.56865  1.000 20.07849 ? 65  THR A CB  1 
ATOM   481  O OG1 . THR A 1 68  ? -4.30498  9.74530   -1.57123  1.000 19.87565 ? 65  THR A OG1 1 
ATOM   482  C CG2 . THR A 1 68  ? -6.41465  8.60456   -1.90390  1.000 18.02723 ? 65  THR A CG2 1 
ATOM   483  N N   . GLN A 1 69  ? -2.24848  8.87891   -4.28651  1.000 13.61920 ? 66  GLN A N   1 
ATOM   484  C CA  . GLN A 1 69  ? -1.24968  9.52013   -5.12998  1.000 15.46546 ? 66  GLN A CA  1 
ATOM   485  C C   . GLN A 1 69  ? -0.91906  8.70877   -6.37970  1.000 15.53177 ? 66  GLN A C   1 
ATOM   486  O O   . GLN A 1 69  ? -0.02494  9.10150   -7.12765  1.000 15.16494 ? 66  GLN A O   1 
ATOM   487  C CB  . GLN A 1 69  ? 0.03677   9.77624   -4.33323  1.000 15.11884 ? 66  GLN A CB  1 
ATOM   488  C CG  . GLN A 1 69  ? -0.17403  10.56224  -3.03735  1.000 19.20159 ? 66  GLN A CG  1 
ATOM   489  C CD  . GLN A 1 69  ? 1.14142   10.85612  -2.31877  1.000 22.84752 ? 66  GLN A CD  1 
ATOM   490  O OE1 . GLN A 1 69  ? 2.12742   11.24742  -2.94351  1.000 24.25269 ? 66  GLN A OE1 1 
ATOM   491  N NE2 . GLN A 1 69  ? 1.15635   10.66956  -1.00451  1.000 22.15114 ? 66  GLN A NE2 1 
ATOM   492  N N   . LEU A 1 70  ? -1.61344  7.59919   -6.62572  1.000 14.55289 ? 67  LEU A N   1 
ATOM   493  C CA  . LEU A 1 70  ? -1.33773  6.72118   -7.75713  1.000 13.04497 ? 67  LEU A CA  1 
ATOM   494  C C   . LEU A 1 70  ? -2.45704  6.79362   -8.78996  1.000 15.06929 ? 67  LEU A C   1 
ATOM   495  O O   . LEU A 1 70  ? -3.61983  7.02313   -8.44563  1.000 13.90600 ? 67  LEU A O   1 
ATOM   496  C CB  . LEU A 1 70  ? -1.17217  5.26821   -7.28670  1.000 12.78643 ? 67  LEU A CB  1 
ATOM   497  C CG  . LEU A 1 70  ? -0.20267  5.04965   -6.11981  1.000 13.21548 ? 67  LEU A CG  1 
ATOM   498  C CD1 . LEU A 1 70  ? -0.25787  3.60706   -5.66233  1.000 15.68536 ? 67  LEU A CD1 1 
ATOM   499  C CD2 . LEU A 1 70  ? 1.23841   5.42875   -6.50674  1.000 15.27927 ? 67  LEU A CD2 1 
ATOM   500  N N   . SER A 1 71  ? -2.11105  6.57898   -10.06225 1.000 12.79972 ? 68  SER A N   1 
ATOM   501  C CA  . SER A 1 71  ? -3.13365  6.48175   -11.09869 1.000 14.01719 ? 68  SER A CA  1 
ATOM   502  C C   . SER A 1 71  ? -3.25523  5.03707   -11.57791 1.000 14.33454 ? 68  SER A C   1 
ATOM   503  O O   . SER A 1 71  ? -2.37000  4.20537   -11.35857 1.000 11.42677 ? 68  SER A O   1 
ATOM   504  C CB  . SER A 1 71  ? -2.85875  7.45200   -12.26742 1.000 14.13573 ? 68  SER A CB  1 
ATOM   505  O OG  . SER A 1 71  ? -1.55182  7.34526   -12.80702 1.000 13.71867 ? 68  SER A OG  1 
ATOM   506  N N   . VAL A 1 72  ? -4.40423  4.73469   -12.18183 1.000 13.24889 ? 69  VAL A N   1 
ATOM   507  C CA  . VAL A 1 72  ? -4.71448  3.35788   -12.54609 1.000 12.76337 ? 69  VAL A CA  1 
ATOM   508  C C   . VAL A 1 72  ? -3.62104  2.80489   -13.44491 1.000 14.14299 ? 69  VAL A C   1 
ATOM   509  O O   . VAL A 1 72  ? -3.22733  3.43653   -14.43280 1.000 14.44610 ? 69  VAL A O   1 
ATOM   510  C CB  . VAL A 1 72  ? -6.08770  3.28974   -13.22795 1.000 13.03833 ? 69  VAL A CB  1 
ATOM   511  C CG1 . VAL A 1 72  ? -6.30509  1.90654   -13.84267 1.000 15.82663 ? 69  VAL A CG1 1 
ATOM   512  C CG2 . VAL A 1 72  ? -7.19159  3.61529   -12.23580 1.000 11.08105 ? 69  VAL A CG2 1 
ATOM   513  N N   . GLY A 1 73  ? -3.11073  1.62661   -13.09269 1.000 12.63170 ? 70  GLY A N   1 
ATOM   514  C CA  . GLY A 1 73  ? -2.02321  1.00154   -13.80920 1.000 12.45355 ? 70  GLY A CA  1 
ATOM   515  C C   . GLY A 1 73  ? -0.66059  1.22399   -13.19229 1.000 14.63962 ? 70  GLY A C   1 
ATOM   516  O O   . GLY A 1 73  ? 0.28519   0.51001   -13.54645 1.000 13.83544 ? 70  GLY A O   1 
ATOM   517  N N   . GLU A 1 74  ? -0.53853  2.18000   -12.27430 1.000 12.36320 ? 71  GLU A N   1 
ATOM   518  C CA  . GLU A 1 74  ? 0.76172   2.53577   -11.73505 1.000 11.36993 ? 71  GLU A CA  1 
ATOM   519  C C   . GLU A 1 74  ? 1.27601   1.45126   -10.79928 1.000 11.51496 ? 71  GLU A C   1 
ATOM   520  O O   . GLU A 1 74  ? 0.51897   0.85176   -10.03463 1.000 11.66144 ? 71  GLU A O   1 
ATOM   521  C CB  . GLU A 1 74  ? 0.68477   3.86928   -10.98370 1.000 12.60098 ? 71  GLU A CB  1 
ATOM   522  C CG  . GLU A 1 74  ? 2.04858   4.38700   -10.51126 1.000 11.74812 ? 71  GLU A CG  1 
ATOM   523  C CD  . GLU A 1 74  ? 2.01166   5.84298   -10.08437 1.000 15.61418 ? 71  GLU A CD  1 
ATOM   524  O OE1 . GLU A 1 74  ? 0.91922   6.44413   -10.08507 1.000 13.53461 ? 71  GLU A OE1 1 
ATOM   525  O OE2 . GLU A 1 74  ? 3.07954   6.39201   -9.74634  1.000 13.87685 ? 71  GLU A OE2 1 
ATOM   526  N N   . LYS A 1 75  ? 2.57488   1.19795   -10.87085 1.000 14.43374 ? 72  LYS A N   1 
ATOM   527  C CA  . LYS A 1 75  ? 3.27797   0.38662   -9.88769  1.000 12.95248 ? 72  LYS A CA  1 
ATOM   528  C C   . LYS A 1 75  ? 4.26320   1.27962   -9.14668  1.000 11.99649 ? 72  LYS A C   1 
ATOM   529  O O   . LYS A 1 75  ? 5.02457   2.02640   -9.77199  1.000 13.66958 ? 72  LYS A O   1 
ATOM   530  C CB  . LYS A 1 75  ? 4.00971   -0.78184  -10.54850 1.000 13.76886 ? 72  LYS A CB  1 
ATOM   531  C CG  . LYS A 1 75  ? 4.85818   -1.60472  -9.57408  1.000 16.63619 ? 72  LYS A CG  1 
ATOM   532  C CD  . LYS A 1 75  ? 4.82855   -3.09432  -9.92112  1.000 21.76011 ? 72  LYS A CD  1 
ATOM   533  C CE  . LYS A 1 75  ? 5.51446   -3.35537  -11.24899 1.000 24.35559 ? 72  LYS A CE  1 
ATOM   534  N NZ  . LYS A 1 75  ? 5.65131   -4.81886  -11.57216 1.000 22.14593 ? 72  LYS A NZ  1 
ATOM   535  N N   . ALA A 1 76  ? 4.23354   1.21824   -7.82129  1.000 12.46912 ? 73  ALA A N   1 
ATOM   536  C CA  . ALA A 1 76  ? 5.07922   2.08346   -7.01119  1.000 12.27796 ? 73  ALA A CA  1 
ATOM   537  C C   . ALA A 1 76  ? 5.32631   1.40585   -5.67842  1.000 13.30802 ? 73  ALA A C   1 
ATOM   538  O O   . ALA A 1 76  ? 4.61717   0.47597   -5.29665  1.000 11.20321 ? 73  ALA A O   1 
ATOM   539  C CB  . ALA A 1 76  ? 4.44305   3.46357   -6.78916  1.000 11.40182 ? 73  ALA A CB  1 
ATOM   540  N N   . ARG A 1 77  ? 6.35126   1.87502   -4.97564  1.000 10.32159 ? 74  ARG A N   1 
ATOM   541  C CA  . ARG A 1 77  ? 6.60990   1.44734   -3.61227  1.000 11.07657 ? 74  ARG A CA  1 
ATOM   542  C C   . ARG A 1 77  ? 6.06739   2.51115   -2.66605  1.000 15.43135 ? 74  ARG A C   1 
ATOM   543  O O   . ARG A 1 77  ? 6.38667   3.69629   -2.80802  1.000 13.35079 ? 74  ARG A O   1 
ATOM   544  C CB  . ARG A 1 77  ? 8.10557   1.20367   -3.38380  1.000 12.72381 ? 74  ARG A CB  1 
ATOM   545  C CG  . ARG A 1 77  ? 8.53265   -0.23388  -3.72277  1.000 14.36724 ? 74  ARG A CG  1 
ATOM   546  C CD  . ARG A 1 77  ? 9.99569   -0.52909  -3.36900  1.000 14.99903 ? 74  ARG A CD  1 
ATOM   547  N NE  . ARG A 1 77  ? 10.89321  -0.00161  -4.39702  1.000 15.03675 ? 74  ARG A NE  1 
ATOM   548  C CZ  . ARG A 1 77  ? 11.23273  -0.65595  -5.50337  1.000 17.63560 ? 74  ARG A CZ  1 
ATOM   549  N NH1 . ARG A 1 77  ? 10.77155  -1.87947  -5.72837  1.000 18.38824 ? 74  ARG A NH1 1 
ATOM   550  N NH2 . ARG A 1 77  ? 12.02878  -0.08010  -6.39051  1.000 17.52052 ? 74  ARG A NH2 1 
ATOM   551  N N   . LEU A 1 78  ? 5.19657   2.09176   -1.74552  1.000 12.46835 ? 75  LEU A N   1 
ATOM   552  C CA  . LEU A 1 78  ? 4.68293   2.94940   -0.68030  1.000 12.20848 ? 75  LEU A CA  1 
ATOM   553  C C   . LEU A 1 78  ? 5.49664   2.63049   0.56665   1.000 13.63787 ? 75  LEU A C   1 
ATOM   554  O O   . LEU A 1 78  ? 5.29644   1.59096   1.20095   1.000 14.14021 ? 75  LEU A O   1 
ATOM   555  C CB  . LEU A 1 78  ? 3.19162   2.71633   -0.43990  1.000 10.90852 ? 75  LEU A CB  1 
ATOM   556  C CG  . LEU A 1 78  ? 2.21118   2.98098   -1.58204  1.000 13.04908 ? 75  LEU A CG  1 
ATOM   557  C CD1 . LEU A 1 78  ? 0.78113   2.89820   -1.08095  1.000 14.19031 ? 75  LEU A CD1 1 
ATOM   558  C CD2 . LEU A 1 78  ? 2.48154   4.32477   -2.24399  1.000 13.74713 ? 75  LEU A CD2 1 
ATOM   559  N N   . ILE A 1 79  ? 6.42261   3.51699   0.91341   1.000 11.89890 ? 76  ILE A N   1 
ATOM   560  C CA  . ILE A 1 79  ? 7.31070   3.30618   2.04734   1.000 11.66186 ? 76  ILE A CA  1 
ATOM   561  C C   . ILE A 1 79  ? 6.73990   4.06891   3.23031   1.000 13.90371 ? 76  ILE A C   1 
ATOM   562  O O   . ILE A 1 79  ? 6.67083   5.30249   3.20782   1.000 13.52573 ? 76  ILE A O   1 
ATOM   563  C CB  . ILE A 1 79  ? 8.74390   3.74182   1.72929   1.000 15.53606 ? 76  ILE A CB  1 
ATOM   564  C CG1 . ILE A 1 79  ? 9.28931   2.90447   0.56702   1.000 14.93584 ? 76  ILE A CG1 1 
ATOM   565  C CG2 . ILE A 1 79  ? 9.61680   3.62875   2.97487   1.000 16.16402 ? 76  ILE A CG2 1 
ATOM   566  C CD1 . ILE A 1 79  ? 10.30908  3.64283   -0.27575  1.000 20.53609 ? 76  ILE A CD1 1 
ATOM   567  N N   . CYS A 1 80  ? 6.34163   3.33077   4.26800   1.000 11.77277 ? 77  CYS A N   1 
ATOM   568  C CA  . CYS A 1 80  ? 5.54826   3.86229   5.36941   1.000 11.99810 ? 77  CYS A CA  1 
ATOM   569  C C   . CYS A 1 80  ? 6.36455   3.84831   6.65300   1.000 12.81067 ? 77  CYS A C   1 
ATOM   570  O O   . CYS A 1 80  ? 6.87099   2.79742   7.05357   1.000 13.59680 ? 77  CYS A O   1 
ATOM   571  C CB  . CYS A 1 80  ? 4.27804   3.02093   5.57222   1.000 12.80847 ? 77  CYS A CB  1 
ATOM   572  S SG  . CYS A 1 80  ? 3.22741   2.92492   4.11204   1.000 18.32608 ? 77  CYS A SG  1 
ATOM   573  N N   . THR A 1 81  ? 6.46547   4.99299   7.31583   1.000 13.81413 ? 78  THR A N   1 
ATOM   574  C CA  . THR A 1 81  ? 7.04046   4.96106   8.65191   1.000 13.80102 ? 78  THR A CA  1 
ATOM   575  C C   . THR A 1 81  ? 6.01304   4.36636   9.61914   1.000 12.53327 ? 78  THR A C   1 
ATOM   576  O O   . THR A 1 81  ? 4.83283   4.23085   9.28971   1.000 13.51674 ? 78  THR A O   1 
ATOM   577  C CB  . THR A 1 81  ? 7.48431   6.35870   9.07342   1.000 14.14248 ? 78  THR A CB  1 
ATOM   578  O OG1 . THR A 1 81  ? 6.39900   7.26924   8.91129   1.000 16.52344 ? 78  THR A OG1 1 
ATOM   579  C CG2 . THR A 1 81  ? 8.66663   6.84331   8.20315   1.000 13.76312 ? 78  THR A CG2 1 
ATOM   580  N N   . HIS A 1 82  ? 6.46930   3.96530   10.81054  1.000 13.65749 ? 79  HIS A N   1 
ATOM   581  C CA  . HIS A 1 82  ? 5.59716   3.13402   11.64291  1.000 14.91693 ? 79  HIS A CA  1 
ATOM   582  C C   . HIS A 1 82  ? 4.32962   3.87112   12.06159  1.000 16.94335 ? 79  HIS A C   1 
ATOM   583  O O   . HIS A 1 82  ? 3.27443   3.23920   12.22783  1.000 14.51659 ? 79  HIS A O   1 
ATOM   584  C CB  . HIS A 1 82  ? 6.35344   2.58197   12.85873  1.000 12.45611 ? 79  HIS A CB  1 
ATOM   585  C CG  . HIS A 1 82  ? 6.82744   3.61701   13.83414  1.000 17.85906 ? 79  HIS A CG  1 
ATOM   586  N ND1 . HIS A 1 82  ? 5.99716   4.19765   14.76934  1.000 16.11634 ? 79  HIS A ND1 1 
ATOM   587  C CD2 . HIS A 1 82  ? 8.06212   4.12803   14.06112  1.000 17.38118 ? 79  HIS A CD2 1 
ATOM   588  C CE1 . HIS A 1 82  ? 6.69102   5.04428   15.50867  1.000 19.29594 ? 79  HIS A CE1 1 
ATOM   589  N NE2 . HIS A 1 82  ? 7.94825   5.01939   15.10051  1.000 18.00328 ? 79  HIS A NE2 1 
ATOM   590  N N   . ASP A 1 83  ? 4.39026   5.19892   12.19041  1.000 14.50757 ? 80  ASP A N   1 
ATOM   591  C CA  . ASP A 1 83  ? 3.18846   5.96203   12.51064  1.000 18.01312 ? 80  ASP A CA  1 
ATOM   592  C C   . ASP A 1 83  ? 2.20104   6.00950   11.35190  1.000 19.27140 ? 80  ASP A C   1 
ATOM   593  O O   . ASP A 1 83  ? 1.06670   6.46624   11.54253  1.000 19.25027 ? 80  ASP A O   1 
ATOM   594  C CB  . ASP A 1 83  ? 3.55456   7.38267   12.96182  1.000 21.31761 ? 80  ASP A CB  1 
ATOM   595  C CG  . ASP A 1 83  ? 4.27361   8.17990   11.89208  1.000 22.31048 ? 80  ASP A CG  1 
ATOM   596  O OD1 . ASP A 1 83  ? 5.19698   7.64122   11.24799  1.000 21.78686 ? 80  ASP A OD1 1 
ATOM   597  O OD2 . ASP A 1 83  ? 3.92304   9.36012   11.70374  1.000 27.98585 ? 80  ASP A OD2 1 
ATOM   598  N N   . TYR A 1 84  ? 2.58896   5.52613   10.17295  1.000 13.18197 ? 81  TYR A N   1 
ATOM   599  C CA  . TYR A 1 84  ? 1.66628   5.33738   9.06266   1.000 13.21987 ? 81  TYR A CA  1 
ATOM   600  C C   . TYR A 1 84  ? 1.38805   3.86348   8.79004   1.000 14.21768 ? 81  TYR A C   1 
ATOM   601  O O   . TYR A 1 84  ? 0.84091   3.52725   7.73678   1.000 13.20230 ? 81  TYR A O   1 
ATOM   602  C CB  . TYR A 1 84  ? 2.20770   6.02256   7.80944   1.000 18.50126 ? 81  TYR A CB  1 
ATOM   603  C CG  . TYR A 1 84  ? 1.85772   7.48759   7.77998   1.000 21.47952 ? 81  TYR A CG  1 
ATOM   604  C CD1 . TYR A 1 84  ? 2.38022   8.36230   8.72319   1.000 25.53974 ? 81  TYR A CD1 1 
ATOM   605  C CD2 . TYR A 1 84  ? 0.98414   7.99163   6.83209   1.000 23.20002 ? 81  TYR A CD2 1 
ATOM   606  C CE1 . TYR A 1 84  ? 2.04529   9.70245   8.71439   1.000 30.68050 ? 81  TYR A CE1 1 
ATOM   607  C CE2 . TYR A 1 84  ? 0.64476   9.32242   6.81551   1.000 26.48539 ? 81  TYR A CE2 1 
ATOM   608  C CZ  . TYR A 1 84  ? 1.17127   10.17267  7.75921   1.000 31.48992 ? 81  TYR A CZ  1 
ATOM   609  O OH  . TYR A 1 84  ? 0.83258   11.50541  7.73333   1.000 38.90380 ? 81  TYR A OH  1 
ATOM   610  N N   . ALA A 1 85  ? 1.74971   2.98135   9.72113   1.000 14.57704 ? 82  ALA A N   1 
ATOM   611  C CA  . ALA A 1 85  ? 1.55842   1.54665   9.55903   1.000 11.91275 ? 82  ALA A CA  1 
ATOM   612  C C   . ALA A 1 85  ? 1.09211   0.95279   10.88136  1.000 12.54286 ? 82  ALA A C   1 
ATOM   613  O O   . ALA A 1 85  ? -0.00512  1.27532   11.33781  1.000 13.85772 ? 82  ALA A O   1 
ATOM   614  C CB  . ALA A 1 85  ? 2.85012   0.89315   9.05760   1.000 14.47536 ? 82  ALA A CB  1 
ATOM   615  N N   . TYR A 1 86  ? 1.91296   0.12578   11.53034  1.000 12.37250 ? 83  TYR A N   1 
ATOM   616  C CA  . TYR A 1 86  ? 1.47803   -0.58104  12.72935  1.000 12.91297 ? 83  TYR A CA  1 
ATOM   617  C C   . TYR A 1 86  ? 2.05505   -0.01712  14.02218  1.000 14.98005 ? 83  TYR A C   1 
ATOM   618  O O   . TYR A 1 86  ? 1.80945   -0.58339  15.09581  1.000 14.43929 ? 83  TYR A O   1 
ATOM   619  C CB  . TYR A 1 86  ? 1.78866   -2.07774  12.57912  1.000 12.22580 ? 83  TYR A CB  1 
ATOM   620  C CG  . TYR A 1 86  ? 0.95667   -2.64858  11.46034  1.000 12.04384 ? 83  TYR A CG  1 
ATOM   621  C CD1 . TYR A 1 86  ? -0.41984  -2.80877  11.61055  1.000 14.14699 ? 83  TYR A CD1 1 
ATOM   622  C CD2 . TYR A 1 86  ? 1.52069   -2.94506  10.22022  1.000 13.98404 ? 83  TYR A CD2 1 
ATOM   623  C CE1 . TYR A 1 86  ? -1.20824  -3.29266  10.56967  1.000 14.50265 ? 83  TYR A CE1 1 
ATOM   624  C CE2 . TYR A 1 86  ? 0.73878   -3.43163  9.17138   1.000 14.83339 ? 83  TYR A CE2 1 
ATOM   625  C CZ  . TYR A 1 86  ? -0.62436  -3.59893  9.35342   1.000 13.75305 ? 83  TYR A CZ  1 
ATOM   626  O OH  . TYR A 1 86  ? -1.41256  -4.07970  8.33123   1.000 17.30343 ? 83  TYR A OH  1 
ATOM   627  N N   . GLY A 1 87  ? 2.79372   1.08963   13.95357  1.000 11.98079 ? 84  GLY A N   1 
ATOM   628  C CA  . GLY A 1 87  ? 3.08228   1.87787   15.13114  1.000 13.96299 ? 84  GLY A CA  1 
ATOM   629  C C   . GLY A 1 87  ? 3.88206   1.14179   16.18829  1.000 13.82989 ? 84  GLY A C   1 
ATOM   630  O O   . GLY A 1 87  ? 4.71690   0.26952   15.91131  1.000 14.01310 ? 84  GLY A O   1 
ATOM   631  N N   . GLU A 1 88  ? 3.59386   1.49777   17.44127  1.000 13.12988 ? 85  GLU A N   1 
ATOM   632  C CA  . GLU A 1 88  ? 4.34861   0.97697   18.57357  1.000 13.73170 ? 85  GLU A CA  1 
ATOM   633  C C   . GLU A 1 88  ? 4.03359   -0.48397  18.84857  1.000 17.66046 ? 85  GLU A C   1 
ATOM   634  O O   . GLU A 1 88  ? 4.88155   -1.20949  19.38047  1.000 13.72591 ? 85  GLU A O   1 
ATOM   635  C CB  . GLU A 1 88  ? 4.05585   1.82317   19.81207  1.000 15.51592 ? 85  GLU A CB  1 
ATOM   636  C CG  . GLU A 1 88  ? 4.46928   3.28092   19.65396  1.000 19.68101 ? 85  GLU A CG  1 
ATOM   637  C CD  . GLU A 1 88  ? 5.96353   3.44449   19.68108  1.000 19.43162 ? 85  GLU A CD  1 
ATOM   638  O OE1 . GLU A 1 88  ? 6.62505   2.62663   20.35146  1.000 23.14767 ? 85  GLU A OE1 1 
ATOM   639  O OE2 . GLU A 1 88  ? 6.48493   4.38709   19.03598  1.000 21.70241 ? 85  GLU A OE2 1 
ATOM   640  N N   . ARG A 1 89  ? 2.82894   -0.93282  18.49581  1.000 14.33207 ? 86  ARG A N   1 
ATOM   641  C CA  . ARG A 1 89  ? 2.42020   -2.29160  18.81864  1.000 15.97251 ? 86  ARG A CA  1 
ATOM   642  C C   . ARG A 1 89  ? 2.91850   -3.31335  17.80624  1.000 15.94916 ? 86  ARG A C   1 
ATOM   643  O O   . ARG A 1 89  ? 3.05864   -4.48953  18.15415  1.000 17.93561 ? 86  ARG A O   1 
ATOM   644  C CB  . ARG A 1 89  ? 0.89604   -2.37676  18.91512  1.000 12.82394 ? 86  ARG A CB  1 
ATOM   645  C CG  . ARG A 1 89  ? 0.30392   -1.59552  20.08637  1.000 13.89379 ? 86  ARG A CG  1 
ATOM   646  C CD  . ARG A 1 89  ? -1.19653  -1.89573  20.23298  1.000 13.65519 ? 86  ARG A CD  1 
ATOM   647  N NE  . ARG A 1 89  ? -2.02198  -1.17383  19.25982  1.000 13.58546 ? 86  ARG A NE  1 
ATOM   648  C CZ  . ARG A 1 89  ? -3.28077  -1.48611  18.96822  1.000 14.99946 ? 86  ARG A CZ  1 
ATOM   649  N NH1 . ARG A 1 89  ? -3.86907  -2.51366  19.57392  1.000 11.89860 ? 86  ARG A NH1 1 
ATOM   650  N NH2 . ARG A 1 89  ? -3.95798  -0.76718  18.07815  1.000 15.01679 ? 86  ARG A NH2 1 
ATOM   651  N N   . GLY A 1 90  ? 3.17094   -2.90241  16.55965  1.000 12.39103 ? 87  GLY A N   1 
ATOM   652  C CA  . GLY A 1 90  ? 3.49017   -3.87236  15.52331  1.000 11.48368 ? 87  GLY A CA  1 
ATOM   653  C C   . GLY A 1 90  ? 2.27307   -4.73495  15.20533  1.000 14.74989 ? 87  GLY A C   1 
ATOM   654  O O   . GLY A 1 90  ? 1.12972   -4.41922  15.56991  1.000 12.06400 ? 87  GLY A O   1 
ATOM   655  N N   . TYR A 1 91  ? 2.52888   -5.83929  14.50490  1.000 15.91197 ? 88  TYR A N   1 
ATOM   656  C CA  . TYR A 1 91  ? 1.47942   -6.82785  14.24248  1.000 16.33274 ? 88  TYR A CA  1 
ATOM   657  C C   . TYR A 1 91  ? 1.93933   -8.18564  14.75423  1.000 18.74442 ? 88  TYR A C   1 
ATOM   658  O O   . TYR A 1 91  ? 2.96404   -8.70513  14.27588  1.000 17.49853 ? 88  TYR A O   1 
ATOM   659  C CB  . TYR A 1 91  ? 1.08273   -6.93081  12.75592  1.000 13.29003 ? 88  TYR A CB  1 
ATOM   660  C CG  . TYR A 1 91  ? -0.30217  -7.56958  12.66461  1.000 15.14281 ? 88  TYR A CG  1 
ATOM   661  C CD1 . TYR A 1 91  ? -0.46041  -8.95139  12.72584  1.000 16.82984 ? 88  TYR A CD1 1 
ATOM   662  C CD2 . TYR A 1 91  ? -1.45004  -6.78383  12.63545  1.000 17.55690 ? 88  TYR A CD2 1 
ATOM   663  C CE1 . TYR A 1 91  ? -1.72976  -9.53560  12.70996  1.000 17.92251 ? 88  TYR A CE1 1 
ATOM   664  C CE2 . TYR A 1 91  ? -2.72407  -7.36058  12.62264  1.000 14.14116 ? 88  TYR A CE2 1 
ATOM   665  C CZ  . TYR A 1 91  ? -2.85001  -8.73372  12.65752  1.000 14.90001 ? 88  TYR A CZ  1 
ATOM   666  O OH  . TYR A 1 91  ? -4.10450  -9.30388  12.64570  1.000 15.03464 ? 88  TYR A OH  1 
ATOM   667  N N   . PRO A 1 92  ? 1.21393   -8.79695  15.69178  1.000 18.54895 ? 89  PRO A N   1 
ATOM   668  C CA  . PRO A 1 92  ? 1.70453   -10.01850 16.34497  1.000 18.28277 ? 89  PRO A CA  1 
ATOM   669  C C   . PRO A 1 92  ? 2.09954   -11.09352 15.34650  1.000 19.74690 ? 89  PRO A C   1 
ATOM   670  O O   . PRO A 1 92  ? 1.39727   -11.34529 14.36683  1.000 18.01360 ? 89  PRO A O   1 
ATOM   671  C CB  . PRO A 1 92  ? 0.51496   -10.45452 17.20397  1.000 22.00343 ? 89  PRO A CB  1 
ATOM   672  C CG  . PRO A 1 92  ? -0.16914  -9.16328  17.54589  1.000 24.15107 ? 89  PRO A CG  1 
ATOM   673  C CD  . PRO A 1 92  ? -0.04385  -8.31918  16.29195  1.000 17.17620 ? 89  PRO A CD  1 
ATOM   674  N N   . GLY A 1 93  ? 3.26188   -11.69972 15.59076  1.000 24.32557 ? 90  GLY A N   1 
ATOM   675  C CA  . GLY A 1 93  ? 3.81270   -12.74652 14.75927  1.000 22.62465 ? 90  GLY A CA  1 
ATOM   676  C C   . GLY A 1 93  ? 4.28973   -12.32003 13.39069  1.000 24.72295 ? 90  GLY A C   1 
ATOM   677  O O   . GLY A 1 93  ? 4.75134   -13.17702 12.62854  1.000 23.73330 ? 90  GLY A O   1 
ATOM   678  N N   . LEU A 1 94  ? 4.21170   -11.03186 13.04840  1.000 17.70527 ? 91  LEU A N   1 
ATOM   679  C CA  . LEU A 1 94  ? 4.50929   -10.61471 11.67991  1.000 19.24048 ? 91  LEU A CA  1 
ATOM   680  C C   . LEU A 1 94  ? 5.40011   -9.37810  11.61575  1.000 19.04651 ? 91  LEU A C   1 
ATOM   681  O O   . LEU A 1 94  ? 6.42389   -9.39221  10.92793  1.000 16.20896 ? 91  LEU A O   1 
ATOM   682  C CB  . LEU A 1 94  ? 3.21044   -10.34410 10.91688  1.000 19.51305 ? 91  LEU A CB  1 
ATOM   683  C CG  . LEU A 1 94  ? 3.03556   -10.84193 9.48360   1.000 27.25506 ? 91  LEU A CG  1 
ATOM   684  C CD1 . LEU A 1 94  ? 3.50021   -12.28908 9.33348   1.000 27.41056 ? 91  LEU A CD1 1 
ATOM   685  C CD2 . LEU A 1 94  ? 1.57785   -10.71022 9.06515   1.000 25.81607 ? 91  LEU A CD2 1 
ATOM   686  N N   . ILE A 1 95  ? 5.01750   -8.31024  12.30549  1.000 14.97794 ? 92  ILE A N   1 
ATOM   687  C CA  . ILE A 1 95  ? 5.63502   -6.99548  12.16088  1.000 13.90233 ? 92  ILE A CA  1 
ATOM   688  C C   . ILE A 1 95  ? 6.13432   -6.55684  13.53139  1.000 16.77300 ? 92  ILE A C   1 
ATOM   689  O O   . ILE A 1 95  ? 5.35436   -6.54836  14.48462  1.000 14.98934 ? 92  ILE A O   1 
ATOM   690  C CB  . ILE A 1 95  ? 4.65560   -5.94872  11.59889  1.000 15.26727 ? 92  ILE A CB  1 
ATOM   691  C CG1 . ILE A 1 95  ? 3.98720   -6.46689  10.32621  1.000 19.05215 ? 92  ILE A CG1 1 
ATOM   692  C CG2 . ILE A 1 95  ? 5.36439   -4.63651  11.32280  1.000 13.85084 ? 92  ILE A CG2 1 
ATOM   693  C CD1 . ILE A 1 95  ? 4.85068   -6.34676  9.11009   1.000 17.64027 ? 92  ILE A CD1 1 
ATOM   694  N N   . PRO A 1 96  ? 7.40557   -6.17744  13.67379  1.000 17.91561 ? 93  PRO A N   1 
ATOM   695  C CA  . PRO A 1 96  ? 7.91269   -5.73213  14.97695  1.000 15.80703 ? 93  PRO A CA  1 
ATOM   696  C C   . PRO A 1 96  ? 7.41882   -4.33854  15.31578  1.000 14.16157 ? 93  PRO A C   1 
ATOM   697  O O   . PRO A 1 96  ? 6.94631   -3.60380  14.43511  1.000 13.32974 ? 93  PRO A O   1 
ATOM   698  C CB  . PRO A 1 96  ? 9.43972   -5.74069  14.79184  1.000 20.14632 ? 93  PRO A CB  1 
ATOM   699  C CG  . PRO A 1 96  ? 9.67722   -5.69685  13.33866  1.000 21.64899 ? 93  PRO A CG  1 
ATOM   700  C CD  . PRO A 1 96  ? 8.42912   -6.11039  12.61147  1.000 17.56208 ? 93  PRO A CD  1 
ATOM   701  N N   . PRO A 1 97  ? 7.53770   -3.92870  16.57735  1.000 17.98522 ? 94  PRO A N   1 
ATOM   702  C CA  . PRO A 1 97  ? 7.23614   -2.53712  16.93316  1.000 10.82610 ? 94  PRO A CA  1 
ATOM   703  C C   . PRO A 1 97  ? 8.08536   -1.56823  16.12256  1.000 14.17976 ? 94  PRO A C   1 
ATOM   704  O O   . PRO A 1 97  ? 9.22634   -1.86668  15.76330  1.000 15.08547 ? 94  PRO A O   1 
ATOM   705  C CB  . PRO A 1 97  ? 7.59280   -2.46660  18.42623  1.000 16.83581 ? 94  PRO A CB  1 
ATOM   706  C CG  . PRO A 1 97  ? 7.58109   -3.88501  18.90430  1.000 22.94124 ? 94  PRO A CG  1 
ATOM   707  C CD  . PRO A 1 97  ? 8.01836   -4.70880  17.73194  1.000 22.57342 ? 94  PRO A CD  1 
ATOM   708  N N   . LYS A 1 98  ? 7.49670   -0.41124  15.81073  1.000 12.51716 ? 95  LYS A N   1 
ATOM   709  C CA  . LYS A 1 98  ? 8.20315   0.71740   15.19557  1.000 14.96947 ? 95  LYS A CA  1 
ATOM   710  C C   . LYS A 1 98  ? 8.76206   0.39198   13.80401  1.000 16.88348 ? 95  LYS A C   1 
ATOM   711  O O   . LYS A 1 98  ? 9.74470   0.99207   13.37173  1.000 17.93030 ? 95  LYS A O   1 
ATOM   712  C CB  . LYS A 1 98  ? 9.33516   1.21836   16.09995  1.000 16.10877 ? 95  LYS A CB  1 
ATOM   713  C CG  . LYS A 1 98  ? 8.89093   1.98962   17.33205  1.000 18.38625 ? 95  LYS A CG  1 
ATOM   714  C CD  . LYS A 1 98  ? 10.11493  2.40237   18.13273  1.000 19.21710 ? 95  LYS A CD  1 
ATOM   715  C CE  . LYS A 1 98  ? 9.74232   3.01524   19.46631  1.000 19.77825 ? 95  LYS A CE  1 
ATOM   716  N NZ  . LYS A 1 98  ? 8.96891   4.26760   19.28751  1.000 22.09134 ? 95  LYS A NZ  1 
ATOM   717  N N   . ALA A 1 99  ? 8.15184   -0.52103  13.05574  1.000 12.31033 ? 96  ALA A N   1 
ATOM   718  C CA  . ALA A 1 99  ? 8.74686   -0.96966  11.79861  1.000 12.88587 ? 96  ALA A CA  1 
ATOM   719  C C   . ALA A 1 99  ? 8.38038   -0.04657  10.63853  1.000 12.11019 ? 96  ALA A C   1 
ATOM   720  O O   . ALA A 1 99  ? 7.20502   0.29046   10.44264  1.000 13.99963 ? 96  ALA A O   1 
ATOM   721  C CB  . ALA A 1 99  ? 8.31704   -2.39869  11.47399  1.000 13.66172 ? 96  ALA A CB  1 
ATOM   722  N N   . THR A 1 100 ? 9.39678   0.35802   9.87705   1.000 14.36167 ? 97  THR A N   1 
ATOM   723  C CA  . THR A 1 100 ? 9.20422   0.92810   8.54799   1.000 10.66844 ? 97  THR A CA  1 
ATOM   724  C C   . THR A 1 100 ? 8.86173   -0.19224  7.57511   1.000 12.25086 ? 97  THR A C   1 
ATOM   725  O O   . THR A 1 100 ? 9.54123   -1.21912  7.54314   1.000 13.83266 ? 97  THR A O   1 
ATOM   726  C CB  . THR A 1 100 ? 10.47241  1.65547   8.08665   1.000 12.03562 ? 97  THR A CB  1 
ATOM   727  O OG1 . THR A 1 100 ? 10.70033  2.80238   8.91656   1.000 13.44918 ? 97  THR A OG1 1 
ATOM   728  C CG2 . THR A 1 100 ? 10.34711  2.09677   6.63085   1.000 11.68002 ? 97  THR A CG2 1 
ATOM   729  N N   . LEU A 1 101 ? 7.80582   -0.00187  6.78695   1.000 12.29794 ? 98  LEU A N   1 
ATOM   730  C CA  . LEU A 1 101 ? 7.30290   -1.04444  5.91017   1.000 11.58832 ? 98  LEU A CA  1 
ATOM   731  C C   . LEU A 1 101 ? 7.30448   -0.56543  4.47036   1.000 9.34160  ? 98  LEU A C   1 
ATOM   732  O O   . LEU A 1 101 ? 7.09036   0.61495   4.19301   1.000 15.47760 ? 98  LEU A O   1 
ATOM   733  C CB  . LEU A 1 101 ? 5.87193   -1.47063  6.29255   1.000 9.93140  ? 98  LEU A CB  1 
ATOM   734  C CG  . LEU A 1 101 ? 5.69123   -2.02576  7.70464   1.000 11.74231 ? 98  LEU A CG  1 
ATOM   735  C CD1 . LEU A 1 101 ? 4.26869   -2.55431  7.86626   1.000 14.57728 ? 98  LEU A CD1 1 
ATOM   736  C CD2 . LEU A 1 101 ? 6.71869   -3.11064  7.97531   1.000 11.06292 ? 98  LEU A CD2 1 
ATOM   737  N N   . ASN A 1 102 ? 7.55709   -1.49601  3.56230   1.000 12.22544 ? 99  ASN A N   1 
ATOM   738  C CA  . ASN A 1 102 ? 7.47685   -1.25761  2.12854   1.000 9.92793  ? 99  ASN A CA  1 
ATOM   739  C C   . ASN A 1 102 ? 6.29225   -2.04143  1.57743   1.000 13.46132 ? 99  ASN A C   1 
ATOM   740  O O   . ASN A 1 102 ? 6.14006   -3.22665  1.88657   1.000 13.11200 ? 99  ASN A O   1 
ATOM   741  C CB  . ASN A 1 102 ? 8.76087   -1.70269  1.43385   1.000 12.08838 ? 99  ASN A CB  1 
ATOM   742  C CG  . ASN A 1 102 ? 8.62470   -1.70287  -0.06987  1.000 12.31509 ? 99  ASN A CG  1 
ATOM   743  O OD1 . ASN A 1 102 ? 8.14841   -0.72631  -0.64223  1.000 18.61126 ? 99  ASN A OD1 1 
ATOM   744  N ND2 . ASN A 1 102 ? 9.00979   -2.80430  -0.71926  1.000 11.74590 ? 99  ASN A ND2 1 
ATOM   745  N N   . PHE A 1 103 ? 5.44202   -1.37732  0.79503   1.000 9.94234  ? 100 PHE A N   1 
ATOM   746  C CA  . PHE A 1 103 ? 4.41338   -2.04621  0.00694   1.000 10.56031 ? 100 PHE A CA  1 
ATOM   747  C C   . PHE A 1 103 ? 4.65827   -1.69817  -1.45338  1.000 11.92999 ? 100 PHE A C   1 
ATOM   748  O O   . PHE A 1 103 ? 4.46909   -0.54524  -1.85891  1.000 12.75390 ? 100 PHE A O   1 
ATOM   749  C CB  . PHE A 1 103 ? 3.00850   -1.61889  0.42667   1.000 10.42168 ? 100 PHE A CB  1 
ATOM   750  C CG  . PHE A 1 103 ? 2.59491   -2.13131  1.76117   1.000 11.05499 ? 100 PHE A CG  1 
ATOM   751  C CD1 . PHE A 1 103 ? 1.96615   -3.35960  1.88203   1.000 13.87727 ? 100 PHE A CD1 1 
ATOM   752  C CD2 . PHE A 1 103 ? 2.81601   -1.38213  2.89828   1.000 15.62194 ? 100 PHE A CD2 1 
ATOM   753  C CE1 . PHE A 1 103 ? 1.56487   -3.83538  3.12657   1.000 15.18100 ? 100 PHE A CE1 1 
ATOM   754  C CE2 . PHE A 1 103 ? 2.41991   -1.85216  4.14524   1.000 14.00104 ? 100 PHE A CE2 1 
ATOM   755  C CZ  . PHE A 1 103 ? 1.79666   -3.07892  4.25617   1.000 12.70048 ? 100 PHE A CZ  1 
ATOM   756  N N   . GLU A 1 104 ? 5.09564   -2.67855  -2.23522  1.000 10.18061 ? 101 GLU A N   1 
ATOM   757  C CA  . GLU A 1 104 ? 5.15266   -2.52214  -3.68307  1.000 9.55693  ? 101 GLU A CA  1 
ATOM   758  C C   . GLU A 1 104 ? 3.75178   -2.77686  -4.21687  1.000 13.17499 ? 101 GLU A C   1 
ATOM   759  O O   . GLU A 1 104 ? 3.29066   -3.92062  -4.20559  1.000 13.98732 ? 101 GLU A O   1 
ATOM   760  C CB  . GLU A 1 104 ? 6.15714   -3.49699  -4.29562  1.000 10.10060 ? 101 GLU A CB  1 
ATOM   761  C CG  . GLU A 1 104 ? 6.37887   -3.27681  -5.77980  1.000 14.01301 ? 101 GLU A CG  1 
ATOM   762  C CD  . GLU A 1 104 ? 7.14218   -4.41476  -6.42768  1.000 18.81426 ? 101 GLU A CD  1 
ATOM   763  O OE1 . GLU A 1 104 ? 8.34807   -4.54899  -6.13750  1.000 19.67191 ? 101 GLU A OE1 1 
ATOM   764  O OE2 . GLU A 1 104 ? 6.53360   -5.16871  -7.22522  1.000 17.85060 ? 101 GLU A OE2 1 
ATOM   765  N N   . VAL A 1 105 ? 3.06561   -1.72632  -4.67617  1.000 10.18676 ? 102 VAL A N   1 
ATOM   766  C CA  . VAL A 1 105 ? 1.65333   -1.84044  -5.02652  1.000 12.29591 ? 102 VAL A CA  1 
ATOM   767  C C   . VAL A 1 105 ? 1.46031   -1.56431  -6.50960  1.000 14.29731 ? 102 VAL A C   1 
ATOM   768  O O   . VAL A 1 105 ? 2.22557   -0.82774  -7.13517  1.000 12.03310 ? 102 VAL A O   1 
ATOM   769  C CB  . VAL A 1 105 ? 0.76378   -0.89052  -4.20347  1.000 12.13075 ? 102 VAL A CB  1 
ATOM   770  C CG1 . VAL A 1 105 ? 0.85585   -1.21594  -2.72345  1.000 12.92756 ? 102 VAL A CG1 1 
ATOM   771  C CG2 . VAL A 1 105 ? 1.14016   0.56733   -4.48966  1.000 12.03454 ? 102 VAL A CG2 1 
ATOM   772  N N   . GLU A 1 106 ? 0.41863   -2.16911  -7.07308  1.000 12.45900 ? 103 GLU A N   1 
ATOM   773  C CA  . GLU A 1 106 ? -0.00357  -1.89078  -8.43940  1.000 12.05644 ? 103 GLU A CA  1 
ATOM   774  C C   . GLU A 1 106 ? -1.49930  -1.62227  -8.42247  1.000 16.16843 ? 103 GLU A C   1 
ATOM   775  O O   . GLU A 1 106 ? -2.28018  -2.50185  -8.05059  1.000 14.06807 ? 103 GLU A O   1 
ATOM   776  C CB  . GLU A 1 106 ? 0.33634   -3.06119  -9.35421  1.000 14.29000 ? 103 GLU A CB  1 
ATOM   777  C CG  . GLU A 1 106 ? 0.00141   -2.83207  -10.80617 1.000 15.11633 ? 103 GLU A CG  1 
ATOM   778  C CD  . GLU A 1 106 ? 0.44649   -4.00212  -11.64975 1.000 22.54976 ? 103 GLU A CD  1 
ATOM   779  O OE1 . GLU A 1 106 ? 0.16917   -5.15562  -11.24603 1.000 23.87112 ? 103 GLU A OE1 1 
ATOM   780  O OE2 . GLU A 1 106 ? 1.08362   -3.77179  -12.69816 1.000 23.37642 ? 103 GLU A OE2 1 
ATOM   781  N N   . LEU A 1 107 ? -1.89166  -0.40148  -8.78248  1.000 15.42641 ? 104 LEU A N   1 
ATOM   782  C CA  . LEU A 1 107 ? -3.29304  -0.00100  -8.76170  1.000 12.03273 ? 104 LEU A CA  1 
ATOM   783  C C   . LEU A 1 107 ? -3.95859  -0.50958  -10.03164 1.000 14.04990 ? 104 LEU A C   1 
ATOM   784  O O   . LEU A 1 107 ? -3.61838  -0.06122  -11.13081 1.000 17.62596 ? 104 LEU A O   1 
ATOM   785  C CB  . LEU A 1 107 ? -3.41907  1.51533   -8.65986  1.000 10.17013 ? 104 LEU A CB  1 
ATOM   786  C CG  . LEU A 1 107 ? -4.85802  2.03180   -8.69477  1.000 14.49422 ? 104 LEU A CG  1 
ATOM   787  C CD1 . LEU A 1 107 ? -5.67951  1.44188   -7.54627  1.000 12.96469 ? 104 LEU A CD1 1 
ATOM   788  C CD2 . LEU A 1 107 ? -4.86915  3.56603   -8.64452  1.000 13.99179 ? 104 LEU A CD2 1 
ATOM   789  N N   . ILE A 1 108 ? -4.91055  -1.42871  -9.88877  1.000 11.16448 ? 105 ILE A N   1 
ATOM   790  C CA  . ILE A 1 108 ? -5.51179  -2.10668  -11.03628 1.000 13.60043 ? 105 ILE A CA  1 
ATOM   791  C C   . ILE A 1 108 ? -6.84841  -1.48680  -11.42918 1.000 16.04509 ? 105 ILE A C   1 
ATOM   792  O O   . ILE A 1 108 ? -7.15635  -1.37652  -12.62026 1.000 13.17686 ? 105 ILE A O   1 
ATOM   793  C CB  . ILE A 1 108 ? -5.65793  -3.61899  -10.74499 1.000 15.82807 ? 105 ILE A CB  1 
ATOM   794  C CG1 . ILE A 1 108 ? -4.28559  -4.29252  -10.77702 1.000 16.01783 ? 105 ILE A CG1 1 
ATOM   795  C CG2 . ILE A 1 108 ? -6.56939  -4.29764  -11.76212 1.000 11.39444 ? 105 ILE A CG2 1 
ATOM   796  C CD1 . ILE A 1 108 ? -4.23127  -5.57430  -9.98046  1.000 22.01342 ? 105 ILE A CD1 1 
ATOM   797  N N   . LYS A 1 109 ? -7.64074  -1.04985  -10.44807 1.000 13.52117 ? 106 LYS A N   1 
ATOM   798  C CA  . LYS A 1 109 ? -9.00482  -0.61895  -10.73215 1.000 15.15045 ? 106 LYS A CA  1 
ATOM   799  C C   . LYS A 1 109 ? -9.50130  0.31401   -9.63773  1.000 16.79184 ? 106 LYS A C   1 
ATOM   800  O O   . LYS A 1 109 ? -9.16602  0.14880   -8.46128  1.000 13.42091 ? 106 LYS A O   1 
ATOM   801  C CB  . LYS A 1 109 ? -9.96277  -1.81452  -10.86187 1.000 14.12701 ? 106 LYS A CB  1 
ATOM   802  C CG  . LYS A 1 109 ? -11.33146 -1.42842  -11.43748 1.000 15.79815 ? 106 LYS A CG  1 
ATOM   803  C CD  . LYS A 1 109 ? -12.25552 -2.62415  -11.61057 1.000 17.18321 ? 106 LYS A CD  1 
ATOM   804  C CE  . LYS A 1 109 ? -13.61688 -2.16138  -12.09349 1.000 24.39384 ? 106 LYS A CE  1 
ATOM   805  N NZ  . LYS A 1 109 ? -14.62206 -3.25123  -12.01569 1.000 32.36635 ? 106 LYS A NZ  1 
ATOM   806  N N   . ILE A 1 110 ? -10.32871 1.27834   -10.03925 1.000 14.87730 ? 107 ILE A N   1 
ATOM   807  C CA  . ILE A 1 110 ? -10.97594 2.20989   -9.12189  1.000 13.78820 ? 107 ILE A CA  1 
ATOM   808  C C   . ILE A 1 110 ? -12.48131 2.07902   -9.27877  1.000 18.10364 ? 107 ILE A C   1 
ATOM   809  O O   . ILE A 1 110 ? -12.99325 2.08559   -10.40397 1.000 16.81643 ? 107 ILE A O   1 
ATOM   810  C CB  . ILE A 1 110 ? -10.57174 3.66668   -9.39379  1.000 15.60589 ? 107 ILE A CB  1 
ATOM   811  C CG1 . ILE A 1 110 ? -9.08603  3.90406   -9.12173  1.000 15.97330 ? 107 ILE A CG1 1 
ATOM   812  C CG2 . ILE A 1 110 ? -11.42658 4.61704   -8.56832  1.000 15.61202 ? 107 ILE A CG2 1 
ATOM   813  C CD1 . ILE A 1 110 ? -8.70645  5.33664   -9.39639  1.000 17.33177 ? 107 ILE A CD1 1 
ATOM   814  N N   . ASN A 1 111 ? -13.18988 2.01623   -8.16027  1.000 19.45993 ? 108 ASN A N   1 
ATOM   815  C CA  . ASN A 1 111 ? -14.63001 2.23911   -8.20561  1.000 23.03222 ? 108 ASN A CA  1 
ATOM   816  C C   . ASN A 1 111 ? -15.06507 3.28907   -7.18308  1.000 21.87635 ? 108 ASN A C   1 
ATOM   817  O O   . ASN A 1 111 ? -15.15302 4.49150   -7.48441  1.000 22.20389 ? 108 ASN A O   1 
ATOM   818  C CB  . ASN A 1 111 ? -15.34051 0.92603   -7.99404  1.000 30.90840 ? 108 ASN A CB  1 
ATOM   819  C CG  . ASN A 1 111 ? -15.12916 -0.01300  -9.14722  1.000 28.94357 ? 108 ASN A CG  1 
ATOM   820  O OD1 . ASN A 1 111 ? -14.17639 -0.79755  -9.15994  1.000 25.91886 ? 108 ASN A OD1 1 
ATOM   821  N ND2 . ASN A 1 111 ? -16.00166 0.07634   -10.14170 1.000 28.23847 ? 108 ASN A ND2 1 
ATOM   822  O OXT . ASN A 1 111 ? -15.30599 2.97240   -6.02487  1.000 21.17472 ? 108 ASN A OXT 1 
HETATM 823  C C4  . R27 B 2 .   ? -4.63158  -1.65042  11.36746  1.000 15.23148 ? 201 R27 A C4  1 
HETATM 824  C C14 . R27 B 2 .   ? -3.39972  -4.62963  2.48962   1.000 15.08886 ? 201 R27 A C14 1 
HETATM 825  C C5  . R27 B 2 .   ? -5.07008  -3.09371  11.12049  1.000 15.32694 ? 201 R27 A C5  1 
HETATM 826  C C6  . R27 B 2 .   ? -5.42857  -3.21302  9.61641   1.000 16.19864 ? 201 R27 A C6  1 
HETATM 827  C C11 . R27 B 2 .   ? -2.57754  -3.22405  4.99295   1.000 15.29228 ? 201 R27 A C11 1 
HETATM 828  C C7  . R27 B 2 .   ? -5.00594  -4.35853  8.81141   1.000 12.66324 ? 201 R27 A C7  1 
HETATM 829  C C8  . R27 B 2 .   ? -4.19418  -5.53968  9.37524   1.000 13.73115 ? 201 R27 A C8  1 
HETATM 830  C C9  . R27 B 2 .   ? -5.43261  -4.37360  7.22364   1.000 13.39675 ? 201 R27 A C9  1 
HETATM 831  C C10 . R27 B 2 .   ? -3.74674  -3.17058  6.02197   1.000 13.25681 ? 201 R27 A C10 1 
HETATM 832  C C12 . R27 B 2 .   ? -1.00601  -5.29684  5.42086   1.000 15.35868 ? 201 R27 A C12 1 
HETATM 833  C C13 . R27 B 2 .   ? -3.06784  -5.45335  3.73620   1.000 14.74978 ? 201 R27 A C13 1 
HETATM 834  N N1  . R27 B 2 .   ? -2.19596  -4.69742  4.74270   1.000 16.62804 ? 201 R27 A N1  1 
HETATM 835  N N2  . R27 B 2 .   ? -10.20745 -6.96628  9.45816   1.000 20.00220 ? 201 R27 A N2  1 
HETATM 836  C C3  . R27 B 2 .   ? -2.84505  0.44318   12.49481  1.000 19.49828 ? 201 R27 A C3  1 
HETATM 837  N N3  . R27 B 2 .   ? -10.68725 -5.76299  8.87517   1.000 22.52840 ? 201 R27 A N3  1 
HETATM 838  C C1  . R27 B 2 .   ? -5.55423  -1.80974  13.70008  1.000 17.70887 ? 201 R27 A C1  1 
HETATM 839  C C15 . R27 B 2 .   ? -3.77544  -3.23701  2.75624   1.000 16.00119 ? 201 R27 A C15 1 
HETATM 840  C C16 . R27 B 2 .   ? -2.97463  -2.48032  3.72219   1.000 14.62372 ? 201 R27 A C16 1 
HETATM 841  C C17 . R27 B 2 .   ? -6.39171  -5.61578  6.96875   1.000 12.45661 ? 201 R27 A C17 1 
HETATM 842  C C18 . R27 B 2 .   ? -7.54537  -5.68469  8.06861   1.000 16.75956 ? 201 R27 A C18 1 
HETATM 843  C C19 . R27 B 2 .   ? -8.38410  -6.99197  7.75198   1.000 15.06187 ? 201 R27 A C19 1 
HETATM 844  C C2  . R27 B 2 .   ? -4.37127  -1.39790  12.82077  1.000 16.94451 ? 201 R27 A C2  1 
HETATM 845  C C20 . R27 B 2 .   ? -9.18393  -7.55423  9.03555   1.000 20.96138 ? 201 R27 A C20 1 
HETATM 846  C C21 . R27 B 2 .   ? -8.75040  -8.89996  9.77128   1.000 18.85493 ? 201 R27 A C21 1 
HETATM 847  C C22 . R27 B 2 .   ? -8.08005  -9.94279  8.83290   1.000 16.94953 ? 201 R27 A C22 1 
HETATM 848  C C23 . R27 B 2 .   ? -8.58208  -10.39294 7.64778   1.000 18.36383 ? 201 R27 A C23 1 
HETATM 849  C C24 . R27 B 2 .   ? -7.72478  -11.44257 6.89374   1.000 19.13328 ? 201 R27 A C24 1 
HETATM 850  C C25 . R27 B 2 .   ? -6.88426  -10.76109 5.77606   1.000 18.71421 ? 201 R27 A C25 1 
HETATM 851  C C26 . R27 B 2 .   ? -6.79793  -11.67719 4.53369   1.000 21.30028 ? 201 R27 A C26 1 
HETATM 852  C C27 . R27 B 2 .   ? -5.46484  -10.44294 6.39455   1.000 20.40976 ? 201 R27 A C27 1 
HETATM 853  C C28 . R27 B 2 .   ? -4.66308  -9.25975  5.74795   1.000 17.13882 ? 201 R27 A C28 1 
HETATM 854  C C29 . R27 B 2 .   ? -5.20117  -8.53712  3.50511   1.000 17.60680 ? 201 R27 A C29 1 
HETATM 855  C C30 . R27 B 2 .   ? -3.16544  -9.18761  6.28913   1.000 15.46557 ? 201 R27 A C30 1 
HETATM 856  C C31 . R27 B 2 .   ? -3.04887  -9.05777  7.80905   1.000 17.04171 ? 201 R27 A C31 1 
HETATM 857  C C32 . R27 B 2 .   ? -3.96177  -10.12757 9.68910   1.000 20.54109 ? 201 R27 A C32 1 
HETATM 858  C C33 . R27 B 2 .   ? -1.66715  -8.70685  8.24464   1.000 15.04867 ? 201 R27 A C33 1 
HETATM 859  C C34 . R27 B 2 .   ? -1.06899  -7.59281  7.46175   1.000 13.85841 ? 201 R27 A C34 1 
HETATM 860  C C35 . R27 B 2 .   ? 0.42584   -7.39965  7.85381   1.000 15.37578 ? 201 R27 A C35 1 
HETATM 861  C C36 . R27 B 2 .   ? -1.18106  -7.90038  5.97647   1.000 14.96785 ? 201 R27 A C36 1 
HETATM 862  C C37 . R27 B 2 .   ? -0.63198  -6.79200  5.09058   1.000 17.58766 ? 201 R27 A C37 1 
HETATM 863  C C38 . R27 B 2 .   ? -9.92957  -9.92702  7.02676   1.000 19.11604 ? 201 R27 A C38 1 
HETATM 864  C C39 . R27 B 2 .   ? -7.73025  -8.67007  10.92914  1.000 24.81558 ? 201 R27 A C39 1 
HETATM 865  C C40 . R27 B 2 .   ? -7.70009  -7.22939  11.48196  1.000 18.62472 ? 201 R27 A C40 1 
HETATM 866  C C41 . R27 B 2 .   ? -6.76526  -6.93869  12.38569  1.000 23.99478 ? 201 R27 A C41 1 
HETATM 867  C C42 . R27 B 2 .   ? -11.99076 -5.35598  9.36813   1.000 29.75749 ? 201 R27 A C42 1 
HETATM 868  C C43 . R27 B 2 .   ? -12.66420 -6.24859  10.42019  1.000 25.98782 ? 201 R27 A C43 1 
HETATM 869  C C44 . R27 B 2 .   ? -6.97722  -5.52654  5.54188   1.000 13.41325 ? 201 R27 A C44 1 
HETATM 870  C C45 . R27 B 2 .   ? -6.27695  -3.46098  11.95435  1.000 16.17208 ? 201 R27 A C45 1 
HETATM 871  C C46 . R27 B 2 .   ? -5.98273  -3.23019  13.41642  1.000 16.66160 ? 201 R27 A C46 1 
HETATM 872  O O1  . R27 B 2 .   ? -5.19681  -1.71223  15.05044  1.000 19.96109 ? 201 R27 A O1  1 
HETATM 873  O O10 . R27 B 2 .   ? -0.51420  -9.10918  5.70205   1.000 16.21626 ? 201 R27 A O10 1 
HETATM 874  O O11 . R27 B 2 .   ? 0.03903   -7.01788  4.12597   1.000 19.05738 ? 201 R27 A O11 1 
HETATM 875  O O12 . R27 B 2 .   ? -12.49729 -4.36807  8.96679   1.000 36.79339 ? 201 R27 A O12 1 
HETATM 876  O O2  . R27 B 2 .   ? -4.12329  -0.00280  13.00345  1.000 19.56361 ? 201 R27 A O2  1 
HETATM 877  O O3  . R27 B 2 .   ? -4.21948  -4.46031  6.51111   1.000 15.89466 ? 201 R27 A O3  1 
HETATM 878  O O4  . R27 B 2 .   ? -0.37842  -4.65298  6.17751   1.000 18.63335 ? 201 R27 A O4  1 
HETATM 879  O O5  . R27 B 2 .   ? -4.21406  -2.15257  6.38496   1.000 15.75294 ? 201 R27 A O5  1 
HETATM 880  O O6  . R27 B 2 .   ? -8.35291  -4.56445  7.89238   1.000 17.63745 ? 201 R27 A O6  1 
HETATM 881  O O7  . R27 B 2 .   ? -4.51841  -9.47502  4.34051   1.000 17.71950 ? 201 R27 A O7  1 
HETATM 882  O O8  . R27 B 2 .   ? -3.37970  -10.29007 8.40834   1.000 19.69344 ? 201 R27 A O8  1 
HETATM 883  O O9  . R27 B 2 .   ? -2.59519  -8.01378  5.62687   1.000 16.40338 ? 201 R27 A O9  1 
HETATM 884  O O   . HOH C 3 .   ? 2.05422   -1.86612  -13.36385 1.000 22.00351 ? 301 HOH A O   1 
HETATM 885  O O   . HOH C 3 .   ? -10.47312 11.42414  6.61631   1.000 42.69823 ? 302 HOH A O   1 
HETATM 886  O O   . HOH C 3 .   ? 0.74854   -14.34360 3.66501   1.000 10.63022 ? 303 HOH A O   1 
HETATM 887  O O   . HOH C 3 .   ? -7.05889  3.76710   -17.20369 1.000 27.05472 ? 304 HOH A O   1 
HETATM 888  O O   . HOH C 3 .   ? 12.27392  -0.34330  10.61590  1.000 15.13243 ? 305 HOH A O   1 
HETATM 889  O O   . HOH C 3 .   ? -8.01137  6.94838   -19.44394 1.000 35.06664 ? 306 HOH A O   1 
HETATM 890  O O   . HOH C 3 .   ? 6.52637   -6.23246  -9.49497  1.000 25.01077 ? 307 HOH A O   1 
HETATM 891  O O   . HOH C 3 .   ? -0.94430  12.69660  -14.40958 1.000 24.98648 ? 308 HOH A O   1 
HETATM 892  O O   . HOH C 3 .   ? -5.57985  -11.86324 -2.31457  1.000 16.73769 ? 309 HOH A O   1 
HETATM 893  O O   . HOH C 3 .   ? 2.37239   -13.62388 5.32591   1.000 17.56233 ? 310 HOH A O   1 
HETATM 894  O O   . HOH C 3 .   ? -17.21355 4.64480   0.22171   1.000 31.00828 ? 311 HOH A O   1 
HETATM 895  O O   . HOH C 3 .   ? 2.29899   0.81690   -15.85165 1.000 26.27810 ? 312 HOH A O   1 
HETATM 896  O O   . HOH C 3 .   ? 11.58479  -11.94786 0.99991   1.000 26.48603 ? 313 HOH A O   1 
HETATM 897  O O   . HOH C 3 .   ? -7.02229  11.73284  -5.54508  1.000 27.28357 ? 314 HOH A O   1 
HETATM 898  O O   . HOH C 3 .   ? -1.13664  -7.35858  -11.84840 0.50  18.07696 ? 315 HOH A O   1 
HETATM 899  O O   . HOH C 3 .   ? -9.54005  3.26786   4.14150   1.000 16.26043 ? 316 HOH A O   1 
HETATM 900  O O   . HOH C 3 .   ? -13.39883 1.21139   -12.86216 1.000 20.54445 ? 317 HOH A O   1 
HETATM 901  O O   . HOH C 3 .   ? 11.80724  -1.81264  15.15233  1.000 28.99646 ? 318 HOH A O   1 
HETATM 902  O O   . HOH C 3 .   ? 1.82812   12.68260  -5.15485  1.000 34.01858 ? 319 HOH A O   1 
HETATM 903  O O   . HOH C 3 .   ? 3.32666   11.34554  0.85278   1.000 34.46174 ? 320 HOH A O   1 
HETATM 904  O O   . HOH C 3 .   ? 14.65179  -2.73564  9.16315   1.000 20.81147 ? 321 HOH A O   1 
HETATM 905  O O   . HOH C 3 .   ? 15.63855  -9.45929  1.38464   1.000 29.83200 ? 322 HOH A O   1 
HETATM 906  O O   . HOH C 3 .   ? 5.72122   -8.26425  16.51072  1.000 34.42405 ? 323 HOH A O   1 
HETATM 907  O O   . HOH C 3 .   ? -11.84996 -1.52519  -7.54605  1.000 18.82803 ? 324 HOH A O   1 
HETATM 908  O O   . HOH C 3 .   ? 3.32166   -5.95561  -12.26926 1.000 24.19522 ? 325 HOH A O   1 
HETATM 909  O O   . HOH C 3 .   ? 9.27602   3.81122   10.95778  1.000 12.78862 ? 326 HOH A O   1 
HETATM 910  O O   . HOH C 3 .   ? 8.29194   7.52511   4.34611   1.000 19.59742 ? 327 HOH A O   1 
HETATM 911  O O   . HOH C 3 .   ? 0.44122   8.67236   -11.56181 1.000 15.78887 ? 328 HOH A O   1 
HETATM 912  O O   . HOH C 3 .   ? 5.16756   4.86640   -10.55517 1.000 14.71153 ? 329 HOH A O   1 
HETATM 913  O O   . HOH C 3 .   ? -2.92528  13.85838  -16.84422 1.000 26.63965 ? 330 HOH A O   1 
HETATM 914  O O   . HOH C 3 .   ? -2.82887  8.02439   -20.15594 1.000 32.63056 ? 331 HOH A O   1 
HETATM 915  O O   . HOH C 3 .   ? -6.00575  4.84838   7.76619   1.000 26.69673 ? 332 HOH A O   1 
HETATM 916  O O   . HOH C 3 .   ? -3.67988  2.18670   -16.83906 1.000 16.92057 ? 333 HOH A O   1 
HETATM 917  O O   . HOH C 3 .   ? 5.17404   -1.42284  13.79148  1.000 13.10254 ? 334 HOH A O   1 
HETATM 918  O O   . HOH C 3 .   ? 11.46318  -3.08080  8.22742   1.000 17.51083 ? 335 HOH A O   1 
HETATM 919  O O   . HOH C 3 .   ? 4.92195   -12.05833 -4.39842  1.000 15.68198 ? 336 HOH A O   1 
HETATM 920  O O   . HOH C 3 .   ? -15.35569 8.42418   -3.48935  1.000 33.88032 ? 337 HOH A O   1 
HETATM 921  O O   . HOH C 3 .   ? 4.51574   -11.09966 17.98651  1.000 35.38824 ? 338 HOH A O   1 
HETATM 922  O O   . HOH C 3 .   ? -8.70891  -1.98147  9.52080   1.000 26.65175 ? 339 HOH A O   1 
HETATM 923  O O   . HOH C 3 .   ? 11.54753  -8.33244  -2.07874  1.000 35.43666 ? 340 HOH A O   1 
HETATM 924  O O   . HOH C 3 .   ? -5.13489  -16.93031 -9.47442  1.000 22.59319 ? 341 HOH A O   1 
HETATM 925  O O   . HOH C 3 .   ? 4.69258   -0.60437  11.26014  1.000 11.78030 ? 342 HOH A O   1 
HETATM 926  O O   . HOH C 3 .   ? -3.48798  12.50801  -6.41430  1.000 28.04484 ? 343 HOH A O   1 
HETATM 927  O O   . HOH C 3 .   ? 4.86039   6.67518   19.03806  1.000 41.23987 ? 344 HOH A O   1 
HETATM 928  O O   . HOH C 3 .   ? 18.48204  -5.30560  1.55941   1.000 29.29573 ? 345 HOH A O   1 
HETATM 929  O O   . HOH C 3 .   ? -11.43330 8.43980   -8.57307  1.000 25.84968 ? 346 HOH A O   1 
HETATM 930  O O   . HOH C 3 .   ? -0.33817  -13.15678 -9.00686  1.000 20.37918 ? 347 HOH A O   1 
HETATM 931  O O   . HOH C 3 .   ? 7.41717   10.21482  -6.21159  1.000 18.43521 ? 348 HOH A O   1 
HETATM 932  O O   . HOH C 3 .   ? 12.62982  4.12188   -8.50118  1.000 25.39892 ? 349 HOH A O   1 
HETATM 933  O O   . HOH C 3 .   ? -5.93999  -3.78764  16.82405  1.000 20.21392 ? 350 HOH A O   1 
HETATM 934  O O   . HOH C 3 .   ? 8.79333   -15.99468 -1.95027  1.000 40.04898 ? 351 HOH A O   1 
HETATM 935  O O   . HOH C 3 .   ? 3.54598   -5.34428  -6.74180  1.000 15.67145 ? 352 HOH A O   1 
HETATM 936  O O   . HOH C 3 .   ? -1.85110  3.07594   10.14224  1.000 15.08021 ? 353 HOH A O   1 
HETATM 937  O O   . HOH C 3 .   ? 17.69533  -10.95548 5.30510   1.000 40.91397 ? 354 HOH A O   1 
HETATM 938  O O   . HOH C 3 .   ? 9.66305   -3.72367  -3.74579  1.000 15.39202 ? 355 HOH A O   1 
HETATM 939  O O   . HOH C 3 .   ? -14.15384 -8.67296  -6.76164  1.000 34.73245 ? 356 HOH A O   1 
HETATM 940  O O   . HOH C 3 .   ? -1.56929  5.30696   11.38475  1.000 29.11458 ? 357 HOH A O   1 
HETATM 941  O O   . HOH C 3 .   ? -11.65585 -7.34294  0.13070   1.000 18.91849 ? 358 HOH A O   1 
HETATM 942  O O   . HOH C 3 .   ? -0.74148  -13.29519 14.54372  1.000 25.82098 ? 359 HOH A O   1 
HETATM 943  O O   . HOH C 3 .   ? -10.58489 1.80191   -12.88097 1.000 17.04816 ? 360 HOH A O   1 
HETATM 944  O O   . HOH C 3 .   ? 2.02357   7.80366   -13.71589 1.000 23.73198 ? 361 HOH A O   1 
HETATM 945  O O   . HOH C 3 .   ? -11.57582 -5.62950  -9.35408  1.000 27.87584 ? 362 HOH A O   1 
HETATM 946  O O   . HOH C 3 .   ? 1.87428   3.89490   17.57737  1.000 17.36700 ? 363 HOH A O   1 
HETATM 947  O O   . HOH C 3 .   ? 8.69086   1.85661   -15.99795 1.000 23.85223 ? 364 HOH A O   1 
HETATM 948  O O   . HOH C 3 .   ? 6.43833   10.82989  -1.97084  1.000 18.52181 ? 365 HOH A O   1 
HETATM 949  O O   . HOH C 3 .   ? -9.95577  -9.12537  -6.12318  1.000 24.45098 ? 366 HOH A O   1 
HETATM 950  O O   . HOH C 3 .   ? -9.43623  12.32126  -1.59199  1.000 30.30920 ? 367 HOH A O   1 
HETATM 951  O O   . HOH C 3 .   ? 10.72207  7.75588   -7.35633  1.000 17.56837 ? 368 HOH A O   1 
HETATM 952  O O   . HOH C 3 .   ? -4.65947  -1.92302  -14.22374 0.50  23.11812 ? 369 HOH A O   1 
HETATM 953  O O   . HOH C 3 .   ? 11.69393  9.91908   1.88619   1.000 18.08773 ? 370 HOH A O   1 
HETATM 954  O O   . HOH C 3 .   ? 3.39445   5.37715   15.79871  1.000 21.14434 ? 371 HOH A O   1 
HETATM 955  O O   . HOH C 3 .   ? 5.11090   -3.43472  21.45894  1.000 22.15591 ? 372 HOH A O   1 
HETATM 956  O O   . HOH C 3 .   ? -14.02587 12.26972  -1.88254  1.000 32.68907 ? 373 HOH A O   1 
HETATM 957  O O   . HOH C 3 .   ? -7.89231  12.83058  -11.00386 1.000 25.92237 ? 374 HOH A O   1 
HETATM 958  O O   . HOH C 3 .   ? 6.75977   -3.24761  -14.04405 1.000 22.68258 ? 375 HOH A O   1 
HETATM 959  O O   . HOH C 3 .   ? 6.35524   10.74171  10.27184  1.000 35.60538 ? 376 HOH A O   1 
HETATM 960  O O   . HOH C 3 .   ? -7.09805  10.21103  1.79739   1.000 33.97205 ? 377 HOH A O   1 
HETATM 961  O O   . HOH C 3 .   ? 14.96965  -7.35145  7.99565   1.000 27.85660 ? 378 HOH A O   1 
HETATM 962  O O   . HOH C 3 .   ? -9.68001  8.25941   -18.53662 1.000 35.48736 ? 379 HOH A O   1 
HETATM 963  O O   . HOH C 3 .   ? 1.40189   -11.27542 -10.13673 0.50  7.14009  ? 380 HOH A O   1 
HETATM 964  O O   . HOH C 3 .   ? -9.46529  11.04655  -10.82622 1.000 26.80933 ? 381 HOH A O   1 
HETATM 965  O O   . HOH C 3 .   ? 2.81721   -13.28362 18.40662  1.000 30.46019 ? 382 HOH A O   1 
HETATM 966  O O   . HOH C 3 .   ? -1.94767  -19.51629 -4.72942  1.000 34.69801 ? 383 HOH A O   1 
HETATM 967  O O   . HOH C 3 .   ? 0.77137   12.18384  -8.00519  0.50  28.28126 ? 384 HOH A O   1 
HETATM 968  O O   . HOH C 3 .   ? -2.76410  -12.77886 -10.03583 1.000 20.03891 ? 385 HOH A O   1 
HETATM 969  O O   . HOH C 3 .   ? -1.36886  -13.86446 5.05028   1.000 21.80210 ? 386 HOH A O   1 
HETATM 970  O O   . HOH C 3 .   ? -8.18623  -0.03811  11.15303  1.000 33.20711 ? 387 HOH A O   1 
HETATM 971  O O   . HOH C 3 .   ? -7.30950  9.41477   4.52098   1.000 37.25954 ? 388 HOH A O   1 
HETATM 972  O O   . HOH C 3 .   ? -16.00207 -4.31158  8.83412   1.000 37.19332 ? 389 HOH A O   1 
HETATM 973  O O   . HOH C 3 .   ? 7.71430   -11.56374 -4.48208  1.000 29.63649 ? 390 HOH A O   1 
HETATM 974  O O   . HOH C 3 .   ? -1.14471  -15.33569 2.33664   1.000 19.21101 ? 391 HOH A O   1 
HETATM 975  O O   . HOH C 3 .   ? -11.40018 -11.45337 -5.28035  1.000 31.10729 ? 392 HOH A O   1 
HETATM 976  O O   . HOH C 3 .   ? 1.26366   -15.45928 1.60571   1.000 21.48387 ? 393 HOH A O   1 
HETATM 977  O O   . HOH C 3 .   ? 8.03154   9.62590   5.57541   1.000 26.18995 ? 394 HOH A O   1 
HETATM 978  O O   . HOH C 3 .   ? 7.74890   8.46792   13.84372  1.000 34.84990 ? 395 HOH A O   1 
HETATM 979  O O   . HOH C 3 .   ? -10.62214 4.32060   -13.74243 1.000 27.46502 ? 396 HOH A O   1 
HETATM 980  O O   . HOH C 3 .   ? 9.52444   8.23101   16.24202  1.000 35.04319 ? 397 HOH A O   1 
HETATM 981  O O   . HOH C 3 .   ? 1.87877   9.49778   -15.79412 0.50  32.19383 ? 398 HOH A O   1 
HETATM 982  O O   . HOH C 3 .   ? -1.15587  -18.60034 -7.16760  1.000 39.91311 ? 399 HOH A O   1 
HETATM 983  O O   . HOH C 3 .   ? 7.45178   -14.68828 -5.99836  1.000 48.01282 ? 400 HOH A O   1 
HETATM 984  O O   . HOH C 3 .   ? -12.61680 -10.81731 -3.14743  1.000 26.74471 ? 401 HOH A O   1 
HETATM 985  O O   . HOH C 3 .   ? -1.17061  -13.54424 7.98075   1.000 21.28597 ? 402 HOH A O   1 
HETATM 986  O O   . HOH C 3 .   ? 1.13641   11.29843  -10.57267 0.50  14.18237 ? 403 HOH A O   1 
HETATM 987  O O   . HOH C 3 .   ? -11.06844 13.72712  -1.89352  1.000 37.82138 ? 404 HOH A O   1 
HETATM 988  O O   . HOH C 3 .   ? 6.43640   -9.26850  -8.45908  1.000 33.23524 ? 405 HOH A O   1 
HETATM 989  O O   . HOH C 3 .   ? 4.32080   -2.30131  -14.60204 1.000 23.05133 ? 406 HOH A O   1 
HETATM 990  O O   . HOH C 3 .   ? -10.10229 -4.74204  12.84009  1.000 33.43849 ? 407 HOH A O   1 
HETATM 991  O O   . HOH C 3 .   ? -9.90345  -2.76087  11.63020  1.000 28.96586 ? 408 HOH A O   1 
HETATM 992  O O   . HOH C 3 .   ? 0.44323   -17.58020 -8.46428  1.000 38.80080 ? 409 HOH A O   1 
HETATM 993  O O   . HOH C 3 .   ? 6.60191   12.24791  -4.45597  1.000 25.21327 ? 410 HOH A O   1 
HETATM 994  O O   . HOH C 3 .   ? 3.73725   -14.78619 2.23134   1.000 24.85788 ? 411 HOH A O   1 
HETATM 995  O O   . HOH C 3 .   ? -7.08092  12.24422  0.40133   1.000 45.28241 ? 412 HOH A O   1 
HETATM 996  O O   . HOH C 3 .   ? -9.06158  0.08340   14.62476  1.000 38.03394 ? 413 HOH A O   1 
HETATM 997  O O   . HOH C 3 .   ? 7.46030   -10.05592 15.80381  1.000 32.70603 ? 414 HOH A O   1 
HETATM 998  O O   . HOH C 3 .   ? 8.57532   -14.93929 7.21380   1.000 39.89654 ? 415 HOH A O   1 
HETATM 999  O O   . HOH C 3 .   ? 12.86522  -4.42660  16.45731  1.000 34.44143 ? 416 HOH A O   1 
HETATM 1000 O O   . HOH C 3 .   ? 7.46602   -9.51594  -6.49721  1.000 34.70752 ? 417 HOH A O   1 
HETATM 1001 O O   . HOH C 3 .   ? 3.69934   -9.45720  19.57504  1.000 37.91445 ? 418 HOH A O   1 
HETATM 1002 O O   . HOH C 3 .   ? 12.60771  9.83389   -0.75135  1.000 25.24428 ? 419 HOH A O   1 
HETATM 1003 O O   . HOH C 3 .   ? 1.27556   -11.97993 20.45521  1.000 32.18126 ? 420 HOH A O   1 
# 
loop_
_pdbx_poly_seq_scheme.asym_id 
_pdbx_poly_seq_scheme.entity_id 
_pdbx_poly_seq_scheme.seq_id 
_pdbx_poly_seq_scheme.mon_id 
_pdbx_poly_seq_scheme.ndb_seq_num 
_pdbx_poly_seq_scheme.pdb_seq_num 
_pdbx_poly_seq_scheme.auth_seq_num 
_pdbx_poly_seq_scheme.pdb_mon_id 
_pdbx_poly_seq_scheme.auth_mon_id 
_pdbx_poly_seq_scheme.pdb_strand_id 
_pdbx_poly_seq_scheme.pdb_ins_code 
_pdbx_poly_seq_scheme.hetero 
A 1 1   GLY 1   -2  ?   ?   ?   A . n 
A 1 2   SER 2   -1  ?   ?   ?   A . n 
A 1 3   HIS 3   0   ?   ?   ?   A . n 
A 1 4   MET 4   1   ?   ?   ?   A . n 
A 1 5   GLY 5   2   2   GLY GLY A . n 
A 1 6   VAL 6   3   3   VAL VAL A . n 
A 1 7   THR 7   4   4   THR THR A . n 
A 1 8   VAL 8   5   5   VAL VAL A . n 
A 1 9   GLU 9   6   6   GLU GLU A . n 
A 1 10  ARG 10  7   7   ARG ARG A . n 
A 1 11  ILE 11  8   8   ILE ILE A . n 
A 1 12  ALA 12  9   9   ALA ALA A . n 
A 1 13  PRO 13  10  10  PRO PRO A . n 
A 1 14  GLY 14  11  11  GLY GLY A . n 
A 1 15  ASP 15  12  12  ASP ASP A . n 
A 1 16  GLY 16  13  13  GLY GLY A . n 
A 1 17  LYS 17  14  14  LYS LYS A . n 
A 1 18  ASN 18  15  15  ASN ASN A . n 
A 1 19  PHE 19  16  16  PHE PHE A . n 
A 1 20  PRO 20  17  17  PRO PRO A . n 
A 1 21  LYS 21  18  18  LYS LYS A . n 
A 1 22  LYS 22  19  19  LYS LYS A . n 
A 1 23  GLY 23  20  20  GLY GLY A . n 
A 1 24  ASP 24  21  21  ASP ASP A . n 
A 1 25  LYS 25  22  22  LYS LYS A . n 
A 1 26  VAL 26  23  23  VAL VAL A . n 
A 1 27  THR 27  24  24  THR THR A . n 
A 1 28  ILE 28  25  25  ILE ILE A . n 
A 1 29  HIS 29  26  26  HIS HIS A . n 
A 1 30  TYR 30  27  27  TYR TYR A . n 
A 1 31  VAL 31  28  28  VAL VAL A . n 
A 1 32  GLY 32  29  29  GLY GLY A . n 
A 1 33  THR 33  30  30  THR THR A . n 
A 1 34  LEU 34  31  31  LEU LEU A . n 
A 1 35  GLU 35  32  32  GLU GLU A . n 
A 1 36  ASN 36  33  33  ASN ASN A . n 
A 1 37  GLY 37  34  34  GLY GLY A . n 
A 1 38  ASP 38  35  35  ASP ASP A . n 
A 1 39  LYS 39  36  36  LYS LYS A . n 
A 1 40  PHE 40  37  37  PHE PHE A . n 
A 1 41  ASP 41  38  38  ASP ASP A . n 
A 1 42  SER 42  39  39  SER SER A . n 
A 1 43  SER 43  40  40  SER SER A . n 
A 1 44  ARG 44  41  41  ARG ARG A . n 
A 1 45  ASP 45  42  42  ASP ASP A . n 
A 1 46  ARG 46  43  43  ARG ARG A . n 
A 1 47  GLY 47  44  44  GLY GLY A . n 
A 1 48  SER 48  45  45  SER SER A . n 
A 1 49  PRO 49  46  46  PRO PRO A . n 
A 1 50  PHE 50  47  47  PHE PHE A . n 
A 1 51  GLN 51  48  48  GLN GLN A . n 
A 1 52  CYS 52  49  49  CYS CYS A . n 
A 1 53  THR 53  50  50  THR THR A . n 
A 1 54  ILE 54  51  51  ILE ILE A . n 
A 1 55  GLY 55  52  52  GLY GLY A . n 
A 1 56  VAL 56  53  53  VAL VAL A . n 
A 1 57  GLY 57  54  54  GLY GLY A . n 
A 1 58  GLN 58  55  55  GLN GLN A . n 
A 1 59  VAL 59  56  56  VAL VAL A . n 
A 1 60  ILE 60  57  57  ILE ILE A . n 
A 1 61  LYS 61  58  58  LYS LYS A . n 
A 1 62  GLY 62  59  59  GLY GLY A . n 
A 1 63  TRP 63  60  60  TRP TRP A . n 
A 1 64  ASP 64  61  61  ASP ASP A . n 
A 1 65  GLU 65  62  62  GLU GLU A . n 
A 1 66  GLY 66  63  63  GLY GLY A . n 
A 1 67  VAL 67  64  64  VAL VAL A . n 
A 1 68  THR 68  65  65  THR THR A . n 
A 1 69  GLN 69  66  66  GLN GLN A . n 
A 1 70  LEU 70  67  67  LEU LEU A . n 
A 1 71  SER 71  68  68  SER SER A . n 
A 1 72  VAL 72  69  69  VAL VAL A . n 
A 1 73  GLY 73  70  70  GLY GLY A . n 
A 1 74  GLU 74  71  71  GLU GLU A . n 
A 1 75  LYS 75  72  72  LYS LYS A . n 
A 1 76  ALA 76  73  73  ALA ALA A . n 
A 1 77  ARG 77  74  74  ARG ARG A . n 
A 1 78  LEU 78  75  75  LEU LEU A . n 
A 1 79  ILE 79  76  76  ILE ILE A . n 
A 1 80  CYS 80  77  77  CYS CYS A . n 
A 1 81  THR 81  78  78  THR THR A . n 
A 1 82  HIS 82  79  79  HIS HIS A . n 
A 1 83  ASP 83  80  80  ASP ASP A . n 
A 1 84  TYR 84  81  81  TYR TYR A . n 
A 1 85  ALA 85  82  82  ALA ALA A . n 
A 1 86  TYR 86  83  83  TYR TYR A . n 
A 1 87  GLY 87  84  84  GLY GLY A . n 
A 1 88  GLU 88  85  85  GLU GLU A . n 
A 1 89  ARG 89  86  86  ARG ARG A . n 
A 1 90  GLY 90  87  87  GLY GLY A . n 
A 1 91  TYR 91  88  88  TYR TYR A . n 
A 1 92  PRO 92  89  89  PRO PRO A . n 
A 1 93  GLY 93  90  90  GLY GLY A . n 
A 1 94  LEU 94  91  91  LEU LEU A . n 
A 1 95  ILE 95  92  92  ILE ILE A . n 
A 1 96  PRO 96  93  93  PRO PRO A . n 
A 1 97  PRO 97  94  94  PRO PRO A . n 
A 1 98  LYS 98  95  95  LYS LYS A . n 
A 1 99  ALA 99  96  96  ALA ALA A . n 
A 1 100 THR 100 97  97  THR THR A . n 
A 1 101 LEU 101 98  98  LEU LEU A . n 
A 1 102 ASN 102 99  99  ASN ASN A . n 
A 1 103 PHE 103 100 100 PHE PHE A . n 
A 1 104 GLU 104 101 101 GLU GLU A . n 
A 1 105 VAL 105 102 102 VAL VAL A . n 
A 1 106 GLU 106 103 103 GLU GLU A . n 
A 1 107 LEU 107 104 104 LEU LEU A . n 
A 1 108 ILE 108 105 105 ILE ILE A . n 
A 1 109 LYS 109 106 106 LYS LYS A . n 
A 1 110 ILE 110 107 107 ILE ILE A . n 
A 1 111 ASN 111 108 108 ASN ASN A . n 
# 
loop_
_pdbx_nonpoly_scheme.asym_id 
_pdbx_nonpoly_scheme.entity_id 
_pdbx_nonpoly_scheme.mon_id 
_pdbx_nonpoly_scheme.ndb_seq_num 
_pdbx_nonpoly_scheme.pdb_seq_num 
_pdbx_nonpoly_scheme.auth_seq_num 
_pdbx_nonpoly_scheme.pdb_mon_id 
_pdbx_nonpoly_scheme.auth_mon_id 
_pdbx_nonpoly_scheme.pdb_strand_id 
_pdbx_nonpoly_scheme.pdb_ins_code 
B 2 R27 1   201 2   R27 DRG A . 
C 3 HOH 1   301 45  HOH HOH A . 
C 3 HOH 2   302 129 HOH HOH A . 
C 3 HOH 3   303 15  HOH HOH A . 
C 3 HOH 4   304 69  HOH HOH A . 
C 3 HOH 5   305 36  HOH HOH A . 
C 3 HOH 6   306 127 HOH HOH A . 
C 3 HOH 7   307 77  HOH HOH A . 
C 3 HOH 8   308 61  HOH HOH A . 
C 3 HOH 9   309 9   HOH HOH A . 
C 3 HOH 10  310 33  HOH HOH A . 
C 3 HOH 11  311 63  HOH HOH A . 
C 3 HOH 12  312 49  HOH HOH A . 
C 3 HOH 13  313 86  HOH HOH A . 
C 3 HOH 14  314 90  HOH HOH A . 
C 3 HOH 15  315 25  HOH HOH A . 
C 3 HOH 16  316 12  HOH HOH A . 
C 3 HOH 17  317 31  HOH HOH A . 
C 3 HOH 18  318 68  HOH HOH A . 
C 3 HOH 19  319 106 HOH HOH A . 
C 3 HOH 20  320 108 HOH HOH A . 
C 3 HOH 21  321 34  HOH HOH A . 
C 3 HOH 22  322 58  HOH HOH A . 
C 3 HOH 23  323 124 HOH HOH A . 
C 3 HOH 24  324 32  HOH HOH A . 
C 3 HOH 25  325 44  HOH HOH A . 
C 3 HOH 26  326 22  HOH HOH A . 
C 3 HOH 27  327 30  HOH HOH A . 
C 3 HOH 28  328 21  HOH HOH A . 
C 3 HOH 29  329 19  HOH HOH A . 
C 3 HOH 30  330 57  HOH HOH A . 
C 3 HOH 31  331 93  HOH HOH A . 
C 3 HOH 32  332 91  HOH HOH A . 
C 3 HOH 33  333 3   HOH HOH A . 
C 3 HOH 34  334 11  HOH HOH A . 
C 3 HOH 35  335 1   HOH HOH A . 
C 3 HOH 36  336 7   HOH HOH A . 
C 3 HOH 37  337 67  HOH HOH A . 
C 3 HOH 38  338 96  HOH HOH A . 
C 3 HOH 39  339 8   HOH HOH A . 
C 3 HOH 40  340 101 HOH HOH A . 
C 3 HOH 41  341 28  HOH HOH A . 
C 3 HOH 42  342 18  HOH HOH A . 
C 3 HOH 43  343 99  HOH HOH A . 
C 3 HOH 44  344 60  HOH HOH A . 
C 3 HOH 45  345 98  HOH HOH A . 
C 3 HOH 46  346 4   HOH HOH A . 
C 3 HOH 47  347 40  HOH HOH A . 
C 3 HOH 48  348 26  HOH HOH A . 
C 3 HOH 49  349 62  HOH HOH A . 
C 3 HOH 50  350 37  HOH HOH A . 
C 3 HOH 51  351 100 HOH HOH A . 
C 3 HOH 52  352 24  HOH HOH A . 
C 3 HOH 53  353 39  HOH HOH A . 
C 3 HOH 54  354 94  HOH HOH A . 
C 3 HOH 55  355 27  HOH HOH A . 
C 3 HOH 56  356 71  HOH HOH A . 
C 3 HOH 57  357 128 HOH HOH A . 
C 3 HOH 58  358 14  HOH HOH A . 
C 3 HOH 59  359 75  HOH HOH A . 
C 3 HOH 60  360 6   HOH HOH A . 
C 3 HOH 61  361 52  HOH HOH A . 
C 3 HOH 62  362 50  HOH HOH A . 
C 3 HOH 63  363 2   HOH HOH A . 
C 3 HOH 64  364 55  HOH HOH A . 
C 3 HOH 65  365 10  HOH HOH A . 
C 3 HOH 66  366 111 HOH HOH A . 
C 3 HOH 67  367 47  HOH HOH A . 
C 3 HOH 68  368 41  HOH HOH A . 
C 3 HOH 69  369 13  HOH HOH A . 
C 3 HOH 70  370 17  HOH HOH A . 
C 3 HOH 71  371 54  HOH HOH A . 
C 3 HOH 72  372 29  HOH HOH A . 
C 3 HOH 73  373 5   HOH HOH A . 
C 3 HOH 74  374 53  HOH HOH A . 
C 3 HOH 75  375 103 HOH HOH A . 
C 3 HOH 76  376 84  HOH HOH A . 
C 3 HOH 77  377 95  HOH HOH A . 
C 3 HOH 78  378 109 HOH HOH A . 
C 3 HOH 79  379 80  HOH HOH A . 
C 3 HOH 80  380 16  HOH HOH A . 
C 3 HOH 81  381 66  HOH HOH A . 
C 3 HOH 82  382 73  HOH HOH A . 
C 3 HOH 83  383 126 HOH HOH A . 
C 3 HOH 84  384 81  HOH HOH A . 
C 3 HOH 85  385 38  HOH HOH A . 
C 3 HOH 86  386 102 HOH HOH A . 
C 3 HOH 87  387 116 HOH HOH A . 
C 3 HOH 88  388 113 HOH HOH A . 
C 3 HOH 89  389 112 HOH HOH A . 
C 3 HOH 90  390 64  HOH HOH A . 
C 3 HOH 91  391 20  HOH HOH A . 
C 3 HOH 92  392 123 HOH HOH A . 
C 3 HOH 93  393 43  HOH HOH A . 
C 3 HOH 94  394 74  HOH HOH A . 
C 3 HOH 95  395 107 HOH HOH A . 
C 3 HOH 96  396 78  HOH HOH A . 
C 3 HOH 97  397 85  HOH HOH A . 
C 3 HOH 98  398 56  HOH HOH A . 
C 3 HOH 99  399 105 HOH HOH A . 
C 3 HOH 100 400 115 HOH HOH A . 
C 3 HOH 101 401 117 HOH HOH A . 
C 3 HOH 102 402 23  HOH HOH A . 
C 3 HOH 103 403 35  HOH HOH A . 
C 3 HOH 104 404 92  HOH HOH A . 
C 3 HOH 105 405 104 HOH HOH A . 
C 3 HOH 106 406 79  HOH HOH A . 
C 3 HOH 107 407 65  HOH HOH A . 
C 3 HOH 108 408 88  HOH HOH A . 
C 3 HOH 109 409 110 HOH HOH A . 
C 3 HOH 110 410 76  HOH HOH A . 
C 3 HOH 111 411 51  HOH HOH A . 
C 3 HOH 112 412 130 HOH HOH A . 
C 3 HOH 113 413 82  HOH HOH A . 
C 3 HOH 114 414 119 HOH HOH A . 
C 3 HOH 115 415 72  HOH HOH A . 
C 3 HOH 116 416 83  HOH HOH A . 
C 3 HOH 117 417 70  HOH HOH A . 
C 3 HOH 118 418 125 HOH HOH A . 
C 3 HOH 119 419 42  HOH HOH A . 
C 3 HOH 120 420 97  HOH HOH A . 
# 
_pdbx_struct_assembly.id                   1 
_pdbx_struct_assembly.details              author_and_software_defined_assembly 
_pdbx_struct_assembly.method_details       PISA 
_pdbx_struct_assembly.oligomeric_details   monomeric 
_pdbx_struct_assembly.oligomeric_count     1 
# 
_pdbx_struct_assembly_gen.assembly_id       1 
_pdbx_struct_assembly_gen.oper_expression   1 
_pdbx_struct_assembly_gen.asym_id_list      A,B,C 
# 
_pdbx_struct_oper_list.id                   1 
_pdbx_struct_oper_list.type                 'identity operation' 
_pdbx_struct_oper_list.name                 1_555 
_pdbx_struct_oper_list.symmetry_operation   x,y,z 
_pdbx_struct_oper_list.matrix[1][1]         1.0000000000 
_pdbx_struct_oper_list.matrix[1][2]         0.0000000000 
_pdbx_struct_oper_list.matrix[1][3]         0.0000000000 
_pdbx_struct_oper_list.vector[1]            0.0000000000 
_pdbx_struct_oper_list.matrix[2][1]         0.0000000000 
_pdbx_struct_oper_list.matrix[2][2]         1.0000000000 
_pdbx_struct_oper_list.matrix[2][3]         0.0000000000 
_pdbx_struct_oper_list.vector[2]            0.0000000000 
_pdbx_struct_oper_list.matrix[3][1]         0.0000000000 
_pdbx_struct_oper_list.matrix[3][2]         0.0000000000 
_pdbx_struct_oper_list.matrix[3][3]         1.0000000000 
_pdbx_struct_oper_list.vector[3]            0.0000000000 
# 
loop_
_pdbx_struct_special_symmetry.id 
_pdbx_struct_special_symmetry.PDB_model_num 
_pdbx_struct_special_symmetry.auth_asym_id 
_pdbx_struct_special_symmetry.auth_comp_id 
_pdbx_struct_special_symmetry.auth_seq_id 
_pdbx_struct_special_symmetry.PDB_ins_code 
_pdbx_struct_special_symmetry.label_asym_id 
_pdbx_struct_special_symmetry.label_comp_id 
_pdbx_struct_special_symmetry.label_seq_id 
1 1 A HOH 315 ? C HOH . 
2 1 A HOH 369 ? C HOH . 
3 1 A HOH 380 ? C HOH . 
4 1 A HOH 384 ? C HOH . 
5 1 A HOH 398 ? C HOH . 
6 1 A HOH 403 ? C HOH . 
# 
loop_
_pdbx_audit_revision_history.ordinal 
_pdbx_audit_revision_history.data_content_type 
_pdbx_audit_revision_history.major_revision 
_pdbx_audit_revision_history.minor_revision 
_pdbx_audit_revision_history.revision_date 
1 'Structure model' 1 0 2020-12-16 
2 'Structure model' 1 1 2023-08-09 
3 'Structure model' 1 2 2023-10-11 
# 
_pdbx_audit_revision_details.ordinal             1 
_pdbx_audit_revision_details.revision_ordinal    1 
_pdbx_audit_revision_details.data_content_type   'Structure model' 
_pdbx_audit_revision_details.provider            repository 
_pdbx_audit_revision_details.type                'Initial release' 
_pdbx_audit_revision_details.description         ? 
_pdbx_audit_revision_details.details             ? 
# 
loop_
_pdbx_audit_revision_group.ordinal 
_pdbx_audit_revision_group.revision_ordinal 
_pdbx_audit_revision_group.data_content_type 
_pdbx_audit_revision_group.group 
1 2 'Structure model' 'Database references'    
2 3 'Structure model' 'Data collection'        
3 3 'Structure model' 'Refinement description' 
# 
loop_
_pdbx_audit_revision_category.ordinal 
_pdbx_audit_revision_category.revision_ordinal 
_pdbx_audit_revision_category.data_content_type 
_pdbx_audit_revision_category.category 
1 2 'Structure model' citation                      
2 2 'Structure model' citation_author               
3 2 'Structure model' database_2                    
4 3 'Structure model' chem_comp_atom                
5 3 'Structure model' chem_comp_bond                
6 3 'Structure model' pdbx_initial_refinement_model 
# 
loop_
_pdbx_audit_revision_item.ordinal 
_pdbx_audit_revision_item.revision_ordinal 
_pdbx_audit_revision_item.data_content_type 
_pdbx_audit_revision_item.item 
1 2 'Structure model' '_database_2.pdbx_DOI'                
2 2 'Structure model' '_database_2.pdbx_database_accession' 
# 
loop_
_space_group_symop.id 
_space_group_symop.operation_xyz 
1 x,y,z               
2 x,-y,-z             
3 -x,y,-z+1/2         
4 -x,-y,z+1/2         
5 x+1/2,y+1/2,z       
6 x+1/2,-y+1/2,-z     
7 -x+1/2,y+1/2,-z+1/2 
8 -x+1/2,-y+1/2,z+1/2 
# 
loop_
_software.citation_id 
_software.classification 
_software.compiler_name 
_software.compiler_version 
_software.contact_author 
_software.contact_author_email 
_software.date 
_software.description 
_software.dependencies 
_software.hardware 
_software.language 
_software.location 
_software.mods 
_software.name 
_software.os 
_software.os_version 
_software.type 
_software.version 
_software.pdbx_ordinal 
? refinement       ? ? ? ? ? ? ? ? ? ? ? PHENIX   ? ? ? 1.17.1_3660 1 
? 'data reduction' ? ? ? ? ? ? ? ? ? ? ? HKL-2000 ? ? ? .           2 
? 'data scaling'   ? ? ? ? ? ? ? ? ? ? ? HKL-2000 ? ? ? .           3 
? phasing          ? ? ? ? ? ? ? ? ? ? ? PHASER   ? ? ? .           4 
# 
_pdbx_entry_details.entry_id                 6VCT 
_pdbx_entry_details.nonpolymer_details       ? 
_pdbx_entry_details.sequence_details         ? 
_pdbx_entry_details.compound_details         ? 
_pdbx_entry_details.source_details           ? 
_pdbx_entry_details.has_ligand_of_interest   Y 
# 
_pdbx_validate_close_contact.id               1 
_pdbx_validate_close_contact.PDB_model_num    1 
_pdbx_validate_close_contact.auth_atom_id_1   O 
_pdbx_validate_close_contact.auth_asym_id_1   A 
_pdbx_validate_close_contact.auth_comp_id_1   HOH 
_pdbx_validate_close_contact.auth_seq_id_1    367 
_pdbx_validate_close_contact.PDB_ins_code_1   ? 
_pdbx_validate_close_contact.label_alt_id_1   ? 
_pdbx_validate_close_contact.auth_atom_id_2   O 
_pdbx_validate_close_contact.auth_asym_id_2   A 
_pdbx_validate_close_contact.auth_comp_id_2   HOH 
_pdbx_validate_close_contact.auth_seq_id_2    404 
_pdbx_validate_close_contact.PDB_ins_code_2   ? 
_pdbx_validate_close_contact.label_alt_id_2   ? 
_pdbx_validate_close_contact.dist             2.18 
# 
loop_
_pdbx_validate_torsion.id 
_pdbx_validate_torsion.PDB_model_num 
_pdbx_validate_torsion.auth_comp_id 
_pdbx_validate_torsion.auth_asym_id 
_pdbx_validate_torsion.auth_seq_id 
_pdbx_validate_torsion.PDB_ins_code 
_pdbx_validate_torsion.label_alt_id 
_pdbx_validate_torsion.phi 
_pdbx_validate_torsion.psi 
1 1 ILE A 8  ? ? -121.93 -61.97  
2 1 ALA A 82 ? ? -139.50 -112.64 
3 1 LEU A 91 ? ? -134.99 -52.64  
# 
_pdbx_unobs_or_zero_occ_atoms.id               1 
_pdbx_unobs_or_zero_occ_atoms.PDB_model_num    1 
_pdbx_unobs_or_zero_occ_atoms.polymer_flag     Y 
_pdbx_unobs_or_zero_occ_atoms.occupancy_flag   1 
_pdbx_unobs_or_zero_occ_atoms.auth_asym_id     A 
_pdbx_unobs_or_zero_occ_atoms.auth_comp_id     GLY 
_pdbx_unobs_or_zero_occ_atoms.auth_seq_id      2 
_pdbx_unobs_or_zero_occ_atoms.PDB_ins_code     ? 
_pdbx_unobs_or_zero_occ_atoms.auth_atom_id     N 
_pdbx_unobs_or_zero_occ_atoms.label_alt_id     ? 
_pdbx_unobs_or_zero_occ_atoms.label_asym_id    A 
_pdbx_unobs_or_zero_occ_atoms.label_comp_id    GLY 
_pdbx_unobs_or_zero_occ_atoms.label_seq_id     5 
_pdbx_unobs_or_zero_occ_atoms.label_atom_id    N 
# 
loop_
_pdbx_unobs_or_zero_occ_residues.id 
_pdbx_unobs_or_zero_occ_residues.PDB_model_num 
_pdbx_unobs_or_zero_occ_residues.polymer_flag 
_pdbx_unobs_or_zero_occ_residues.occupancy_flag 
_pdbx_unobs_or_zero_occ_residues.auth_asym_id 
_pdbx_unobs_or_zero_occ_residues.auth_comp_id 
_pdbx_unobs_or_zero_occ_residues.auth_seq_id 
_pdbx_unobs_or_zero_occ_residues.PDB_ins_code 
_pdbx_unobs_or_zero_occ_residues.label_asym_id 
_pdbx_unobs_or_zero_occ_residues.label_comp_id 
_pdbx_unobs_or_zero_occ_residues.label_seq_id 
1 1 Y 1 A GLY -2 ? A GLY 1 
2 1 Y 1 A SER -1 ? A SER 2 
3 1 Y 1 A HIS 0  ? A HIS 3 
4 1 Y 1 A MET 1  ? A MET 4 
# 
loop_
_chem_comp_atom.comp_id 
_chem_comp_atom.atom_id 
_chem_comp_atom.type_symbol 
_chem_comp_atom.pdbx_aromatic_flag 
_chem_comp_atom.pdbx_stereo_config 
_chem_comp_atom.pdbx_ordinal 
ALA N    N N N 1   
ALA CA   C N S 2   
ALA C    C N N 3   
ALA O    O N N 4   
ALA CB   C N N 5   
ALA OXT  O N N 6   
ALA H    H N N 7   
ALA H2   H N N 8   
ALA HA   H N N 9   
ALA HB1  H N N 10  
ALA HB2  H N N 11  
ALA HB3  H N N 12  
ALA HXT  H N N 13  
ARG N    N N N 14  
ARG CA   C N S 15  
ARG C    C N N 16  
ARG O    O N N 17  
ARG CB   C N N 18  
ARG CG   C N N 19  
ARG CD   C N N 20  
ARG NE   N N N 21  
ARG CZ   C N N 22  
ARG NH1  N N N 23  
ARG NH2  N N N 24  
ARG OXT  O N N 25  
ARG H    H N N 26  
ARG H2   H N N 27  
ARG HA   H N N 28  
ARG HB2  H N N 29  
ARG HB3  H N N 30  
ARG HG2  H N N 31  
ARG HG3  H N N 32  
ARG HD2  H N N 33  
ARG HD3  H N N 34  
ARG HE   H N N 35  
ARG HH11 H N N 36  
ARG HH12 H N N 37  
ARG HH21 H N N 38  
ARG HH22 H N N 39  
ARG HXT  H N N 40  
ASN N    N N N 41  
ASN CA   C N S 42  
ASN C    C N N 43  
ASN O    O N N 44  
ASN CB   C N N 45  
ASN CG   C N N 46  
ASN OD1  O N N 47  
ASN ND2  N N N 48  
ASN OXT  O N N 49  
ASN H    H N N 50  
ASN H2   H N N 51  
ASN HA   H N N 52  
ASN HB2  H N N 53  
ASN HB3  H N N 54  
ASN HD21 H N N 55  
ASN HD22 H N N 56  
ASN HXT  H N N 57  
ASP N    N N N 58  
ASP CA   C N S 59  
ASP C    C N N 60  
ASP O    O N N 61  
ASP CB   C N N 62  
ASP CG   C N N 63  
ASP OD1  O N N 64  
ASP OD2  O N N 65  
ASP OXT  O N N 66  
ASP H    H N N 67  
ASP H2   H N N 68  
ASP HA   H N N 69  
ASP HB2  H N N 70  
ASP HB3  H N N 71  
ASP HD2  H N N 72  
ASP HXT  H N N 73  
CYS N    N N N 74  
CYS CA   C N R 75  
CYS C    C N N 76  
CYS O    O N N 77  
CYS CB   C N N 78  
CYS SG   S N N 79  
CYS OXT  O N N 80  
CYS H    H N N 81  
CYS H2   H N N 82  
CYS HA   H N N 83  
CYS HB2  H N N 84  
CYS HB3  H N N 85  
CYS HG   H N N 86  
CYS HXT  H N N 87  
GLN N    N N N 88  
GLN CA   C N S 89  
GLN C    C N N 90  
GLN O    O N N 91  
GLN CB   C N N 92  
GLN CG   C N N 93  
GLN CD   C N N 94  
GLN OE1  O N N 95  
GLN NE2  N N N 96  
GLN OXT  O N N 97  
GLN H    H N N 98  
GLN H2   H N N 99  
GLN HA   H N N 100 
GLN HB2  H N N 101 
GLN HB3  H N N 102 
GLN HG2  H N N 103 
GLN HG3  H N N 104 
GLN HE21 H N N 105 
GLN HE22 H N N 106 
GLN HXT  H N N 107 
GLU N    N N N 108 
GLU CA   C N S 109 
GLU C    C N N 110 
GLU O    O N N 111 
GLU CB   C N N 112 
GLU CG   C N N 113 
GLU CD   C N N 114 
GLU OE1  O N N 115 
GLU OE2  O N N 116 
GLU OXT  O N N 117 
GLU H    H N N 118 
GLU H2   H N N 119 
GLU HA   H N N 120 
GLU HB2  H N N 121 
GLU HB3  H N N 122 
GLU HG2  H N N 123 
GLU HG3  H N N 124 
GLU HE2  H N N 125 
GLU HXT  H N N 126 
GLY N    N N N 127 
GLY CA   C N N 128 
GLY C    C N N 129 
GLY O    O N N 130 
GLY OXT  O N N 131 
GLY H    H N N 132 
GLY H2   H N N 133 
GLY HA2  H N N 134 
GLY HA3  H N N 135 
GLY HXT  H N N 136 
HIS N    N N N 137 
HIS CA   C N S 138 
HIS C    C N N 139 
HIS O    O N N 140 
HIS CB   C N N 141 
HIS CG   C Y N 142 
HIS ND1  N Y N 143 
HIS CD2  C Y N 144 
HIS CE1  C Y N 145 
HIS NE2  N Y N 146 
HIS OXT  O N N 147 
HIS H    H N N 148 
HIS H2   H N N 149 
HIS HA   H N N 150 
HIS HB2  H N N 151 
HIS HB3  H N N 152 
HIS HD1  H N N 153 
HIS HD2  H N N 154 
HIS HE1  H N N 155 
HIS HE2  H N N 156 
HIS HXT  H N N 157 
HOH O    O N N 158 
HOH H1   H N N 159 
HOH H2   H N N 160 
ILE N    N N N 161 
ILE CA   C N S 162 
ILE C    C N N 163 
ILE O    O N N 164 
ILE CB   C N S 165 
ILE CG1  C N N 166 
ILE CG2  C N N 167 
ILE CD1  C N N 168 
ILE OXT  O N N 169 
ILE H    H N N 170 
ILE H2   H N N 171 
ILE HA   H N N 172 
ILE HB   H N N 173 
ILE HG12 H N N 174 
ILE HG13 H N N 175 
ILE HG21 H N N 176 
ILE HG22 H N N 177 
ILE HG23 H N N 178 
ILE HD11 H N N 179 
ILE HD12 H N N 180 
ILE HD13 H N N 181 
ILE HXT  H N N 182 
LEU N    N N N 183 
LEU CA   C N S 184 
LEU C    C N N 185 
LEU O    O N N 186 
LEU CB   C N N 187 
LEU CG   C N N 188 
LEU CD1  C N N 189 
LEU CD2  C N N 190 
LEU OXT  O N N 191 
LEU H    H N N 192 
LEU H2   H N N 193 
LEU HA   H N N 194 
LEU HB2  H N N 195 
LEU HB3  H N N 196 
LEU HG   H N N 197 
LEU HD11 H N N 198 
LEU HD12 H N N 199 
LEU HD13 H N N 200 
LEU HD21 H N N 201 
LEU HD22 H N N 202 
LEU HD23 H N N 203 
LEU HXT  H N N 204 
LYS N    N N N 205 
LYS CA   C N S 206 
LYS C    C N N 207 
LYS O    O N N 208 
LYS CB   C N N 209 
LYS CG   C N N 210 
LYS CD   C N N 211 
LYS CE   C N N 212 
LYS NZ   N N N 213 
LYS OXT  O N N 214 
LYS H    H N N 215 
LYS H2   H N N 216 
LYS HA   H N N 217 
LYS HB2  H N N 218 
LYS HB3  H N N 219 
LYS HG2  H N N 220 
LYS HG3  H N N 221 
LYS HD2  H N N 222 
LYS HD3  H N N 223 
LYS HE2  H N N 224 
LYS HE3  H N N 225 
LYS HZ1  H N N 226 
LYS HZ2  H N N 227 
LYS HZ3  H N N 228 
LYS HXT  H N N 229 
MET N    N N N 230 
MET CA   C N S 231 
MET C    C N N 232 
MET O    O N N 233 
MET CB   C N N 234 
MET CG   C N N 235 
MET SD   S N N 236 
MET CE   C N N 237 
MET OXT  O N N 238 
MET H    H N N 239 
MET H2   H N N 240 
MET HA   H N N 241 
MET HB2  H N N 242 
MET HB3  H N N 243 
MET HG2  H N N 244 
MET HG3  H N N 245 
MET HE1  H N N 246 
MET HE2  H N N 247 
MET HE3  H N N 248 
MET HXT  H N N 249 
PHE N    N N N 250 
PHE CA   C N S 251 
PHE C    C N N 252 
PHE O    O N N 253 
PHE CB   C N N 254 
PHE CG   C Y N 255 
PHE CD1  C Y N 256 
PHE CD2  C Y N 257 
PHE CE1  C Y N 258 
PHE CE2  C Y N 259 
PHE CZ   C Y N 260 
PHE OXT  O N N 261 
PHE H    H N N 262 
PHE H2   H N N 263 
PHE HA   H N N 264 
PHE HB2  H N N 265 
PHE HB3  H N N 266 
PHE HD1  H N N 267 
PHE HD2  H N N 268 
PHE HE1  H N N 269 
PHE HE2  H N N 270 
PHE HZ   H N N 271 
PHE HXT  H N N 272 
PRO N    N N N 273 
PRO CA   C N S 274 
PRO C    C N N 275 
PRO O    O N N 276 
PRO CB   C N N 277 
PRO CG   C N N 278 
PRO CD   C N N 279 
PRO OXT  O N N 280 
PRO H    H N N 281 
PRO HA   H N N 282 
PRO HB2  H N N 283 
PRO HB3  H N N 284 
PRO HG2  H N N 285 
PRO HG3  H N N 286 
PRO HD2  H N N 287 
PRO HD3  H N N 288 
PRO HXT  H N N 289 
R27 C4   C N N 290 
R27 C14  C N N 291 
R27 C5   C N R 292 
R27 C6   C N N 293 
R27 C11  C N S 294 
R27 C7   C N N 295 
R27 C8   C N N 296 
R27 C9   C N S 297 
R27 C10  C N N 298 
R27 C12  C N N 299 
R27 C13  C N N 300 
R27 N1   N N N 301 
R27 N2   N N N 302 
R27 C3   C N N 303 
R27 N3   N N N 304 
R27 C1   C N R 305 
R27 C15  C N N 306 
R27 C16  C N N 307 
R27 C17  C N R 308 
R27 C18  C N S 309 
R27 C19  C N N 310 
R27 C2   C N R 311 
R27 C20  C N N 312 
R27 C21  C N R 313 
R27 C22  C N N 314 
R27 C23  C N N 315 
R27 C24  C N N 316 
R27 C25  C N S 317 
R27 C26  C N N 318 
R27 C27  C N N 319 
R27 C28  C N S 320 
R27 C29  C N N 321 
R27 C30  C N R 322 
R27 C31  C N S 323 
R27 C32  C N N 324 
R27 C33  C N N 325 
R27 C34  C N R 326 
R27 C35  C N N 327 
R27 C36  C N R 328 
R27 C37  C N N 329 
R27 C38  C N N 330 
R27 C39  C N N 331 
R27 C40  C N N 332 
R27 C41  C N N 333 
R27 C42  C N N 334 
R27 C43  C N N 335 
R27 C44  C N N 336 
R27 C45  C N N 337 
R27 C46  C N N 338 
R27 O1   O N N 339 
R27 O10  O N N 340 
R27 O11  O N N 341 
R27 O12  O N N 342 
R27 O2   O N N 343 
R27 O3   O N N 344 
R27 O4   O N N 345 
R27 O5   O N N 346 
R27 O6   O N N 347 
R27 O7   O N N 348 
R27 O8   O N N 349 
R27 O9   O N N 350 
R27 H7   H N N 351 
R27 H8   H N N 352 
R27 H19  H N N 353 
R27 H18  H N N 354 
R27 H9   H N N 355 
R27 H10  H N N 356 
R27 H15  H N N 357 
R27 H13  H N N 358 
R27 H12  H N N 359 
R27 H11  H N N 360 
R27 H14  H N N 361 
R27 H16  H N N 362 
R27 H17  H N N 363 
R27 H6   H N N 364 
R27 H4   H N N 365 
R27 H5   H N N 366 
R27 H63  H N N 367 
R27 H2   H N N 368 
R27 H21  H N N 369 
R27 H20  H N N 370 
R27 H22  H N N 371 
R27 H23  H N N 372 
R27 H24  H N N 373 
R27 H25  H N N 374 
R27 H27  H N N 375 
R27 H28  H N N 376 
R27 H3   H N N 377 
R27 H29  H N N 378 
R27 H30  H N N 379 
R27 H31  H N N 380 
R27 H32  H N N 381 
R27 H33  H N N 382 
R27 H36  H N N 383 
R27 H34  H N N 384 
R27 H35  H N N 385 
R27 H37  H N N 386 
R27 H38  H N N 387 
R27 H39  H N N 388 
R27 H40  H N N 389 
R27 H42  H N N 390 
R27 H41  H N N 391 
R27 H43  H N N 392 
R27 H44  H N N 393 
R27 H45  H N N 394 
R27 H47  H N N 395 
R27 H46  H N N 396 
R27 H48  H N N 397 
R27 H49  H N N 398 
R27 H50  H N N 399 
R27 H52  H N N 400 
R27 H53  H N N 401 
R27 H51  H N N 402 
R27 H57  H N N 403 
R27 H55  H N N 404 
R27 H56  H N N 405 
R27 H59  H N N 406 
R27 H58  H N N 407 
R27 H60  H N N 408 
R27 H62  H N N 409 
R27 H61  H N N 410 
R27 H65  H N N 411 
R27 H64  H N N 412 
R27 H66  H N N 413 
R27 H68  H N N 414 
R27 H69  H N N 415 
R27 H67  H N N 416 
R27 H70  H N N 417 
R27 H71  H N N 418 
R27 H72  H N N 419 
R27 H73  H N N 420 
R27 H1   H N N 421 
R27 H54  H N N 422 
R27 H26  H N N 423 
SER N    N N N 424 
SER CA   C N S 425 
SER C    C N N 426 
SER O    O N N 427 
SER CB   C N N 428 
SER OG   O N N 429 
SER OXT  O N N 430 
SER H    H N N 431 
SER H2   H N N 432 
SER HA   H N N 433 
SER HB2  H N N 434 
SER HB3  H N N 435 
SER HG   H N N 436 
SER HXT  H N N 437 
THR N    N N N 438 
THR CA   C N S 439 
THR C    C N N 440 
THR O    O N N 441 
THR CB   C N R 442 
THR OG1  O N N 443 
THR CG2  C N N 444 
THR OXT  O N N 445 
THR H    H N N 446 
THR H2   H N N 447 
THR HA   H N N 448 
THR HB   H N N 449 
THR HG1  H N N 450 
THR HG21 H N N 451 
THR HG22 H N N 452 
THR HG23 H N N 453 
THR HXT  H N N 454 
TRP N    N N N 455 
TRP CA   C N S 456 
TRP C    C N N 457 
TRP O    O N N 458 
TRP CB   C N N 459 
TRP CG   C Y N 460 
TRP CD1  C Y N 461 
TRP CD2  C Y N 462 
TRP NE1  N Y N 463 
TRP CE2  C Y N 464 
TRP CE3  C Y N 465 
TRP CZ2  C Y N 466 
TRP CZ3  C Y N 467 
TRP CH2  C Y N 468 
TRP OXT  O N N 469 
TRP H    H N N 470 
TRP H2   H N N 471 
TRP HA   H N N 472 
TRP HB2  H N N 473 
TRP HB3  H N N 474 
TRP HD1  H N N 475 
TRP HE1  H N N 476 
TRP HE3  H N N 477 
TRP HZ2  H N N 478 
TRP HZ3  H N N 479 
TRP HH2  H N N 480 
TRP HXT  H N N 481 
TYR N    N N N 482 
TYR CA   C N S 483 
TYR C    C N N 484 
TYR O    O N N 485 
TYR CB   C N N 486 
TYR CG   C Y N 487 
TYR CD1  C Y N 488 
TYR CD2  C Y N 489 
TYR CE1  C Y N 490 
TYR CE2  C Y N 491 
TYR CZ   C Y N 492 
TYR OH   O N N 493 
TYR OXT  O N N 494 
TYR H    H N N 495 
TYR H2   H N N 496 
TYR HA   H N N 497 
TYR HB2  H N N 498 
TYR HB3  H N N 499 
TYR HD1  H N N 500 
TYR HD2  H N N 501 
TYR HE1  H N N 502 
TYR HE2  H N N 503 
TYR HH   H N N 504 
TYR HXT  H N N 505 
VAL N    N N N 506 
VAL CA   C N S 507 
VAL C    C N N 508 
VAL O    O N N 509 
VAL CB   C N N 510 
VAL CG1  C N N 511 
VAL CG2  C N N 512 
VAL OXT  O N N 513 
VAL H    H N N 514 
VAL H2   H N N 515 
VAL HA   H N N 516 
VAL HB   H N N 517 
VAL HG11 H N N 518 
VAL HG12 H N N 519 
VAL HG13 H N N 520 
VAL HG21 H N N 521 
VAL HG22 H N N 522 
VAL HG23 H N N 523 
VAL HXT  H N N 524 
# 
loop_
_chem_comp_bond.comp_id 
_chem_comp_bond.atom_id_1 
_chem_comp_bond.atom_id_2 
_chem_comp_bond.value_order 
_chem_comp_bond.pdbx_aromatic_flag 
_chem_comp_bond.pdbx_stereo_config 
_chem_comp_bond.pdbx_ordinal 
ALA N   CA   sing N N 1   
ALA N   H    sing N N 2   
ALA N   H2   sing N N 3   
ALA CA  C    sing N N 4   
ALA CA  CB   sing N N 5   
ALA CA  HA   sing N N 6   
ALA C   O    doub N N 7   
ALA C   OXT  sing N N 8   
ALA CB  HB1  sing N N 9   
ALA CB  HB2  sing N N 10  
ALA CB  HB3  sing N N 11  
ALA OXT HXT  sing N N 12  
ARG N   CA   sing N N 13  
ARG N   H    sing N N 14  
ARG N   H2   sing N N 15  
ARG CA  C    sing N N 16  
ARG CA  CB   sing N N 17  
ARG CA  HA   sing N N 18  
ARG C   O    doub N N 19  
ARG C   OXT  sing N N 20  
ARG CB  CG   sing N N 21  
ARG CB  HB2  sing N N 22  
ARG CB  HB3  sing N N 23  
ARG CG  CD   sing N N 24  
ARG CG  HG2  sing N N 25  
ARG CG  HG3  sing N N 26  
ARG CD  NE   sing N N 27  
ARG CD  HD2  sing N N 28  
ARG CD  HD3  sing N N 29  
ARG NE  CZ   sing N N 30  
ARG NE  HE   sing N N 31  
ARG CZ  NH1  sing N N 32  
ARG CZ  NH2  doub N N 33  
ARG NH1 HH11 sing N N 34  
ARG NH1 HH12 sing N N 35  
ARG NH2 HH21 sing N N 36  
ARG NH2 HH22 sing N N 37  
ARG OXT HXT  sing N N 38  
ASN N   CA   sing N N 39  
ASN N   H    sing N N 40  
ASN N   H2   sing N N 41  
ASN CA  C    sing N N 42  
ASN CA  CB   sing N N 43  
ASN CA  HA   sing N N 44  
ASN C   O    doub N N 45  
ASN C   OXT  sing N N 46  
ASN CB  CG   sing N N 47  
ASN CB  HB2  sing N N 48  
ASN CB  HB3  sing N N 49  
ASN CG  OD1  doub N N 50  
ASN CG  ND2  sing N N 51  
ASN ND2 HD21 sing N N 52  
ASN ND2 HD22 sing N N 53  
ASN OXT HXT  sing N N 54  
ASP N   CA   sing N N 55  
ASP N   H    sing N N 56  
ASP N   H2   sing N N 57  
ASP CA  C    sing N N 58  
ASP CA  CB   sing N N 59  
ASP CA  HA   sing N N 60  
ASP C   O    doub N N 61  
ASP C   OXT  sing N N 62  
ASP CB  CG   sing N N 63  
ASP CB  HB2  sing N N 64  
ASP CB  HB3  sing N N 65  
ASP CG  OD1  doub N N 66  
ASP CG  OD2  sing N N 67  
ASP OD2 HD2  sing N N 68  
ASP OXT HXT  sing N N 69  
CYS N   CA   sing N N 70  
CYS N   H    sing N N 71  
CYS N   H2   sing N N 72  
CYS CA  C    sing N N 73  
CYS CA  CB   sing N N 74  
CYS CA  HA   sing N N 75  
CYS C   O    doub N N 76  
CYS C   OXT  sing N N 77  
CYS CB  SG   sing N N 78  
CYS CB  HB2  sing N N 79  
CYS CB  HB3  sing N N 80  
CYS SG  HG   sing N N 81  
CYS OXT HXT  sing N N 82  
GLN N   CA   sing N N 83  
GLN N   H    sing N N 84  
GLN N   H2   sing N N 85  
GLN CA  C    sing N N 86  
GLN CA  CB   sing N N 87  
GLN CA  HA   sing N N 88  
GLN C   O    doub N N 89  
GLN C   OXT  sing N N 90  
GLN CB  CG   sing N N 91  
GLN CB  HB2  sing N N 92  
GLN CB  HB3  sing N N 93  
GLN CG  CD   sing N N 94  
GLN CG  HG2  sing N N 95  
GLN CG  HG3  sing N N 96  
GLN CD  OE1  doub N N 97  
GLN CD  NE2  sing N N 98  
GLN NE2 HE21 sing N N 99  
GLN NE2 HE22 sing N N 100 
GLN OXT HXT  sing N N 101 
GLU N   CA   sing N N 102 
GLU N   H    sing N N 103 
GLU N   H2   sing N N 104 
GLU CA  C    sing N N 105 
GLU CA  CB   sing N N 106 
GLU CA  HA   sing N N 107 
GLU C   O    doub N N 108 
GLU C   OXT  sing N N 109 
GLU CB  CG   sing N N 110 
GLU CB  HB2  sing N N 111 
GLU CB  HB3  sing N N 112 
GLU CG  CD   sing N N 113 
GLU CG  HG2  sing N N 114 
GLU CG  HG3  sing N N 115 
GLU CD  OE1  doub N N 116 
GLU CD  OE2  sing N N 117 
GLU OE2 HE2  sing N N 118 
GLU OXT HXT  sing N N 119 
GLY N   CA   sing N N 120 
GLY N   H    sing N N 121 
GLY N   H2   sing N N 122 
GLY CA  C    sing N N 123 
GLY CA  HA2  sing N N 124 
GLY CA  HA3  sing N N 125 
GLY C   O    doub N N 126 
GLY C   OXT  sing N N 127 
GLY OXT HXT  sing N N 128 
HIS N   CA   sing N N 129 
HIS N   H    sing N N 130 
HIS N   H2   sing N N 131 
HIS CA  C    sing N N 132 
HIS CA  CB   sing N N 133 
HIS CA  HA   sing N N 134 
HIS C   O    doub N N 135 
HIS C   OXT  sing N N 136 
HIS CB  CG   sing N N 137 
HIS CB  HB2  sing N N 138 
HIS CB  HB3  sing N N 139 
HIS CG  ND1  sing Y N 140 
HIS CG  CD2  doub Y N 141 
HIS ND1 CE1  doub Y N 142 
HIS ND1 HD1  sing N N 143 
HIS CD2 NE2  sing Y N 144 
HIS CD2 HD2  sing N N 145 
HIS CE1 NE2  sing Y N 146 
HIS CE1 HE1  sing N N 147 
HIS NE2 HE2  sing N N 148 
HIS OXT HXT  sing N N 149 
HOH O   H1   sing N N 150 
HOH O   H2   sing N N 151 
ILE N   CA   sing N N 152 
ILE N   H    sing N N 153 
ILE N   H2   sing N N 154 
ILE CA  C    sing N N 155 
ILE CA  CB   sing N N 156 
ILE CA  HA   sing N N 157 
ILE C   O    doub N N 158 
ILE C   OXT  sing N N 159 
ILE CB  CG1  sing N N 160 
ILE CB  CG2  sing N N 161 
ILE CB  HB   sing N N 162 
ILE CG1 CD1  sing N N 163 
ILE CG1 HG12 sing N N 164 
ILE CG1 HG13 sing N N 165 
ILE CG2 HG21 sing N N 166 
ILE CG2 HG22 sing N N 167 
ILE CG2 HG23 sing N N 168 
ILE CD1 HD11 sing N N 169 
ILE CD1 HD12 sing N N 170 
ILE CD1 HD13 sing N N 171 
ILE OXT HXT  sing N N 172 
LEU N   CA   sing N N 173 
LEU N   H    sing N N 174 
LEU N   H2   sing N N 175 
LEU CA  C    sing N N 176 
LEU CA  CB   sing N N 177 
LEU CA  HA   sing N N 178 
LEU C   O    doub N N 179 
LEU C   OXT  sing N N 180 
LEU CB  CG   sing N N 181 
LEU CB  HB2  sing N N 182 
LEU CB  HB3  sing N N 183 
LEU CG  CD1  sing N N 184 
LEU CG  CD2  sing N N 185 
LEU CG  HG   sing N N 186 
LEU CD1 HD11 sing N N 187 
LEU CD1 HD12 sing N N 188 
LEU CD1 HD13 sing N N 189 
LEU CD2 HD21 sing N N 190 
LEU CD2 HD22 sing N N 191 
LEU CD2 HD23 sing N N 192 
LEU OXT HXT  sing N N 193 
LYS N   CA   sing N N 194 
LYS N   H    sing N N 195 
LYS N   H2   sing N N 196 
LYS CA  C    sing N N 197 
LYS CA  CB   sing N N 198 
LYS CA  HA   sing N N 199 
LYS C   O    doub N N 200 
LYS C   OXT  sing N N 201 
LYS CB  CG   sing N N 202 
LYS CB  HB2  sing N N 203 
LYS CB  HB3  sing N N 204 
LYS CG  CD   sing N N 205 
LYS CG  HG2  sing N N 206 
LYS CG  HG3  sing N N 207 
LYS CD  CE   sing N N 208 
LYS CD  HD2  sing N N 209 
LYS CD  HD3  sing N N 210 
LYS CE  NZ   sing N N 211 
LYS CE  HE2  sing N N 212 
LYS CE  HE3  sing N N 213 
LYS NZ  HZ1  sing N N 214 
LYS NZ  HZ2  sing N N 215 
LYS NZ  HZ3  sing N N 216 
LYS OXT HXT  sing N N 217 
MET N   CA   sing N N 218 
MET N   H    sing N N 219 
MET N   H2   sing N N 220 
MET CA  C    sing N N 221 
MET CA  CB   sing N N 222 
MET CA  HA   sing N N 223 
MET C   O    doub N N 224 
MET C   OXT  sing N N 225 
MET CB  CG   sing N N 226 
MET CB  HB2  sing N N 227 
MET CB  HB3  sing N N 228 
MET CG  SD   sing N N 229 
MET CG  HG2  sing N N 230 
MET CG  HG3  sing N N 231 
MET SD  CE   sing N N 232 
MET CE  HE1  sing N N 233 
MET CE  HE2  sing N N 234 
MET CE  HE3  sing N N 235 
MET OXT HXT  sing N N 236 
PHE N   CA   sing N N 237 
PHE N   H    sing N N 238 
PHE N   H2   sing N N 239 
PHE CA  C    sing N N 240 
PHE CA  CB   sing N N 241 
PHE CA  HA   sing N N 242 
PHE C   O    doub N N 243 
PHE C   OXT  sing N N 244 
PHE CB  CG   sing N N 245 
PHE CB  HB2  sing N N 246 
PHE CB  HB3  sing N N 247 
PHE CG  CD1  doub Y N 248 
PHE CG  CD2  sing Y N 249 
PHE CD1 CE1  sing Y N 250 
PHE CD1 HD1  sing N N 251 
PHE CD2 CE2  doub Y N 252 
PHE CD2 HD2  sing N N 253 
PHE CE1 CZ   doub Y N 254 
PHE CE1 HE1  sing N N 255 
PHE CE2 CZ   sing Y N 256 
PHE CE2 HE2  sing N N 257 
PHE CZ  HZ   sing N N 258 
PHE OXT HXT  sing N N 259 
PRO N   CA   sing N N 260 
PRO N   CD   sing N N 261 
PRO N   H    sing N N 262 
PRO CA  C    sing N N 263 
PRO CA  CB   sing N N 264 
PRO CA  HA   sing N N 265 
PRO C   O    doub N N 266 
PRO C   OXT  sing N N 267 
PRO CB  CG   sing N N 268 
PRO CB  HB2  sing N N 269 
PRO CB  HB3  sing N N 270 
PRO CG  CD   sing N N 271 
PRO CG  HG2  sing N N 272 
PRO CG  HG3  sing N N 273 
PRO CD  HD2  sing N N 274 
PRO CD  HD3  sing N N 275 
PRO OXT HXT  sing N N 276 
R27 O1  C1   sing N N 277 
R27 O2  C3   sing N N 278 
R27 O2  C2   sing N N 279 
R27 C1  C2   sing N N 280 
R27 C1  C46  sing N N 281 
R27 C2  C4   sing N N 282 
R27 C46 C45  sing N N 283 
R27 C4  C5   sing N N 284 
R27 C45 C5   sing N N 285 
R27 C5  C6   sing N N 286 
R27 C6  C7   doub N E 287 
R27 C43 C42  sing N N 288 
R27 O6  C18  sing N N 289 
R27 C7  C8   sing N N 290 
R27 C7  C9   sing N N 291 
R27 O5  C10  doub N N 292 
R27 C18 C19  sing N N 293 
R27 C18 C17  sing N N 294 
R27 C42 O12  doub N N 295 
R27 C42 N3   sing N N 296 
R27 C9  C17  sing N N 297 
R27 C9  O3   sing N N 298 
R27 C10 O3   sing N N 299 
R27 C10 C11  sing N N 300 
R27 C19 C20  sing N N 301 
R27 N2  N3   sing N N 302 
R27 N2  C20  doub N Z 303 
R27 C41 C40  doub N N 304 
R27 C40 C39  sing N N 305 
R27 C17 C44  sing N N 306 
R27 C20 C21  sing N N 307 
R27 C11 C16  sing N N 308 
R27 C11 N1   sing N N 309 
R27 C16 C15  sing N N 310 
R27 O4  C12  doub N N 311 
R27 C39 C21  sing N N 312 
R27 C21 C22  sing N N 313 
R27 N1  C12  sing N N 314 
R27 N1  C13  sing N N 315 
R27 C15 C14  sing N N 316 
R27 C35 C34  sing N N 317 
R27 C32 O8   sing N N 318 
R27 C12 C37  sing N N 319 
R27 C34 C33  sing N N 320 
R27 C34 C36  sing N N 321 
R27 C33 C31  sing N N 322 
R27 C22 C23  doub N E 323 
R27 C31 O8   sing N N 324 
R27 C31 C30  sing N N 325 
R27 C13 C14  sing N N 326 
R27 C38 C23  sing N N 327 
R27 C37 C36  sing N N 328 
R27 C37 O11  doub N N 329 
R27 C23 C24  sing N N 330 
R27 C36 O9   sing N N 331 
R27 C36 O10  sing N N 332 
R27 C27 C25  sing N N 333 
R27 C27 C28  sing N N 334 
R27 O9  C30  sing N N 335 
R27 C30 C28  sing N N 336 
R27 C25 C24  sing N N 337 
R27 C25 C26  sing N N 338 
R27 C28 O7   sing N N 339 
R27 O7  C29  sing N N 340 
R27 C4  H7   sing N N 341 
R27 C4  H8   sing N N 342 
R27 C14 H19  sing N N 343 
R27 C14 H18  sing N N 344 
R27 C5  H9   sing N N 345 
R27 C6  H10  sing N N 346 
R27 C11 H15  sing N N 347 
R27 C8  H13  sing N N 348 
R27 C8  H12  sing N N 349 
R27 C8  H11  sing N N 350 
R27 C9  H14  sing N N 351 
R27 C13 H16  sing N N 352 
R27 C13 H17  sing N N 353 
R27 C3  H6   sing N N 354 
R27 C3  H4   sing N N 355 
R27 C3  H5   sing N N 356 
R27 N3  H63  sing N N 357 
R27 C1  H2   sing N N 358 
R27 C15 H21  sing N N 359 
R27 C15 H20  sing N N 360 
R27 C16 H22  sing N N 361 
R27 C16 H23  sing N N 362 
R27 C17 H24  sing N N 363 
R27 C18 H25  sing N N 364 
R27 C19 H27  sing N N 365 
R27 C19 H28  sing N N 366 
R27 C2  H3   sing N N 367 
R27 C21 H29  sing N N 368 
R27 C22 H30  sing N N 369 
R27 C24 H31  sing N N 370 
R27 C24 H32  sing N N 371 
R27 C25 H33  sing N N 372 
R27 C26 H36  sing N N 373 
R27 C26 H34  sing N N 374 
R27 C26 H35  sing N N 375 
R27 C27 H37  sing N N 376 
R27 C27 H38  sing N N 377 
R27 C28 H39  sing N N 378 
R27 C29 H40  sing N N 379 
R27 C29 H42  sing N N 380 
R27 C29 H41  sing N N 381 
R27 C30 H43  sing N N 382 
R27 C31 H44  sing N N 383 
R27 C32 H45  sing N N 384 
R27 C32 H47  sing N N 385 
R27 C32 H46  sing N N 386 
R27 C33 H48  sing N N 387 
R27 C33 H49  sing N N 388 
R27 C34 H50  sing N N 389 
R27 C35 H52  sing N N 390 
R27 C35 H53  sing N N 391 
R27 C35 H51  sing N N 392 
R27 C38 H57  sing N N 393 
R27 C38 H55  sing N N 394 
R27 C38 H56  sing N N 395 
R27 C39 H59  sing N N 396 
R27 C39 H58  sing N N 397 
R27 C40 H60  sing N N 398 
R27 C41 H62  sing N N 399 
R27 C41 H61  sing N N 400 
R27 C43 H65  sing N N 401 
R27 C43 H64  sing N N 402 
R27 C43 H66  sing N N 403 
R27 C44 H68  sing N N 404 
R27 C44 H69  sing N N 405 
R27 C44 H67  sing N N 406 
R27 C45 H70  sing N N 407 
R27 C45 H71  sing N N 408 
R27 C46 H72  sing N N 409 
R27 C46 H73  sing N N 410 
R27 O1  H1   sing N N 411 
R27 O10 H54  sing N N 412 
R27 O6  H26  sing N N 413 
SER N   CA   sing N N 414 
SER N   H    sing N N 415 
SER N   H2   sing N N 416 
SER CA  C    sing N N 417 
SER CA  CB   sing N N 418 
SER CA  HA   sing N N 419 
SER C   O    doub N N 420 
SER C   OXT  sing N N 421 
SER CB  OG   sing N N 422 
SER CB  HB2  sing N N 423 
SER CB  HB3  sing N N 424 
SER OG  HG   sing N N 425 
SER OXT HXT  sing N N 426 
THR N   CA   sing N N 427 
THR N   H    sing N N 428 
THR N   H2   sing N N 429 
THR CA  C    sing N N 430 
THR CA  CB   sing N N 431 
THR CA  HA   sing N N 432 
THR C   O    doub N N 433 
THR C   OXT  sing N N 434 
THR CB  OG1  sing N N 435 
THR CB  CG2  sing N N 436 
THR CB  HB   sing N N 437 
THR OG1 HG1  sing N N 438 
THR CG2 HG21 sing N N 439 
THR CG2 HG22 sing N N 440 
THR CG2 HG23 sing N N 441 
THR OXT HXT  sing N N 442 
TRP N   CA   sing N N 443 
TRP N   H    sing N N 444 
TRP N   H2   sing N N 445 
TRP CA  C    sing N N 446 
TRP CA  CB   sing N N 447 
TRP CA  HA   sing N N 448 
TRP C   O    doub N N 449 
TRP C   OXT  sing N N 450 
TRP CB  CG   sing N N 451 
TRP CB  HB2  sing N N 452 
TRP CB  HB3  sing N N 453 
TRP CG  CD1  doub Y N 454 
TRP CG  CD2  sing Y N 455 
TRP CD1 NE1  sing Y N 456 
TRP CD1 HD1  sing N N 457 
TRP CD2 CE2  doub Y N 458 
TRP CD2 CE3  sing Y N 459 
TRP NE1 CE2  sing Y N 460 
TRP NE1 HE1  sing N N 461 
TRP CE2 CZ2  sing Y N 462 
TRP CE3 CZ3  doub Y N 463 
TRP CE3 HE3  sing N N 464 
TRP CZ2 CH2  doub Y N 465 
TRP CZ2 HZ2  sing N N 466 
TRP CZ3 CH2  sing Y N 467 
TRP CZ3 HZ3  sing N N 468 
TRP CH2 HH2  sing N N 469 
TRP OXT HXT  sing N N 470 
TYR N   CA   sing N N 471 
TYR N   H    sing N N 472 
TYR N   H2   sing N N 473 
TYR CA  C    sing N N 474 
TYR CA  CB   sing N N 475 
TYR CA  HA   sing N N 476 
TYR C   O    doub N N 477 
TYR C   OXT  sing N N 478 
TYR CB  CG   sing N N 479 
TYR CB  HB2  sing N N 480 
TYR CB  HB3  sing N N 481 
TYR CG  CD1  doub Y N 482 
TYR CG  CD2  sing Y N 483 
TYR CD1 CE1  sing Y N 484 
TYR CD1 HD1  sing N N 485 
TYR CD2 CE2  doub Y N 486 
TYR CD2 HD2  sing N N 487 
TYR CE1 CZ   doub Y N 488 
TYR CE1 HE1  sing N N 489 
TYR CE2 CZ   sing Y N 490 
TYR CE2 HE2  sing N N 491 
TYR CZ  OH   sing N N 492 
TYR OH  HH   sing N N 493 
TYR OXT HXT  sing N N 494 
VAL N   CA   sing N N 495 
VAL N   H    sing N N 496 
VAL N   H2   sing N N 497 
VAL CA  C    sing N N 498 
VAL CA  CB   sing N N 499 
VAL CA  HA   sing N N 500 
VAL C   O    doub N N 501 
VAL C   OXT  sing N N 502 
VAL CB  CG1  sing N N 503 
VAL CB  CG2  sing N N 504 
VAL CB  HB   sing N N 505 
VAL CG1 HG11 sing N N 506 
VAL CG1 HG12 sing N N 507 
VAL CG1 HG13 sing N N 508 
VAL CG2 HG21 sing N N 509 
VAL CG2 HG22 sing N N 510 
VAL CG2 HG23 sing N N 511 
VAL OXT HXT  sing N N 512 
# 
loop_
_pdbx_audit_support.funding_organization 
_pdbx_audit_support.country 
_pdbx_audit_support.grant_number 
_pdbx_audit_support.ordinal 
'National Institutes of Health/National Institute Of Allergy and Infectious Diseases (NIH/NIAID)' 'United States' RO1-AI112595-04 
1 
'National Institutes of Health/National Institute Of Allergy and Infectious Diseases (NIH/NIAID)' 'United States' PO1-AI104533-04 
2 
# 
_pdbx_entity_instance_feature.ordinal        1 
_pdbx_entity_instance_feature.comp_id        R27 
_pdbx_entity_instance_feature.asym_id        ? 
_pdbx_entity_instance_feature.seq_num        ? 
_pdbx_entity_instance_feature.auth_comp_id   R27 
_pdbx_entity_instance_feature.auth_asym_id   ? 
_pdbx_entity_instance_feature.auth_seq_num   ? 
_pdbx_entity_instance_feature.feature_type   'SUBJECT OF INVESTIGATION' 
_pdbx_entity_instance_feature.details        ? 
# 
loop_
_pdbx_entity_nonpoly.entity_id 
_pdbx_entity_nonpoly.name 
_pdbx_entity_nonpoly.comp_id 
2 
;N'-[(3S,4R,5S,8R,9E,12S,14S,15R,16S,18R,19R,26aS)-5,19-dihydroxy-3-{(1E)-1-[(1R,3R,4R)-4-hydroxy-3-methoxycyclohexyl]prop-1-en-2-yl}-14,16-dimethoxy-4,10,12,18-tetramethyl-1,20,21-trioxo-8-(prop-2-en-1-yl)-1,3,4,5,6,8,11,12,13,14,15,16,17,18,19,20,21,23,24,25,26,26a-docosahydro-7H-15,19-epoxypyrido[2,1-c][1,4]oxazacyclotricosin-7-ylidene]acetohydrazide
;
R27 
3 water HOH 
# 
_pdbx_initial_refinement_model.id               1 
_pdbx_initial_refinement_model.entity_id_list   ? 
_pdbx_initial_refinement_model.type             'experimental model' 
_pdbx_initial_refinement_model.source_name      PDB 
_pdbx_initial_refinement_model.accession_code   5HUA 
_pdbx_initial_refinement_model.details          ? 
# 
loop_
_pdbx_struct_assembly_auth_evidence.id 
_pdbx_struct_assembly_auth_evidence.assembly_id 
_pdbx_struct_assembly_auth_evidence.experimental_support 
_pdbx_struct_assembly_auth_evidence.details 
1 1 'isothermal titration calorimetry' 'A stoichiometry of 1 was obtained for this ligand' 
2 1 'gel filtration'                   'The protein elutes as a monomer'                   
# 
_space_group.name_H-M_alt     'C 2 2 21' 
_space_group.name_Hall        'C 2c 2' 
_space_group.IT_number        20 
_space_group.crystal_system   orthorhombic 
_space_group.id               1 
# 
